data_6BL3
#
_entry.id   6BL3
#
_cell.length_a   215.474
_cell.length_b   121.776
_cell.length_c   134.800
_cell.angle_alpha   90.00
_cell.angle_beta   123.48
_cell.angle_gamma   90.00
#
_symmetry.space_group_name_H-M   'C 1 2 1'
#
loop_
_entity.id
_entity.type
_entity.pdbx_description
1 polymer 'Prostaglandin G/H synthase 2'
2 branched 2-acetamido-2-deoxy-beta-D-glucopyranose-(1-4)-2-acetamido-2-deoxy-beta-D-glucopyranose
3 non-polymer 2-acetamido-2-deoxy-beta-D-glucopyranose
4 non-polymer 'PROTOPORPHYRIN IX CONTAINING FE'
5 non-polymer 2-[1-(4-chlorobenzene-1-carbonyl)-5-methoxy-2-methyl-1H-indol-3-yl]-N-[4-({[5-(dimethylamino)naphthalen-1-yl]sulfonyl}amino)butyl]acetamide
6 non-polymer 'octyl beta-D-glucopyranoside'
7 water water
#
_entity_poly.entity_id   1
_entity_poly.type   'polypeptide(L)'
_entity_poly.pdbx_seq_one_letter_code
;ANPCCSNPCQNRGECMSTGFDQYKCDCTRTGFYGENCTTPEFLTRIKLLLKPTPNTVHYILTHFKGVWNIVNNIPFLRSL
IMKYVLTSRSYLIDSPPTYNVHYGYKSWEAFSNLSYYTRALPPVADDCPTPMGVKGNKELPDSKEVLEKVLLRREFIPDP
QGSNMMFAFFAQHFTHQFFKTDHKRGPGFTRGLGHGVDLNHIYGETLDRQHKLRLFKDGKLKYQVIGGEVYPPTVKDTQV
EMIYPPHIPENLQFAVGQEVFGLVPGLMMYATIWLREHNRVCDILKQEHPEWGDEQLFQTSRLILIGETIKIVIEDYVQH
LSGYHFKLKFDPELLFNQQFQYQNRIASEFNTLYHWHPLLPDTFNIEDQEYSFKQFLYNNSILLEHGLTQFVESFTRQIA
GRVAGGRNVPIAVQAVAKASIDQSREMKYQSLNEYRKRFSLKPYTSFEELTGEKEMAAELKALYSDIDVMELYPALLVEK
PRPDAIFGETMVELGAPFSLKGLMGNPICSPQYWKPSTFGGEVGFKIINTASIQSLICNNVKGCPFTSFNVQDPQPTKTA
TINASASHSRLDDINPTVLIKRRSTEL
;
_entity_poly.pdbx_strand_id   A,B,C,D
#
loop_
_chem_comp.id
_chem_comp.type
_chem_comp.name
_chem_comp.formula
BOG D-saccharide 'octyl beta-D-glucopyranoside' 'C14 H28 O6'
HEM non-polymer 'PROTOPORPHYRIN IX CONTAINING FE' 'C34 H32 Fe N4 O4'
L7M non-polymer 2-[1-(4-chlorobenzene-1-carbonyl)-5-methoxy-2-methyl-1H-indol-3-yl]-N-[4-({[5-(dimethylamino)naphthalen-1-yl]sulfonyl}amino)butyl]acetamide 'C35 H37 Cl N4 O5 S'
NAG D-saccharide, beta linking 2-acetamido-2-deoxy-beta-D-glucopyranose 'C8 H15 N O6'
#
# COMPACT_ATOMS: atom_id res chain seq x y z
N ALA A 1 11.39 -32.72 18.51
CA ALA A 1 12.48 -33.12 19.39
C ALA A 1 12.06 -33.00 20.85
N ASN A 2 12.07 -31.78 21.38
CA ASN A 2 11.55 -31.52 22.71
C ASN A 2 10.11 -32.01 22.81
N PRO A 3 9.81 -32.94 23.72
CA PRO A 3 8.43 -33.45 23.82
C PRO A 3 7.43 -32.43 24.34
N CYS A 4 7.87 -31.26 24.81
CA CYS A 4 6.96 -30.19 25.20
C CYS A 4 6.69 -29.21 24.06
N CYS A 5 7.20 -29.48 22.85
CA CYS A 5 7.09 -28.54 21.74
C CYS A 5 5.66 -28.22 21.34
N SER A 6 4.71 -29.10 21.63
CA SER A 6 3.33 -28.90 21.19
C SER A 6 2.48 -28.14 22.21
N ASN A 7 3.10 -27.63 23.27
CA ASN A 7 2.40 -26.93 24.34
C ASN A 7 1.26 -27.77 24.91
N PRO A 8 1.53 -29.01 25.33
CA PRO A 8 0.42 -29.92 25.66
C PRO A 8 -0.33 -29.55 26.93
N CYS A 9 0.33 -28.91 27.90
CA CYS A 9 -0.31 -28.63 29.18
C CYS A 9 -1.23 -27.41 29.05
N GLN A 10 -2.47 -27.55 29.51
CA GLN A 10 -3.45 -26.47 29.45
C GLN A 10 -3.64 -25.85 30.82
N ASN A 11 -4.29 -24.67 30.82
CA ASN A 11 -4.80 -24.03 32.04
C ASN A 11 -3.68 -23.64 33.01
N ARG A 12 -2.53 -23.27 32.45
CA ARG A 12 -1.37 -22.70 33.15
C ARG A 12 -0.56 -23.74 33.92
N GLY A 13 -0.77 -25.03 33.65
CA GLY A 13 0.15 -26.04 34.14
C GLY A 13 1.45 -26.01 33.35
N GLU A 14 2.50 -26.55 33.96
CA GLU A 14 3.85 -26.46 33.41
C GLU A 14 4.28 -27.80 32.82
N CYS A 15 4.90 -27.72 31.63
CA CYS A 15 5.39 -28.91 30.94
C CYS A 15 6.85 -29.15 31.26
N MET A 16 7.18 -30.40 31.54
CA MET A 16 8.55 -30.83 31.81
C MET A 16 8.79 -32.13 31.08
N SER A 17 9.92 -32.22 30.37
CA SER A 17 10.28 -33.47 29.71
C SER A 17 10.70 -34.51 30.75
N THR A 18 10.22 -35.73 30.57
CA THR A 18 10.59 -36.85 31.43
C THR A 18 11.36 -37.91 30.66
N GLY A 19 11.96 -37.51 29.55
CA GLY A 19 12.61 -38.43 28.64
C GLY A 19 12.76 -37.76 27.30
N PHE A 20 13.30 -38.51 26.35
CA PHE A 20 13.50 -37.94 25.02
C PHE A 20 12.18 -37.71 24.29
N ASP A 21 11.16 -38.53 24.55
CA ASP A 21 9.92 -38.47 23.80
C ASP A 21 8.70 -38.54 24.72
N GLN A 22 8.83 -38.12 25.97
CA GLN A 22 7.72 -38.13 26.92
C GLN A 22 7.72 -36.87 27.77
N TYR A 23 6.53 -36.52 28.28
CA TYR A 23 6.38 -35.30 29.06
C TYR A 23 5.49 -35.56 30.26
N LYS A 24 5.51 -34.61 31.20
CA LYS A 24 4.64 -34.59 32.36
C LYS A 24 4.15 -33.17 32.58
N CYS A 25 2.88 -33.03 32.95
CA CYS A 25 2.31 -31.72 33.25
C CYS A 25 2.21 -31.57 34.77
N ASP A 26 2.65 -30.41 35.27
CA ASP A 26 2.53 -30.07 36.68
C ASP A 26 1.27 -29.21 36.81
N CYS A 27 0.20 -29.79 37.33
CA CYS A 27 -1.09 -29.13 37.43
C CYS A 27 -1.29 -28.44 38.78
N THR A 28 -0.22 -28.31 39.56
CA THR A 28 -0.28 -27.71 40.90
C THR A 28 -1.02 -26.38 40.88
N ARG A 29 -2.10 -26.32 41.67
CA ARG A 29 -2.85 -25.09 41.93
C ARG A 29 -3.47 -24.47 40.68
N THR A 30 -3.59 -25.23 39.59
CA THR A 30 -4.28 -24.72 38.41
C THR A 30 -5.79 -24.85 38.53
N GLY A 31 -6.28 -25.69 39.43
CA GLY A 31 -7.69 -26.02 39.47
C GLY A 31 -8.08 -27.14 38.55
N PHE A 32 -7.12 -27.78 37.89
CA PHE A 32 -7.37 -28.85 36.95
C PHE A 32 -6.44 -30.01 37.26
N TYR A 33 -6.81 -31.21 36.78
CA TYR A 33 -5.96 -32.38 36.89
C TYR A 33 -6.06 -33.15 35.59
N GLY A 34 -5.31 -34.25 35.49
CA GLY A 34 -5.25 -35.03 34.27
C GLY A 34 -3.93 -34.83 33.55
N GLU A 35 -3.76 -35.65 32.50
CA GLU A 35 -2.48 -35.71 31.79
C GLU A 35 -2.01 -34.34 31.30
N ASN A 36 -2.94 -33.52 30.79
CA ASN A 36 -2.58 -32.18 30.35
C ASN A 36 -3.34 -31.11 31.14
N CYS A 37 -3.81 -31.44 32.35
CA CYS A 37 -4.50 -30.48 33.23
C CYS A 37 -5.77 -29.93 32.57
N THR A 38 -6.58 -30.83 31.99
CA THR A 38 -7.83 -30.43 31.34
C THR A 38 -9.07 -30.88 32.08
N THR A 39 -8.95 -31.72 33.10
CA THR A 39 -10.11 -32.19 33.86
C THR A 39 -10.35 -31.25 35.03
N PRO A 40 -11.44 -30.48 35.03
CA PRO A 40 -11.64 -29.47 36.08
C PRO A 40 -12.10 -30.07 37.39
N GLU A 41 -11.56 -29.54 38.49
CA GLU A 41 -12.10 -29.84 39.80
C GLU A 41 -13.54 -29.33 39.90
N PHE A 42 -14.25 -29.81 40.92
CA PHE A 42 -15.66 -29.46 41.06
C PHE A 42 -15.85 -27.95 41.19
N LEU A 43 -15.07 -27.33 42.08
CA LEU A 43 -15.16 -25.88 42.25
C LEU A 43 -14.79 -25.13 40.96
N THR A 44 -13.83 -25.67 40.20
CA THR A 44 -13.48 -25.04 38.93
C THR A 44 -14.64 -25.08 37.95
N ARG A 45 -15.41 -26.19 37.96
CA ARG A 45 -16.60 -26.28 37.12
C ARG A 45 -17.59 -25.17 37.45
N ILE A 46 -17.74 -24.86 38.75
CA ILE A 46 -18.64 -23.78 39.16
C ILE A 46 -18.15 -22.45 38.64
N LYS A 47 -16.90 -22.10 38.96
CA LYS A 47 -16.34 -20.81 38.53
C LYS A 47 -16.46 -20.62 37.02
N LEU A 48 -16.17 -21.67 36.25
CA LEU A 48 -16.29 -21.58 34.80
C LEU A 48 -17.72 -21.31 34.37
N LEU A 49 -18.69 -21.95 35.04
CA LEU A 49 -20.08 -21.78 34.66
C LEU A 49 -20.56 -20.35 34.91
N LEU A 50 -20.10 -19.74 36.00
CA LEU A 50 -20.62 -18.45 36.42
C LEU A 50 -19.79 -17.25 35.96
N LYS A 51 -18.64 -17.46 35.32
CA LYS A 51 -17.77 -16.34 34.96
C LYS A 51 -18.20 -15.73 33.63
N PRO A 52 -18.56 -14.45 33.60
CA PRO A 52 -18.88 -13.81 32.32
C PRO A 52 -17.64 -13.65 31.44
N THR A 53 -17.89 -13.52 30.14
CA THR A 53 -16.82 -13.28 29.18
C THR A 53 -16.39 -11.81 29.20
N PRO A 54 -15.13 -11.53 28.82
CA PRO A 54 -14.70 -10.12 28.74
C PRO A 54 -15.57 -9.26 27.86
N ASN A 55 -16.09 -9.80 26.75
CA ASN A 55 -16.96 -9.00 25.90
C ASN A 55 -18.30 -8.69 26.56
N THR A 56 -18.80 -9.62 27.38
CA THR A 56 -20.00 -9.33 28.16
C THR A 56 -19.72 -8.27 29.21
N VAL A 57 -18.59 -8.40 29.92
CA VAL A 57 -18.22 -7.41 30.93
C VAL A 57 -17.99 -6.05 30.28
N HIS A 58 -17.31 -6.02 29.14
CA HIS A 58 -17.09 -4.76 28.43
C HIS A 58 -18.41 -4.10 28.06
N TYR A 59 -19.39 -4.88 27.62
CA TYR A 59 -20.69 -4.30 27.29
C TYR A 59 -21.31 -3.62 28.50
N ILE A 60 -21.25 -4.27 29.67
CA ILE A 60 -21.87 -3.70 30.86
C ILE A 60 -21.13 -2.45 31.31
N LEU A 61 -19.79 -2.46 31.21
CA LEU A 61 -19.01 -1.33 31.67
C LEU A 61 -19.19 -0.09 30.79
N THR A 62 -19.62 -0.27 29.54
CA THR A 62 -19.76 0.84 28.60
C THR A 62 -21.22 1.19 28.32
N HIS A 63 -22.17 0.54 28.99
CA HIS A 63 -23.59 0.85 28.89
C HIS A 63 -24.14 1.09 30.29
N PHE A 64 -25.46 1.32 30.37
CA PHE A 64 -26.14 1.59 31.64
C PHE A 64 -25.57 2.83 32.30
N LYS A 65 -25.47 3.92 31.53
CA LYS A 65 -24.83 5.14 32.03
C LYS A 65 -25.46 5.62 33.33
N GLY A 66 -26.79 5.48 33.46
CA GLY A 66 -27.45 5.91 34.68
C GLY A 66 -27.01 5.15 35.91
N VAL A 67 -26.83 3.83 35.77
CA VAL A 67 -26.41 3.01 36.90
C VAL A 67 -24.99 3.37 37.33
N TRP A 68 -24.07 3.44 36.37
CA TRP A 68 -22.69 3.79 36.70
C TRP A 68 -22.59 5.16 37.34
N ASN A 69 -23.46 6.09 36.97
CA ASN A 69 -23.42 7.42 37.57
C ASN A 69 -23.76 7.36 39.05
N ILE A 70 -24.66 6.47 39.44
CA ILE A 70 -24.98 6.27 40.85
C ILE A 70 -23.79 5.63 41.57
N VAL A 71 -23.25 4.56 40.99
CA VAL A 71 -22.12 3.86 41.59
C VAL A 71 -20.94 4.81 41.80
N ASN A 72 -20.64 5.62 40.80
CA ASN A 72 -19.50 6.53 40.88
C ASN A 72 -19.62 7.51 42.04
N ASN A 73 -20.84 7.80 42.49
CA ASN A 73 -21.05 8.79 43.54
C ASN A 73 -21.30 8.16 44.90
N ILE A 74 -21.17 6.83 45.00
CA ILE A 74 -21.24 6.14 46.28
C ILE A 74 -19.85 5.60 46.57
N PRO A 75 -19.04 6.31 47.38
CA PRO A 75 -17.62 5.93 47.51
C PRO A 75 -17.38 4.50 47.96
N PHE A 76 -18.17 4.00 48.92
CA PHE A 76 -18.03 2.60 49.32
C PHE A 76 -18.15 1.66 48.13
N LEU A 77 -19.11 1.92 47.25
CA LEU A 77 -19.37 1.03 46.12
C LEU A 77 -18.32 1.19 45.04
N ARG A 78 -17.98 2.43 44.68
CA ARG A 78 -16.92 2.67 43.72
C ARG A 78 -15.60 2.08 44.19
N SER A 79 -15.29 2.21 45.48
CA SER A 79 -14.07 1.61 46.01
C SER A 79 -14.10 0.10 45.88
N LEU A 80 -15.25 -0.52 46.16
CA LEU A 80 -15.37 -1.97 46.08
C LEU A 80 -15.13 -2.46 44.65
N ILE A 81 -15.66 -1.75 43.66
CA ILE A 81 -15.53 -2.18 42.27
C ILE A 81 -14.08 -2.02 41.80
N MET A 82 -13.49 -0.85 42.06
CA MET A 82 -12.10 -0.65 41.64
C MET A 82 -11.17 -1.65 42.30
N LYS A 83 -11.50 -2.11 43.51
CA LYS A 83 -10.68 -3.10 44.19
C LYS A 83 -10.67 -4.44 43.44
N TYR A 84 -11.82 -4.87 42.94
CA TYR A 84 -11.88 -6.14 42.21
C TYR A 84 -11.20 -6.02 40.85
N VAL A 85 -11.26 -4.84 40.24
CA VAL A 85 -10.47 -4.59 39.03
C VAL A 85 -8.99 -4.84 39.31
N LEU A 86 -8.47 -4.25 40.39
CA LEU A 86 -7.05 -4.34 40.67
C LEU A 86 -6.61 -5.77 40.97
N THR A 87 -7.38 -6.50 41.78
CA THR A 87 -6.90 -7.81 42.20
C THR A 87 -7.09 -8.83 41.09
N SER A 88 -8.30 -8.92 40.52
CA SER A 88 -8.58 -9.93 39.51
C SER A 88 -7.67 -9.80 38.29
N ARG A 89 -7.12 -8.61 38.06
CA ARG A 89 -6.19 -8.41 36.95
C ARG A 89 -4.82 -8.98 37.29
N SER A 90 -4.28 -8.60 38.46
CA SER A 90 -2.92 -8.95 38.84
C SER A 90 -2.71 -10.44 39.07
N TYR A 91 -3.78 -11.23 39.25
CA TYR A 91 -3.60 -12.67 39.37
C TYR A 91 -3.06 -13.29 38.08
N LEU A 92 -3.23 -12.62 36.93
CA LEU A 92 -2.74 -13.15 35.66
C LEU A 92 -1.23 -13.03 35.49
N ILE A 93 -0.52 -12.34 36.39
CA ILE A 93 0.90 -12.08 36.26
C ILE A 93 1.67 -12.94 37.25
N ASP A 94 2.75 -13.55 36.78
CA ASP A 94 3.68 -14.24 37.65
C ASP A 94 4.56 -13.21 38.34
N SER A 95 4.43 -13.09 39.66
CA SER A 95 5.22 -12.14 40.43
C SER A 95 5.58 -12.76 41.77
N PRO A 96 6.87 -13.04 42.05
CA PRO A 96 8.09 -12.82 41.27
C PRO A 96 8.06 -13.42 39.85
N PRO A 97 8.79 -12.81 38.93
CA PRO A 97 8.71 -13.22 37.52
C PRO A 97 9.37 -14.56 37.28
N THR A 98 9.07 -15.14 36.12
CA THR A 98 9.56 -16.48 35.79
C THR A 98 10.45 -16.49 34.55
N TYR A 99 9.87 -16.67 33.36
CA TYR A 99 10.65 -16.98 32.17
C TYR A 99 11.23 -15.71 31.54
N ASN A 100 12.11 -15.92 30.57
CA ASN A 100 12.59 -14.86 29.69
C ASN A 100 12.97 -15.48 28.35
N VAL A 101 13.60 -14.68 27.48
CA VAL A 101 13.86 -15.12 26.11
C VAL A 101 14.79 -16.32 26.08
N HIS A 102 15.67 -16.47 27.07
CA HIS A 102 16.64 -17.55 27.08
C HIS A 102 16.26 -18.72 27.98
N TYR A 103 15.23 -18.59 28.81
CA TYR A 103 14.87 -19.64 29.76
C TYR A 103 13.38 -19.94 29.66
N GLY A 104 13.06 -21.12 29.14
CA GLY A 104 11.72 -21.69 29.13
C GLY A 104 11.38 -22.48 30.35
N TYR A 105 12.29 -22.53 31.32
CA TYR A 105 12.09 -23.12 32.63
C TYR A 105 12.59 -22.13 33.67
N LYS A 106 12.04 -22.22 34.88
CA LYS A 106 12.48 -21.31 35.94
C LYS A 106 13.92 -21.59 36.33
N SER A 107 14.68 -20.51 36.54
CA SER A 107 16.07 -20.62 36.95
C SER A 107 16.44 -19.36 37.72
N TRP A 108 17.48 -19.48 38.56
CA TRP A 108 17.92 -18.30 39.29
C TRP A 108 18.46 -17.22 38.35
N GLU A 109 19.03 -17.61 37.22
CA GLU A 109 19.51 -16.63 36.25
C GLU A 109 18.36 -15.81 35.69
N ALA A 110 17.25 -16.49 35.34
CA ALA A 110 16.08 -15.78 34.84
C ALA A 110 15.51 -14.83 35.89
N PHE A 111 15.42 -15.26 37.14
CA PHE A 111 14.86 -14.39 38.17
C PHE A 111 15.74 -13.17 38.44
N SER A 112 17.05 -13.38 38.54
CA SER A 112 17.92 -12.38 39.15
C SER A 112 18.55 -11.43 38.15
N ASN A 113 18.67 -11.80 36.89
CA ASN A 113 19.31 -10.94 35.89
C ASN A 113 18.29 -9.91 35.41
N LEU A 114 18.46 -8.66 35.85
CA LEU A 114 17.51 -7.59 35.57
C LEU A 114 17.64 -7.02 34.15
N SER A 115 18.65 -7.41 33.39
CA SER A 115 18.81 -6.90 32.03
C SER A 115 17.82 -7.50 31.06
N TYR A 116 17.18 -8.61 31.44
CA TYR A 116 16.17 -9.26 30.60
C TYR A 116 14.82 -8.58 30.75
N TYR A 117 14.06 -8.54 29.65
CA TYR A 117 12.61 -8.51 29.77
C TYR A 117 12.14 -9.88 30.26
N THR A 118 11.11 -9.90 31.11
CA THR A 118 10.53 -11.18 31.47
C THR A 118 9.51 -11.59 30.40
N ARG A 119 8.99 -12.81 30.54
CA ARG A 119 8.08 -13.39 29.55
C ARG A 119 6.88 -14.01 30.24
N ALA A 120 5.68 -13.68 29.75
CA ALA A 120 4.47 -14.29 30.29
C ALA A 120 4.31 -15.73 29.84
N LEU A 121 4.82 -16.07 28.66
CA LEU A 121 4.87 -17.45 28.19
C LEU A 121 6.29 -17.81 27.81
N PRO A 122 6.74 -19.02 28.14
CA PRO A 122 8.08 -19.41 27.78
C PRO A 122 8.27 -19.38 26.28
N PRO A 123 9.50 -19.19 25.80
CA PRO A 123 9.75 -19.25 24.36
C PRO A 123 9.63 -20.66 23.83
N VAL A 124 9.34 -20.74 22.53
CA VAL A 124 9.35 -22.02 21.84
C VAL A 124 10.77 -22.56 21.78
N ALA A 125 10.95 -23.82 22.16
CA ALA A 125 12.28 -24.38 22.27
C ALA A 125 12.99 -24.36 20.92
N ASP A 126 14.31 -24.23 20.97
CA ASP A 126 15.10 -23.99 19.76
C ASP A 126 14.93 -25.11 18.74
N ASP A 127 14.83 -26.35 19.20
CA ASP A 127 14.77 -27.51 18.31
C ASP A 127 13.35 -28.01 18.09
N CYS A 128 12.35 -27.15 18.25
CA CYS A 128 11.00 -27.52 17.86
C CYS A 128 10.91 -27.55 16.34
N PRO A 129 10.12 -28.47 15.76
CA PRO A 129 10.11 -28.61 14.30
C PRO A 129 9.60 -27.39 13.56
N THR A 130 8.65 -26.65 14.12
CA THR A 130 8.09 -25.46 13.49
C THR A 130 8.29 -24.25 14.39
N PRO A 131 8.17 -23.04 13.85
CA PRO A 131 8.35 -21.84 14.68
C PRO A 131 7.37 -21.73 15.83
N MET A 132 6.13 -22.18 15.67
CA MET A 132 5.14 -22.13 16.74
C MET A 132 5.12 -23.39 17.58
N GLY A 133 5.97 -24.37 17.29
CA GLY A 133 5.97 -25.62 18.02
C GLY A 133 5.93 -26.83 17.12
N VAL A 134 4.73 -27.32 16.80
CA VAL A 134 4.57 -28.46 15.90
C VAL A 134 3.66 -28.07 14.74
N LYS A 135 2.80 -27.07 14.96
CA LYS A 135 1.84 -26.65 13.96
C LYS A 135 2.47 -25.73 12.92
N GLY A 136 1.83 -25.67 11.75
CA GLY A 136 2.24 -24.78 10.69
C GLY A 136 3.35 -25.34 9.82
N ASN A 137 3.73 -24.54 8.83
CA ASN A 137 4.83 -24.88 7.94
C ASN A 137 6.16 -24.67 8.66
N LYS A 138 7.25 -25.11 8.03
CA LYS A 138 8.55 -24.99 8.69
C LYS A 138 8.97 -23.54 8.86
N GLU A 139 8.44 -22.63 8.04
CA GLU A 139 8.74 -21.21 8.20
C GLU A 139 7.45 -20.39 8.14
N LEU A 140 7.41 -19.34 8.95
CA LEU A 140 6.26 -18.46 9.00
C LEU A 140 6.18 -17.61 7.73
N PRO A 141 5.03 -16.98 7.47
CA PRO A 141 4.91 -16.16 6.25
C PRO A 141 5.87 -14.99 6.27
N ASP A 142 6.35 -14.62 5.08
CA ASP A 142 7.17 -13.44 4.88
C ASP A 142 6.60 -12.24 5.64
N SER A 143 7.46 -11.61 6.45
CA SER A 143 6.99 -10.50 7.28
C SER A 143 6.65 -9.28 6.44
N LYS A 144 7.44 -8.99 5.40
CA LYS A 144 7.11 -7.89 4.51
C LYS A 144 5.74 -8.09 3.87
N GLU A 145 5.38 -9.35 3.58
CA GLU A 145 4.09 -9.62 2.98
C GLU A 145 2.95 -9.45 3.99
N VAL A 146 3.14 -9.95 5.21
CA VAL A 146 2.16 -9.71 6.27
C VAL A 146 1.99 -8.21 6.48
N LEU A 147 3.10 -7.49 6.57
CA LEU A 147 3.07 -6.04 6.78
C LEU A 147 2.24 -5.33 5.71
N GLU A 148 2.53 -5.63 4.44
CA GLU A 148 1.90 -4.89 3.35
C GLU A 148 0.41 -5.23 3.22
N LYS A 149 0.05 -6.51 3.36
CA LYS A 149 -1.32 -6.91 3.07
C LYS A 149 -2.33 -6.51 4.14
N VAL A 150 -1.95 -6.47 5.42
CA VAL A 150 -2.95 -6.25 6.47
C VAL A 150 -2.56 -5.18 7.48
N LEU A 151 -1.34 -4.67 7.44
CA LEU A 151 -0.91 -3.71 8.45
C LEU A 151 -0.74 -2.29 7.93
N LEU A 152 -0.16 -2.10 6.75
CA LEU A 152 0.13 -0.75 6.28
C LEU A 152 -1.16 0.03 6.01
N ARG A 153 -1.09 1.34 6.26
CA ARG A 153 -2.25 2.21 6.14
C ARG A 153 -2.54 2.53 4.68
N ARG A 154 -3.79 2.37 4.28
CA ARG A 154 -4.25 2.90 3.00
C ARG A 154 -4.79 4.30 3.24
N GLU A 155 -6.00 4.38 3.79
CA GLU A 155 -6.62 5.62 4.20
C GLU A 155 -6.49 5.76 5.71
N PHE A 156 -6.27 7.00 6.17
CA PHE A 156 -6.19 7.21 7.61
C PHE A 156 -7.52 6.84 8.25
N ILE A 157 -7.48 5.92 9.20
CA ILE A 157 -8.65 5.50 9.95
C ILE A 157 -8.60 6.18 11.32
N PRO A 158 -9.44 7.16 11.60
CA PRO A 158 -9.37 7.85 12.89
C PRO A 158 -9.94 6.98 14.01
N ASP A 159 -9.42 7.20 15.20
CA ASP A 159 -9.89 6.48 16.37
C ASP A 159 -11.33 6.87 16.65
N PRO A 160 -12.29 5.93 16.66
CA PRO A 160 -13.67 6.30 17.00
C PRO A 160 -13.83 6.76 18.43
N GLN A 161 -12.91 6.42 19.33
CA GLN A 161 -12.95 6.92 20.70
C GLN A 161 -12.42 8.33 20.84
N GLY A 162 -11.87 8.92 19.76
CA GLY A 162 -11.52 10.32 19.77
C GLY A 162 -10.16 10.66 20.36
N SER A 163 -9.29 9.68 20.58
CA SER A 163 -7.95 9.98 21.09
C SER A 163 -7.25 11.01 20.23
N ASN A 164 -6.58 11.96 20.88
CA ASN A 164 -5.87 13.02 20.18
C ASN A 164 -4.37 12.81 20.29
N MET A 165 -3.60 13.83 19.86
CA MET A 165 -2.15 13.71 19.87
C MET A 165 -1.55 13.96 21.25
N MET A 166 -2.25 14.68 22.13
CA MET A 166 -1.84 14.74 23.52
C MET A 166 -1.79 13.35 24.13
N PHE A 167 -2.76 12.50 23.79
CA PHE A 167 -2.77 11.14 24.27
C PHE A 167 -1.66 10.30 23.65
N ALA A 168 -1.51 10.39 22.32
CA ALA A 168 -0.54 9.56 21.62
C ALA A 168 0.87 9.84 22.11
N PHE A 169 1.22 11.12 22.27
CA PHE A 169 2.57 11.45 22.75
C PHE A 169 2.71 11.22 24.25
N PHE A 170 1.64 11.32 25.01
CA PHE A 170 1.72 10.93 26.42
C PHE A 170 2.02 9.44 26.54
N ALA A 171 1.32 8.61 25.76
CA ALA A 171 1.58 7.18 25.78
C ALA A 171 3.02 6.88 25.35
N GLN A 172 3.51 7.57 24.32
CA GLN A 172 4.88 7.36 23.89
C GLN A 172 5.86 7.82 24.96
N HIS A 173 5.62 8.99 25.56
CA HIS A 173 6.50 9.50 26.60
C HIS A 173 6.49 8.60 27.82
N PHE A 174 5.29 8.23 28.29
CA PHE A 174 5.17 7.46 29.52
C PHE A 174 5.78 6.07 29.38
N THR A 175 5.46 5.37 28.30
CA THR A 175 5.92 3.99 28.12
C THR A 175 7.42 3.90 27.89
N HIS A 176 8.07 4.93 27.39
CA HIS A 176 9.48 4.81 27.03
C HIS A 176 10.41 4.95 28.23
N GLN A 177 9.88 4.98 29.46
CA GLN A 177 10.74 4.83 30.62
C GLN A 177 10.97 3.38 31.01
N PHE A 178 10.06 2.47 30.63
CA PHE A 178 10.25 1.05 30.90
C PHE A 178 10.32 0.19 29.65
N PHE A 179 10.10 0.76 28.46
CA PHE A 179 10.45 0.09 27.20
C PHE A 179 11.70 0.78 26.66
N LYS A 180 12.87 0.17 26.93
CA LYS A 180 14.16 0.71 26.50
C LYS A 180 15.03 -0.47 26.09
N THR A 181 14.73 -1.04 24.92
CA THR A 181 15.40 -2.25 24.46
C THR A 181 16.89 -2.02 24.28
N ASP A 182 17.69 -2.94 24.82
CA ASP A 182 19.15 -2.86 24.72
C ASP A 182 19.57 -3.59 23.45
N HIS A 183 19.66 -2.85 22.35
CA HIS A 183 19.96 -3.46 21.07
C HIS A 183 21.39 -3.99 21.01
N LYS A 184 22.27 -3.53 21.89
CA LYS A 184 23.61 -4.11 21.98
C LYS A 184 23.56 -5.57 22.42
N ARG A 185 22.50 -5.98 23.11
CA ARG A 185 22.35 -7.34 23.62
C ARG A 185 21.34 -8.16 22.84
N GLY A 186 20.24 -7.56 22.37
CA GLY A 186 19.20 -8.28 21.69
C GLY A 186 17.83 -7.76 22.08
N PRO A 187 16.79 -8.14 21.31
CA PRO A 187 15.46 -7.56 21.55
C PRO A 187 14.84 -7.98 22.88
N GLY A 188 15.29 -9.07 23.49
CA GLY A 188 14.73 -9.51 24.75
C GLY A 188 15.42 -8.91 25.96
N PHE A 189 16.17 -7.83 25.74
CA PHE A 189 16.95 -7.19 26.80
C PHE A 189 16.56 -5.72 26.92
N THR A 190 16.62 -5.22 28.15
CA THR A 190 16.20 -3.86 28.46
C THR A 190 17.31 -3.13 29.21
N ARG A 191 17.34 -1.81 29.05
CA ARG A 191 18.21 -0.95 29.83
C ARG A 191 17.47 -0.26 30.97
N GLY A 192 16.17 -0.46 31.09
CA GLY A 192 15.42 0.10 32.20
C GLY A 192 15.40 -0.86 33.37
N LEU A 193 16.49 -0.87 34.14
CA LEU A 193 16.64 -1.82 35.24
C LEU A 193 15.68 -1.57 36.39
N GLY A 194 15.01 -0.41 36.41
CA GLY A 194 13.97 -0.18 37.40
C GLY A 194 12.67 -0.91 37.11
N HIS A 195 12.47 -1.32 35.86
CA HIS A 195 11.33 -2.15 35.45
C HIS A 195 9.99 -1.58 35.90
N GLY A 196 9.82 -0.27 35.77
CA GLY A 196 8.53 0.32 36.08
C GLY A 196 8.59 1.84 36.07
N VAL A 197 7.64 2.43 36.78
CA VAL A 197 7.43 3.88 36.74
C VAL A 197 8.38 4.48 37.77
N ASP A 198 9.64 4.63 37.37
CA ASP A 198 10.64 5.29 38.19
C ASP A 198 11.01 6.68 37.67
N LEU A 199 10.43 7.08 36.55
CA LEU A 199 10.65 8.39 35.95
C LEU A 199 12.12 8.61 35.57
N ASN A 200 12.81 7.53 35.21
CA ASN A 200 14.18 7.67 34.70
C ASN A 200 14.21 8.44 33.39
N HIS A 201 13.09 8.53 32.68
CA HIS A 201 13.05 9.32 31.45
C HIS A 201 13.06 10.81 31.73
N ILE A 202 12.90 11.21 32.99
CA ILE A 202 13.08 12.59 33.41
C ILE A 202 14.39 12.79 34.15
N TYR A 203 14.70 11.87 35.05
CA TYR A 203 15.82 12.02 35.98
C TYR A 203 17.06 11.25 35.58
N GLY A 204 16.99 10.40 34.57
CA GLY A 204 18.15 9.60 34.20
C GLY A 204 18.12 8.22 34.84
N GLU A 205 18.67 7.26 34.10
CA GLU A 205 18.73 5.88 34.58
C GLU A 205 19.81 5.68 35.64
N THR A 206 20.92 6.40 35.53
CA THR A 206 22.04 6.25 36.45
C THR A 206 22.19 7.50 37.30
N LEU A 207 22.83 7.32 38.46
CA LEU A 207 23.08 8.45 39.35
C LEU A 207 23.95 9.50 38.68
N ASP A 208 24.93 9.06 37.89
CA ASP A 208 25.83 9.99 37.21
C ASP A 208 25.07 10.86 36.21
N ARG A 209 24.14 10.27 35.47
CA ARG A 209 23.31 11.05 34.54
C ARG A 209 22.40 12.00 35.30
N GLN A 210 21.83 11.54 36.42
CA GLN A 210 20.96 12.38 37.23
C GLN A 210 21.68 13.64 37.72
N HIS A 211 22.90 13.48 38.21
CA HIS A 211 23.64 14.62 38.74
C HIS A 211 23.99 15.63 37.66
N LYS A 212 24.22 15.18 36.43
CA LYS A 212 24.47 16.10 35.34
C LYS A 212 23.22 16.88 34.95
N LEU A 213 22.03 16.34 35.21
CA LEU A 213 20.79 17.02 34.91
C LEU A 213 20.32 17.94 36.02
N ARG A 214 20.91 17.83 37.22
CA ARG A 214 20.43 18.56 38.37
C ARG A 214 21.16 19.89 38.53
N LEU A 215 20.44 20.86 39.10
CA LEU A 215 20.96 22.18 39.42
C LEU A 215 21.66 22.24 40.77
N PHE A 216 21.32 21.31 41.68
CA PHE A 216 21.86 21.25 43.03
C PHE A 216 21.57 22.51 43.83
N LYS A 217 20.54 23.25 43.44
CA LYS A 217 19.97 24.31 44.25
C LYS A 217 18.46 24.11 44.32
N ASP A 218 17.94 24.03 45.55
CA ASP A 218 16.51 23.92 45.81
C ASP A 218 15.90 22.66 45.19
N GLY A 219 16.70 21.63 44.97
CA GLY A 219 16.19 20.38 44.45
C GLY A 219 15.88 20.37 42.96
N LYS A 220 16.17 21.46 42.25
CA LYS A 220 15.63 21.66 40.92
C LYS A 220 16.50 21.00 39.85
N LEU A 221 15.89 20.78 38.70
CA LEU A 221 16.60 20.36 37.50
C LEU A 221 17.11 21.57 36.74
N LYS A 222 18.26 21.40 36.09
CA LYS A 222 18.78 22.45 35.23
C LYS A 222 17.77 22.81 34.14
N TYR A 223 17.80 24.06 33.71
CA TYR A 223 16.94 24.51 32.63
C TYR A 223 17.57 25.73 32.00
N GLN A 224 17.03 26.11 30.84
CA GLN A 224 17.39 27.33 30.16
C GLN A 224 16.11 28.07 29.79
N VAL A 225 16.25 29.38 29.60
CA VAL A 225 15.15 30.24 29.20
C VAL A 225 15.39 30.69 27.77
N ILE A 226 14.45 30.35 26.88
CA ILE A 226 14.49 30.75 25.49
C ILE A 226 13.22 31.53 25.19
N GLY A 227 13.37 32.80 24.83
CA GLY A 227 12.20 33.63 24.53
C GLY A 227 11.23 33.74 25.68
N GLY A 228 11.73 33.85 26.90
CA GLY A 228 10.89 33.95 28.08
C GLY A 228 10.31 32.64 28.57
N GLU A 229 10.65 31.50 27.96
CA GLU A 229 10.05 30.22 28.27
C GLU A 229 11.10 29.25 28.78
N VAL A 230 10.70 28.39 29.71
CA VAL A 230 11.61 27.43 30.33
C VAL A 230 11.67 26.18 29.47
N TYR A 231 12.87 25.80 29.07
CA TYR A 231 13.12 24.60 28.27
C TYR A 231 14.24 23.80 28.93
N PRO A 232 14.37 22.53 28.57
CA PRO A 232 15.45 21.70 29.14
C PRO A 232 16.82 22.23 28.75
N PRO A 233 17.85 21.90 29.54
CA PRO A 233 19.20 22.36 29.20
C PRO A 233 19.77 21.68 27.97
N THR A 234 20.99 22.06 27.57
CA THR A 234 21.61 21.52 26.38
C THR A 234 22.63 20.44 26.72
N VAL A 235 23.01 19.68 25.69
CA VAL A 235 24.07 18.69 25.83
C VAL A 235 25.39 19.37 26.14
N LYS A 236 25.63 20.56 25.58
CA LYS A 236 26.87 21.28 25.84
C LYS A 236 26.97 21.68 27.30
N ASP A 237 25.85 22.07 27.92
CA ASP A 237 25.89 22.57 29.28
C ASP A 237 25.96 21.44 30.31
N THR A 238 25.37 20.29 30.02
CA THR A 238 25.22 19.21 30.99
C THR A 238 26.15 18.04 30.77
N GLN A 239 26.60 17.81 29.54
CA GLN A 239 27.40 16.65 29.14
C GLN A 239 26.65 15.32 29.23
N VAL A 240 25.33 15.33 29.32
CA VAL A 240 24.60 14.07 29.25
C VAL A 240 24.48 13.68 27.80
N GLU A 241 24.67 12.40 27.52
CA GLU A 241 24.63 11.92 26.15
C GLU A 241 23.21 11.82 25.65
N MET A 242 22.98 12.34 24.44
CA MET A 242 21.69 12.30 23.78
C MET A 242 21.90 11.81 22.36
N ILE A 243 20.84 11.25 21.79
CA ILE A 243 20.88 10.73 20.43
C ILE A 243 20.36 11.81 19.48
N TYR A 244 21.24 12.35 18.65
CA TYR A 244 20.89 13.39 17.69
C TYR A 244 21.63 13.15 16.37
N PRO A 245 20.99 13.45 15.24
CA PRO A 245 21.71 13.41 13.97
C PRO A 245 22.83 14.43 13.97
N PRO A 246 23.87 14.21 13.17
CA PRO A 246 25.07 15.07 13.26
C PRO A 246 24.82 16.53 12.92
N HIS A 247 23.77 16.86 12.17
CA HIS A 247 23.57 18.23 11.72
C HIS A 247 22.80 19.11 12.71
N ILE A 248 22.40 18.57 13.85
CA ILE A 248 21.59 19.37 14.79
C ILE A 248 22.48 20.42 15.46
N PRO A 249 22.12 21.70 15.42
CA PRO A 249 22.92 22.72 16.10
C PRO A 249 22.94 22.45 17.60
N GLU A 250 24.10 22.68 18.22
CA GLU A 250 24.25 22.30 19.63
C GLU A 250 23.31 23.09 20.54
N ASN A 251 22.85 24.27 20.13
CA ASN A 251 21.83 24.97 20.91
C ASN A 251 20.48 24.28 20.82
N LEU A 252 20.33 23.28 19.95
CA LEU A 252 19.08 22.55 19.81
C LEU A 252 19.18 21.12 20.31
N GLN A 253 20.34 20.72 20.83
CA GLN A 253 20.52 19.39 21.41
C GLN A 253 20.08 19.43 22.88
N PHE A 254 18.77 19.33 23.07
CA PHE A 254 18.22 19.31 24.42
C PHE A 254 18.59 18.03 25.16
N ALA A 255 18.86 18.17 26.45
CA ALA A 255 19.30 17.08 27.29
C ALA A 255 18.21 16.77 28.31
N VAL A 256 17.70 15.55 28.28
CA VAL A 256 16.67 15.07 29.20
C VAL A 256 17.06 13.68 29.67
N GLY A 257 16.26 13.13 30.59
CA GLY A 257 16.60 11.84 31.19
C GLY A 257 16.73 10.73 30.16
N GLN A 258 15.77 10.65 29.25
CA GLN A 258 15.76 9.61 28.22
C GLN A 258 16.53 10.11 27.00
N GLU A 259 17.47 9.29 26.53
CA GLU A 259 18.42 9.73 25.51
C GLU A 259 17.80 9.91 24.13
N VAL A 260 16.62 9.34 23.87
CA VAL A 260 16.02 9.42 22.55
C VAL A 260 14.91 10.45 22.45
N PHE A 261 14.66 11.23 23.50
CA PHE A 261 13.50 12.10 23.47
C PHE A 261 13.69 13.33 22.58
N GLY A 262 14.88 13.54 22.04
CA GLY A 262 15.05 14.51 20.97
C GLY A 262 14.57 14.02 19.62
N LEU A 263 14.17 12.75 19.54
CA LEU A 263 13.69 12.17 18.29
C LEU A 263 12.45 12.89 17.78
N VAL A 264 11.53 13.27 18.68
CA VAL A 264 10.28 13.87 18.25
C VAL A 264 9.93 15.06 19.14
N PRO A 265 9.50 16.18 18.55
CA PRO A 265 9.05 17.32 19.36
C PRO A 265 7.90 16.99 20.30
N GLY A 266 7.12 15.96 20.00
CA GLY A 266 6.04 15.57 20.90
C GLY A 266 6.54 14.94 22.18
N LEU A 267 7.63 14.18 22.10
CA LEU A 267 8.30 13.71 23.32
C LEU A 267 8.95 14.86 24.06
N MET A 268 9.62 15.76 23.33
CA MET A 268 10.26 16.91 23.96
C MET A 268 9.22 17.85 24.59
N MET A 269 7.99 17.86 24.06
CA MET A 269 6.94 18.67 24.66
C MET A 269 6.63 18.20 26.07
N TYR A 270 6.41 16.90 26.25
CA TYR A 270 6.10 16.38 27.58
C TYR A 270 7.31 16.42 28.50
N ALA A 271 8.53 16.22 27.94
CA ALA A 271 9.73 16.33 28.75
C ALA A 271 9.87 17.73 29.34
N THR A 272 9.48 18.75 28.58
CA THR A 272 9.52 20.12 29.09
C THR A 272 8.44 20.33 30.14
N ILE A 273 7.24 19.81 29.88
CA ILE A 273 6.13 19.94 30.83
C ILE A 273 6.48 19.30 32.17
N TRP A 274 7.10 18.11 32.14
CA TRP A 274 7.41 17.42 33.39
C TRP A 274 8.64 18.01 34.09
N LEU A 275 9.61 18.54 33.32
CA LEU A 275 10.68 19.31 33.94
C LEU A 275 10.14 20.51 34.69
N ARG A 276 9.27 21.28 34.03
CA ARG A 276 8.63 22.41 34.70
C ARG A 276 7.87 21.97 35.95
N GLU A 277 7.15 20.85 35.86
CA GLU A 277 6.38 20.36 37.00
C GLU A 277 7.30 20.00 38.17
N HIS A 278 8.45 19.40 37.89
CA HIS A 278 9.39 19.06 38.96
C HIS A 278 9.84 20.31 39.70
N ASN A 279 10.22 21.36 38.96
CA ASN A 279 10.70 22.57 39.59
C ASN A 279 9.57 23.34 40.26
N ARG A 280 8.35 23.22 39.74
CA ARG A 280 7.20 23.83 40.42
C ARG A 280 6.98 23.19 41.78
N VAL A 281 7.06 21.86 41.85
CA VAL A 281 6.90 21.17 43.13
C VAL A 281 8.04 21.50 44.07
N CYS A 282 9.24 21.75 43.54
CA CYS A 282 10.35 22.16 44.39
C CYS A 282 10.06 23.49 45.07
N ASP A 283 9.44 24.43 44.35
CA ASP A 283 9.07 25.70 44.96
C ASP A 283 8.03 25.48 46.06
N ILE A 284 7.08 24.59 45.82
CA ILE A 284 6.05 24.28 46.81
C ILE A 284 6.67 23.67 48.05
N LEU A 285 7.57 22.69 47.86
CA LEU A 285 8.18 22.01 48.99
C LEU A 285 9.12 22.93 49.76
N LYS A 286 9.84 23.80 49.06
CA LYS A 286 10.73 24.74 49.74
C LYS A 286 9.97 25.72 50.62
N GLN A 287 8.81 26.19 50.14
CA GLN A 287 7.99 27.07 50.97
C GLN A 287 7.49 26.35 52.22
N GLU A 288 7.11 25.09 52.08
CA GLU A 288 6.67 24.30 53.23
C GLU A 288 7.84 23.96 54.15
N HIS A 289 9.03 23.75 53.59
CA HIS A 289 10.19 23.29 54.35
C HIS A 289 11.39 24.20 54.07
N PRO A 290 11.40 25.40 54.64
CA PRO A 290 12.61 26.24 54.51
C PRO A 290 13.85 25.59 55.11
N GLU A 291 13.67 24.63 56.01
CA GLU A 291 14.79 23.96 56.66
C GLU A 291 15.39 22.83 55.83
N TRP A 292 14.82 22.54 54.65
CA TRP A 292 15.27 21.41 53.85
C TRP A 292 16.43 21.80 52.94
N GLY A 293 17.29 20.81 52.67
CA GLY A 293 18.37 20.98 51.74
C GLY A 293 17.99 20.61 50.30
N ASP A 294 18.93 20.86 49.39
CA ASP A 294 18.71 20.54 47.99
C ASP A 294 18.39 19.06 47.78
N GLU A 295 19.13 18.18 48.44
CA GLU A 295 18.98 16.75 48.18
C GLU A 295 17.58 16.26 48.56
N GLN A 296 17.10 16.64 49.74
CA GLN A 296 15.79 16.17 50.16
C GLN A 296 14.66 16.78 49.33
N LEU A 297 14.83 18.04 48.89
CA LEU A 297 13.84 18.64 47.99
C LEU A 297 13.77 17.90 46.66
N PHE A 298 14.92 17.54 46.09
CA PHE A 298 14.93 16.82 44.83
C PHE A 298 14.27 15.45 44.98
N GLN A 299 14.65 14.70 46.02
CA GLN A 299 14.15 13.35 46.18
C GLN A 299 12.65 13.33 46.45
N THR A 300 12.17 14.26 47.28
CA THR A 300 10.75 14.32 47.58
C THR A 300 9.93 14.74 46.36
N SER A 301 10.44 15.68 45.58
CA SER A 301 9.76 16.05 44.33
C SER A 301 9.64 14.84 43.40
N ARG A 302 10.72 14.06 43.28
CA ARG A 302 10.68 12.89 42.40
C ARG A 302 9.63 11.89 42.85
N LEU A 303 9.52 11.67 44.16
CA LEU A 303 8.48 10.77 44.67
C LEU A 303 7.09 11.31 44.37
N ILE A 304 6.92 12.64 44.44
CA ILE A 304 5.62 13.23 44.15
C ILE A 304 5.28 13.11 42.66
N LEU A 305 6.25 13.39 41.78
CA LEU A 305 5.98 13.26 40.35
C LEU A 305 5.71 11.81 39.96
N ILE A 306 6.34 10.85 40.62
CA ILE A 306 5.98 9.44 40.40
C ILE A 306 4.51 9.21 40.75
N GLY A 307 4.06 9.76 41.88
CA GLY A 307 2.67 9.61 42.26
C GLY A 307 1.71 10.29 41.29
N GLU A 308 2.05 11.53 40.89
CA GLU A 308 1.23 12.23 39.90
C GLU A 308 1.07 11.41 38.63
N THR A 309 2.17 10.83 38.14
CA THR A 309 2.13 10.06 36.91
C THR A 309 1.16 8.89 37.03
N ILE A 310 1.25 8.12 38.11
CA ILE A 310 0.37 6.97 38.30
C ILE A 310 -1.07 7.44 38.42
N LYS A 311 -1.29 8.57 39.09
CA LYS A 311 -2.62 9.15 39.18
C LYS A 311 -3.18 9.49 37.81
N ILE A 312 -2.40 10.21 36.99
CA ILE A 312 -2.87 10.63 35.67
C ILE A 312 -3.08 9.42 34.77
N VAL A 313 -2.18 8.44 34.84
CA VAL A 313 -2.28 7.27 33.97
C VAL A 313 -3.57 6.50 34.25
N ILE A 314 -3.94 6.35 35.52
CA ILE A 314 -5.11 5.54 35.85
C ILE A 314 -6.39 6.33 35.65
N GLU A 315 -6.44 7.57 36.13
CA GLU A 315 -7.71 8.29 36.22
C GLU A 315 -8.02 9.15 35.00
N ASP A 316 -7.03 9.44 34.15
CA ASP A 316 -7.25 10.12 32.88
C ASP A 316 -6.96 9.20 31.70
N TYR A 317 -5.75 8.64 31.67
CA TYR A 317 -5.23 7.94 30.49
C TYR A 317 -5.91 6.59 30.31
N VAL A 318 -5.86 5.73 31.33
CA VAL A 318 -6.58 4.47 31.26
C VAL A 318 -8.09 4.73 31.26
N GLN A 319 -8.54 5.77 31.97
CA GLN A 319 -9.96 6.14 31.93
C GLN A 319 -10.40 6.43 30.50
N HIS A 320 -9.56 7.12 29.72
CA HIS A 320 -9.96 7.51 28.37
C HIS A 320 -10.07 6.30 27.45
N LEU A 321 -9.01 5.52 27.43
CA LEU A 321 -8.87 4.33 26.66
C LEU A 321 -9.94 3.32 26.88
N SER A 322 -10.34 3.17 28.11
CA SER A 322 -11.28 2.14 28.52
C SER A 322 -12.67 2.39 27.96
N GLY A 323 -13.06 3.66 27.86
CA GLY A 323 -14.42 4.00 27.48
C GLY A 323 -15.48 3.65 28.50
N TYR A 324 -15.08 3.24 29.71
CA TYR A 324 -16.05 2.86 30.72
C TYR A 324 -16.77 4.08 31.26
N HIS A 325 -18.02 3.88 31.67
CA HIS A 325 -18.72 4.92 32.43
C HIS A 325 -18.29 4.91 33.88
N PHE A 326 -17.85 3.76 34.38
CA PHE A 326 -17.27 3.69 35.72
C PHE A 326 -15.99 4.52 35.79
N LYS A 327 -15.84 5.27 36.87
CA LYS A 327 -14.70 6.17 37.08
C LYS A 327 -13.58 5.41 37.79
N LEU A 328 -12.53 5.06 37.06
CA LEU A 328 -11.37 4.43 37.66
C LEU A 328 -10.76 5.34 38.71
N LYS A 329 -10.02 4.75 39.63
CA LYS A 329 -9.55 5.45 40.82
C LYS A 329 -8.15 4.97 41.20
N PHE A 330 -7.24 5.92 41.42
CA PHE A 330 -5.92 5.62 41.97
C PHE A 330 -5.99 5.73 43.48
N ASP A 331 -6.02 4.59 44.16
CA ASP A 331 -6.10 4.55 45.63
C ASP A 331 -5.33 3.33 46.11
N PRO A 332 -4.06 3.49 46.45
CA PRO A 332 -3.27 2.36 46.97
C PRO A 332 -3.90 1.68 48.18
N GLU A 333 -4.66 2.40 49.00
CA GLU A 333 -5.24 1.81 50.20
C GLU A 333 -6.18 0.66 49.89
N LEU A 334 -6.68 0.57 48.65
CA LEU A 334 -7.59 -0.52 48.28
C LEU A 334 -6.92 -1.89 48.34
N LEU A 335 -5.60 -1.96 48.26
CA LEU A 335 -4.88 -3.23 48.26
C LEU A 335 -4.31 -3.59 49.63
N PHE A 336 -4.49 -2.73 50.63
CA PHE A 336 -3.82 -2.95 51.91
C PHE A 336 -4.33 -4.18 52.65
N ASN A 337 -5.59 -4.56 52.45
CA ASN A 337 -6.09 -5.82 53.00
C ASN A 337 -6.11 -6.94 51.97
N GLN A 338 -5.41 -6.77 50.85
CA GLN A 338 -5.35 -7.76 49.79
C GLN A 338 -3.94 -8.33 49.65
N GLN A 339 -3.85 -9.56 49.17
CA GLN A 339 -2.57 -10.12 48.77
C GLN A 339 -2.11 -9.48 47.47
N PHE A 340 -0.90 -8.92 47.48
CA PHE A 340 -0.40 -8.20 46.32
C PHE A 340 1.10 -8.00 46.48
N GLN A 341 1.84 -8.22 45.39
CA GLN A 341 3.29 -8.10 45.39
C GLN A 341 3.68 -6.71 44.90
N TYR A 342 4.30 -5.92 45.79
CA TYR A 342 4.78 -4.59 45.44
C TYR A 342 6.15 -4.71 44.75
N GLN A 343 6.10 -5.25 43.54
CA GLN A 343 7.27 -5.40 42.68
C GLN A 343 6.77 -5.60 41.26
N ASN A 344 7.65 -5.41 40.29
CA ASN A 344 7.27 -5.56 38.90
C ASN A 344 8.50 -5.90 38.07
N ARG A 345 8.26 -6.67 37.01
CA ARG A 345 9.29 -6.96 36.01
C ARG A 345 8.64 -6.83 34.64
N ILE A 346 9.20 -5.96 33.80
CA ILE A 346 8.56 -5.63 32.53
C ILE A 346 8.63 -6.82 31.59
N ALA A 347 7.49 -7.19 31.04
CA ALA A 347 7.39 -8.34 30.14
C ALA A 347 7.63 -7.90 28.69
N SER A 348 8.30 -8.78 27.93
CA SER A 348 8.49 -8.52 26.51
C SER A 348 7.15 -8.41 25.79
N GLU A 349 6.20 -9.29 26.14
CA GLU A 349 4.89 -9.23 25.51
C GLU A 349 4.18 -7.92 25.80
N PHE A 350 4.39 -7.34 26.99
CA PHE A 350 3.85 -6.02 27.27
C PHE A 350 4.45 -4.98 26.32
N ASN A 351 5.72 -5.09 26.04
CA ASN A 351 6.38 -4.18 25.16
C ASN A 351 5.79 -4.32 23.77
N THR A 352 5.55 -5.52 23.31
CA THR A 352 5.04 -5.82 21.98
C THR A 352 3.64 -5.28 21.78
N LEU A 353 2.82 -5.48 22.76
CA LEU A 353 1.51 -5.01 22.79
C LEU A 353 1.45 -3.50 22.73
N TYR A 354 2.33 -2.80 23.38
CA TYR A 354 2.33 -1.38 23.39
C TYR A 354 2.78 -0.64 22.11
N HIS A 355 3.17 -1.33 21.06
CA HIS A 355 3.55 -0.73 19.79
C HIS A 355 2.28 -0.19 19.12
N TRP A 356 1.85 0.98 19.54
CA TRP A 356 0.63 1.65 19.09
C TRP A 356 0.87 2.65 17.98
N HIS A 357 1.73 2.32 17.02
CA HIS A 357 2.08 3.23 15.93
C HIS A 357 0.90 3.59 15.02
N PRO A 358 -0.17 2.77 14.91
CA PRO A 358 -1.37 3.25 14.22
C PRO A 358 -1.93 4.56 14.78
N LEU A 359 -1.53 4.93 16.00
CA LEU A 359 -1.95 6.22 16.56
C LEU A 359 -1.48 7.38 15.70
N LEU A 360 -0.35 7.24 15.03
CA LEU A 360 0.30 8.39 14.40
C LEU A 360 -0.50 8.83 13.17
N PRO A 361 -0.69 10.14 12.99
CA PRO A 361 -1.37 10.64 11.79
C PRO A 361 -0.39 10.67 10.63
N ASP A 362 -0.90 11.10 9.47
CA ASP A 362 -0.05 11.22 8.30
C ASP A 362 0.72 12.53 8.28
N THR A 363 0.18 13.58 8.92
CA THR A 363 0.89 14.82 9.14
C THR A 363 0.63 15.28 10.57
N PHE A 364 1.56 16.05 11.09
CA PHE A 364 1.41 16.64 12.42
C PHE A 364 1.00 18.10 12.25
N ASN A 365 -0.18 18.43 12.77
CA ASN A 365 -0.83 19.72 12.51
C ASN A 365 -0.65 20.62 13.72
N ILE A 366 0.25 21.59 13.60
CA ILE A 366 0.54 22.54 14.68
C ILE A 366 0.19 23.94 14.17
N GLU A 367 -0.79 24.57 14.82
CA GLU A 367 -1.35 25.83 14.37
C GLU A 367 -1.89 25.70 12.96
N ASP A 368 -1.28 26.41 12.00
CA ASP A 368 -1.72 26.35 10.62
C ASP A 368 -0.86 25.43 9.75
N GLN A 369 0.22 24.87 10.29
CA GLN A 369 1.12 24.03 9.52
C GLN A 369 0.70 22.57 9.58
N GLU A 370 1.13 21.82 8.56
CA GLU A 370 1.03 20.37 8.54
C GLU A 370 2.41 19.84 8.18
N TYR A 371 3.05 19.16 9.13
CA TYR A 371 4.41 18.67 8.94
C TYR A 371 4.40 17.20 8.56
N SER A 372 5.16 16.85 7.53
CA SER A 372 5.40 15.46 7.21
C SER A 372 6.30 14.84 8.27
N PHE A 373 6.37 13.51 8.27
CA PHE A 373 7.29 12.81 9.17
C PHE A 373 8.71 13.33 9.02
N LYS A 374 9.18 13.50 7.78
CA LYS A 374 10.53 13.98 7.56
C LYS A 374 10.73 15.37 8.15
N GLN A 375 9.71 16.24 8.03
CA GLN A 375 9.82 17.56 8.62
C GLN A 375 9.72 17.50 10.14
N PHE A 376 8.97 16.53 10.67
CA PHE A 376 8.71 16.48 12.11
C PHE A 376 9.89 15.90 12.88
N LEU A 377 10.42 14.77 12.40
CA LEU A 377 11.40 14.01 13.19
C LEU A 377 12.66 14.83 13.46
N TYR A 378 13.11 14.78 14.72
CA TYR A 378 14.39 15.34 15.14
C TYR A 378 14.50 16.84 14.92
N ASN A 379 13.37 17.54 14.96
CA ASN A 379 13.32 18.96 14.66
C ASN A 379 12.65 19.70 15.82
N ASN A 380 13.45 20.05 16.82
CA ASN A 380 12.92 20.76 17.99
C ASN A 380 12.80 22.26 17.76
N SER A 381 13.33 22.79 16.66
CA SER A 381 13.04 24.17 16.30
C SER A 381 11.55 24.39 16.09
N ILE A 382 10.82 23.33 15.71
CA ILE A 382 9.36 23.42 15.63
C ILE A 382 8.78 23.78 16.99
N LEU A 383 9.30 23.14 18.05
CA LEU A 383 8.80 23.41 19.39
C LEU A 383 9.08 24.85 19.82
N LEU A 384 10.30 25.33 19.56
CA LEU A 384 10.63 26.71 19.90
C LEU A 384 9.86 27.69 19.02
N GLU A 385 9.64 27.33 17.75
CA GLU A 385 8.90 28.19 16.83
C GLU A 385 7.50 28.48 17.36
N HIS A 386 6.75 27.45 17.72
CA HIS A 386 5.35 27.61 18.11
C HIS A 386 5.15 27.74 19.62
N GLY A 387 6.03 27.14 20.42
CA GLY A 387 5.87 27.17 21.86
C GLY A 387 4.93 26.08 22.37
N LEU A 388 4.98 25.87 23.69
CA LEU A 388 4.23 24.78 24.30
C LEU A 388 2.73 25.03 24.23
N THR A 389 2.31 26.28 24.44
CA THR A 389 0.89 26.61 24.41
C THR A 389 0.25 26.22 23.09
N GLN A 390 0.87 26.62 21.98
CA GLN A 390 0.35 26.27 20.66
C GLN A 390 0.40 24.76 20.43
N PHE A 391 1.44 24.10 20.94
CA PHE A 391 1.55 22.65 20.83
C PHE A 391 0.36 21.96 21.51
N VAL A 392 0.07 22.36 22.75
CA VAL A 392 -1.03 21.73 23.50
C VAL A 392 -2.36 21.95 22.78
N GLU A 393 -2.62 23.19 22.37
CA GLU A 393 -3.89 23.48 21.70
C GLU A 393 -4.02 22.71 20.40
N SER A 394 -2.95 22.64 19.61
CA SER A 394 -3.00 21.93 18.33
C SER A 394 -3.16 20.43 18.53
N PHE A 395 -2.37 19.85 19.44
CA PHE A 395 -2.42 18.40 19.64
C PHE A 395 -3.66 17.95 20.38
N THR A 396 -4.30 18.83 21.15
CA THR A 396 -5.58 18.49 21.74
C THR A 396 -6.66 18.39 20.68
N ARG A 397 -6.51 19.12 19.56
CA ARG A 397 -7.49 19.11 18.50
C ARG A 397 -7.27 18.01 17.46
N GLN A 398 -6.04 17.53 17.28
CA GLN A 398 -5.73 16.61 16.20
C GLN A 398 -6.04 15.18 16.61
N ILE A 399 -6.84 14.51 15.80
CA ILE A 399 -7.29 13.16 16.07
C ILE A 399 -6.18 12.15 15.75
N ALA A 400 -6.16 11.05 16.50
CA ALA A 400 -5.20 9.98 16.31
C ALA A 400 -5.86 8.77 15.64
N GLY A 401 -5.03 7.83 15.19
CA GLY A 401 -5.53 6.69 14.44
C GLY A 401 -6.07 5.57 15.32
N ARG A 402 -6.95 4.77 14.72
CA ARG A 402 -7.41 3.54 15.37
C ARG A 402 -6.32 2.49 15.31
N VAL A 403 -6.14 1.77 16.42
CA VAL A 403 -5.06 0.79 16.53
C VAL A 403 -5.48 -0.59 16.03
N ALA A 404 -6.59 -1.12 16.55
CA ALA A 404 -7.12 -2.36 16.01
C ALA A 404 -7.81 -2.09 14.68
N GLY A 405 -8.41 -3.13 14.10
CA GLY A 405 -9.19 -2.98 12.89
C GLY A 405 -8.41 -3.14 11.60
N GLY A 406 -7.09 -3.13 11.64
CA GLY A 406 -6.29 -3.44 10.45
C GLY A 406 -5.92 -2.23 9.63
N ARG A 407 -4.80 -2.35 8.92
CA ARG A 407 -4.40 -1.44 7.84
C ARG A 407 -4.39 0.02 8.28
N ASN A 408 -3.69 0.29 9.39
CA ASN A 408 -3.60 1.68 9.84
C ASN A 408 -2.20 2.05 10.37
N VAL A 409 -1.17 1.28 10.02
CA VAL A 409 0.20 1.67 10.34
C VAL A 409 0.70 2.63 9.28
N PRO A 410 1.12 3.85 9.64
CA PRO A 410 1.63 4.76 8.61
C PRO A 410 2.92 4.22 8.01
N ILE A 411 3.04 4.38 6.69
CA ILE A 411 4.16 3.80 5.96
C ILE A 411 5.49 4.40 6.40
N ALA A 412 5.47 5.60 6.99
CA ALA A 412 6.70 6.23 7.44
C ALA A 412 7.45 5.40 8.47
N VAL A 413 6.75 4.61 9.28
CA VAL A 413 7.41 3.76 10.27
C VAL A 413 7.19 2.29 9.94
N GLN A 414 7.14 1.96 8.65
CA GLN A 414 6.90 0.57 8.27
C GLN A 414 8.06 -0.33 8.67
N ALA A 415 9.27 0.21 8.73
CA ALA A 415 10.41 -0.58 9.18
C ALA A 415 10.25 -1.00 10.64
N VAL A 416 9.60 -0.18 11.46
CA VAL A 416 9.39 -0.52 12.86
C VAL A 416 8.37 -1.64 12.99
N ALA A 417 7.32 -1.60 12.17
CA ALA A 417 6.32 -2.66 12.22
C ALA A 417 6.88 -3.99 11.73
N LYS A 418 7.77 -3.95 10.73
CA LYS A 418 8.38 -5.20 10.27
C LYS A 418 9.32 -5.79 11.32
N ALA A 419 10.09 -4.93 12.00
CA ALA A 419 10.98 -5.42 13.04
C ALA A 419 10.21 -6.02 14.20
N SER A 420 9.03 -5.50 14.49
CA SER A 420 8.19 -6.10 15.54
C SER A 420 7.82 -7.53 15.17
N ILE A 421 7.47 -7.77 13.90
CA ILE A 421 7.23 -9.13 13.44
C ILE A 421 8.52 -9.94 13.52
N ASP A 422 9.60 -9.41 12.92
CA ASP A 422 10.85 -10.15 12.84
C ASP A 422 11.41 -10.48 14.23
N GLN A 423 11.38 -9.51 15.16
CA GLN A 423 11.97 -9.72 16.46
C GLN A 423 11.08 -10.58 17.36
N SER A 424 9.76 -10.54 17.16
CA SER A 424 8.89 -11.47 17.88
C SER A 424 9.22 -12.91 17.54
N ARG A 425 9.52 -13.17 16.26
CA ARG A 425 9.94 -14.51 15.86
C ARG A 425 11.33 -14.82 16.36
N GLU A 426 12.25 -13.86 16.25
CA GLU A 426 13.60 -14.03 16.78
C GLU A 426 13.57 -14.41 18.26
N MET A 427 12.63 -13.83 19.01
CA MET A 427 12.43 -14.15 20.42
C MET A 427 11.58 -15.39 20.65
N LYS A 428 11.16 -16.08 19.58
CA LYS A 428 10.44 -17.36 19.67
C LYS A 428 9.13 -17.23 20.45
N TYR A 429 8.35 -16.21 20.12
CA TYR A 429 7.02 -16.04 20.70
C TYR A 429 6.12 -17.23 20.36
N GLN A 430 5.32 -17.65 21.33
CA GLN A 430 4.26 -18.61 21.05
C GLN A 430 3.14 -17.92 20.26
N SER A 431 2.17 -18.72 19.82
CA SER A 431 1.14 -18.26 18.89
C SER A 431 0.12 -17.38 19.59
N LEU A 432 -0.65 -16.66 18.77
CA LEU A 432 -1.74 -15.81 19.26
C LEU A 432 -2.67 -16.58 20.20
N ASN A 433 -3.10 -17.77 19.79
CA ASN A 433 -4.08 -18.51 20.58
C ASN A 433 -3.46 -19.06 21.85
N GLU A 434 -2.15 -19.32 21.85
CA GLU A 434 -1.48 -19.68 23.08
C GLU A 434 -1.55 -18.52 24.08
N TYR A 435 -1.29 -17.30 23.62
CA TYR A 435 -1.39 -16.14 24.51
C TYR A 435 -2.82 -15.85 24.91
N ARG A 436 -3.80 -16.14 24.05
CA ARG A 436 -5.20 -15.97 24.46
C ARG A 436 -5.57 -16.95 25.56
N LYS A 437 -5.17 -18.22 25.44
CA LYS A 437 -5.43 -19.19 26.50
C LYS A 437 -4.68 -18.83 27.78
N ARG A 438 -3.47 -18.27 27.65
CA ARG A 438 -2.70 -17.88 28.82
C ARG A 438 -3.43 -16.82 29.64
N PHE A 439 -4.26 -16.00 29.00
CA PHE A 439 -4.99 -14.95 29.67
C PHE A 439 -6.49 -15.23 29.72
N SER A 440 -6.85 -16.51 29.78
CA SER A 440 -8.22 -16.96 30.04
C SER A 440 -9.19 -16.55 28.93
N LEU A 441 -8.69 -16.44 27.71
CA LEU A 441 -9.51 -16.06 26.57
C LEU A 441 -9.73 -17.27 25.66
N LYS A 442 -10.92 -17.33 25.07
CA LYS A 442 -11.29 -18.43 24.20
C LYS A 442 -10.52 -18.36 22.89
N PRO A 443 -9.88 -19.44 22.45
CA PRO A 443 -9.11 -19.38 21.20
C PRO A 443 -9.99 -19.05 20.00
N TYR A 444 -9.43 -18.29 19.05
CA TYR A 444 -10.11 -18.03 17.80
C TYR A 444 -10.11 -19.28 16.94
N THR A 445 -11.22 -19.51 16.24
CA THR A 445 -11.39 -20.72 15.43
C THR A 445 -11.25 -20.45 13.94
N SER A 446 -11.11 -19.19 13.54
CA SER A 446 -10.94 -18.84 12.14
C SER A 446 -10.38 -17.42 12.08
N PHE A 447 -9.80 -17.09 10.93
CA PHE A 447 -9.32 -15.73 10.73
C PHE A 447 -10.49 -14.74 10.66
N GLU A 448 -11.64 -15.18 10.17
CA GLU A 448 -12.80 -14.30 10.08
C GLU A 448 -13.32 -13.91 11.47
N GLU A 449 -13.29 -14.83 12.43
CA GLU A 449 -13.64 -14.45 13.79
C GLU A 449 -12.61 -13.48 14.36
N LEU A 450 -11.35 -13.64 13.99
CA LEU A 450 -10.30 -12.75 14.48
C LEU A 450 -10.53 -11.32 14.00
N THR A 451 -10.79 -11.14 12.69
CA THR A 451 -10.90 -9.81 12.13
C THR A 451 -12.32 -9.26 12.13
N GLY A 452 -13.33 -10.13 12.11
CA GLY A 452 -14.69 -9.68 11.99
C GLY A 452 -15.11 -9.24 10.61
N GLU A 453 -14.25 -9.40 9.61
CA GLU A 453 -14.57 -9.08 8.22
C GLU A 453 -14.00 -10.20 7.35
N LYS A 454 -13.96 -9.97 6.04
CA LYS A 454 -13.65 -11.05 5.11
C LYS A 454 -12.38 -10.83 4.30
N GLU A 455 -12.07 -9.61 3.89
CA GLU A 455 -10.94 -9.40 2.98
C GLU A 455 -9.60 -9.67 3.67
N MET A 456 -9.33 -8.98 4.78
CA MET A 456 -8.09 -9.20 5.51
C MET A 456 -7.99 -10.64 6.00
N ALA A 457 -9.12 -11.22 6.43
CA ALA A 457 -9.11 -12.60 6.90
C ALA A 457 -8.64 -13.56 5.81
N ALA A 458 -9.14 -13.37 4.59
CA ALA A 458 -8.75 -14.26 3.50
C ALA A 458 -7.28 -14.12 3.16
N GLU A 459 -6.77 -12.88 3.15
CA GLU A 459 -5.34 -12.67 2.97
C GLU A 459 -4.53 -13.36 4.06
N LEU A 460 -4.99 -13.25 5.31
CA LEU A 460 -4.31 -13.93 6.42
C LEU A 460 -4.41 -15.44 6.29
N LYS A 461 -5.54 -15.95 5.81
CA LYS A 461 -5.69 -17.39 5.67
C LYS A 461 -4.76 -17.94 4.60
N ALA A 462 -4.55 -17.19 3.51
CA ALA A 462 -3.60 -17.62 2.48
C ALA A 462 -2.17 -17.62 3.02
N LEU A 463 -1.87 -16.70 3.94
CA LEU A 463 -0.51 -16.58 4.46
C LEU A 463 -0.22 -17.62 5.54
N TYR A 464 -1.12 -17.75 6.52
CA TYR A 464 -0.86 -18.57 7.70
C TYR A 464 -1.49 -19.95 7.65
N SER A 465 -2.53 -20.16 6.82
CA SER A 465 -3.22 -21.43 6.67
C SER A 465 -3.99 -21.84 7.92
N ASP A 466 -3.31 -21.94 9.06
CA ASP A 466 -3.90 -22.42 10.30
C ASP A 466 -4.03 -21.24 11.27
N ILE A 467 -5.22 -21.08 11.84
CA ILE A 467 -5.45 -20.00 12.80
C ILE A 467 -4.57 -20.17 14.04
N ASP A 468 -4.28 -21.41 14.43
CA ASP A 468 -3.45 -21.67 15.61
C ASP A 468 -2.00 -21.26 15.40
N VAL A 469 -1.61 -20.86 14.20
CA VAL A 469 -0.25 -20.43 13.91
C VAL A 469 -0.17 -18.91 13.74
N MET A 470 -1.31 -18.23 13.67
CA MET A 470 -1.36 -16.77 13.68
C MET A 470 -0.50 -16.21 14.80
N GLU A 471 0.25 -15.14 14.50
CA GLU A 471 1.17 -14.54 15.44
C GLU A 471 0.47 -13.47 16.28
N LEU A 472 1.05 -13.20 17.45
CA LEU A 472 0.43 -12.28 18.41
C LEU A 472 0.43 -10.85 17.89
N TYR A 473 1.59 -10.33 17.48
CA TYR A 473 1.69 -8.92 17.13
C TYR A 473 0.80 -8.51 15.96
N PRO A 474 0.85 -9.15 14.79
CA PRO A 474 -0.07 -8.73 13.71
C PRO A 474 -1.53 -8.88 14.09
N ALA A 475 -1.86 -9.89 14.90
CA ALA A 475 -3.25 -10.12 15.28
C ALA A 475 -3.81 -8.96 16.09
N LEU A 476 -2.97 -8.29 16.88
CA LEU A 476 -3.46 -7.17 17.68
C LEU A 476 -3.88 -6.00 16.80
N LEU A 477 -3.20 -5.79 15.68
CA LEU A 477 -3.48 -4.65 14.83
C LEU A 477 -4.56 -4.93 13.78
N VAL A 478 -4.93 -6.20 13.58
CA VAL A 478 -6.00 -6.55 12.66
C VAL A 478 -7.27 -7.00 13.37
N GLU A 479 -7.23 -7.15 14.70
CA GLU A 479 -8.35 -7.70 15.43
C GLU A 479 -9.59 -6.83 15.26
N LYS A 480 -10.75 -7.49 15.25
CA LYS A 480 -12.02 -6.78 15.29
C LYS A 480 -12.07 -5.92 16.54
N PRO A 481 -12.24 -4.61 16.40
CA PRO A 481 -12.34 -3.77 17.60
C PRO A 481 -13.63 -4.07 18.35
N ARG A 482 -13.64 -3.71 19.64
CA ARG A 482 -14.90 -3.59 20.33
C ARG A 482 -15.74 -2.51 19.65
N PRO A 483 -17.07 -2.51 19.86
CA PRO A 483 -17.93 -1.54 19.14
C PRO A 483 -17.46 -0.10 19.31
N ASP A 484 -17.03 0.50 18.21
CA ASP A 484 -16.51 1.87 18.19
C ASP A 484 -15.35 2.06 19.18
N ALA A 485 -14.54 1.03 19.38
CA ALA A 485 -13.42 1.10 20.31
C ALA A 485 -12.09 1.10 19.55
N ILE A 486 -11.05 1.49 20.28
CA ILE A 486 -9.72 1.61 19.68
C ILE A 486 -9.03 0.26 19.60
N PHE A 487 -9.35 -0.67 20.50
CA PHE A 487 -8.67 -1.95 20.61
C PHE A 487 -9.66 -3.08 20.45
N GLY A 488 -9.13 -4.27 20.17
CA GLY A 488 -9.89 -5.50 20.30
C GLY A 488 -9.70 -6.12 21.69
N GLU A 489 -10.33 -7.28 21.86
CA GLU A 489 -10.32 -7.95 23.17
C GLU A 489 -8.91 -8.34 23.60
N THR A 490 -8.10 -8.86 22.67
CA THR A 490 -6.79 -9.37 23.03
C THR A 490 -5.91 -8.28 23.60
N MET A 491 -5.92 -7.10 22.98
CA MET A 491 -5.12 -5.98 23.47
C MET A 491 -5.47 -5.64 24.91
N VAL A 492 -6.77 -5.52 25.20
CA VAL A 492 -7.21 -5.11 26.54
C VAL A 492 -6.90 -6.20 27.56
N GLU A 493 -7.24 -7.45 27.23
CA GLU A 493 -7.19 -8.51 28.23
C GLU A 493 -5.77 -8.99 28.51
N LEU A 494 -4.86 -8.86 27.54
CA LEU A 494 -3.47 -9.16 27.81
C LEU A 494 -2.74 -7.96 28.41
N GLY A 495 -3.08 -6.76 27.98
CA GLY A 495 -2.33 -5.58 28.37
C GLY A 495 -2.70 -4.96 29.70
N ALA A 496 -3.99 -5.02 30.05
CA ALA A 496 -4.42 -4.44 31.33
C ALA A 496 -3.75 -5.07 32.54
N PRO A 497 -3.54 -6.39 32.62
CA PRO A 497 -2.81 -6.92 33.79
C PRO A 497 -1.39 -6.40 33.91
N PHE A 498 -0.63 -6.39 32.80
CA PHE A 498 0.72 -5.83 32.85
C PHE A 498 0.68 -4.36 33.26
N SER A 499 -0.33 -3.62 32.79
CA SER A 499 -0.37 -2.18 33.01
C SER A 499 -0.60 -1.84 34.48
N LEU A 500 -1.60 -2.46 35.11
CA LEU A 500 -1.92 -2.14 36.50
C LEU A 500 -0.88 -2.72 37.47
N LYS A 501 -0.28 -3.85 37.12
CA LYS A 501 0.84 -4.37 37.91
C LYS A 501 1.98 -3.38 37.92
N GLY A 502 2.35 -2.85 36.76
CA GLY A 502 3.36 -1.81 36.69
C GLY A 502 3.01 -0.58 37.51
N LEU A 503 1.74 -0.17 37.49
CA LEU A 503 1.34 1.04 38.21
C LEU A 503 1.19 0.79 39.71
N MET A 504 0.48 -0.27 40.09
CA MET A 504 0.24 -0.52 41.51
C MET A 504 1.42 -1.22 42.19
N GLY A 505 2.25 -1.93 41.44
CA GLY A 505 3.43 -2.60 41.99
C GLY A 505 4.50 -1.66 42.51
N ASN A 506 4.39 -0.37 42.24
CA ASN A 506 5.43 0.59 42.62
C ASN A 506 5.56 0.66 44.14
N PRO A 507 6.77 0.85 44.65
CA PRO A 507 6.94 0.95 46.11
C PRO A 507 6.15 2.08 46.77
N ILE A 508 5.94 3.21 46.07
CA ILE A 508 5.23 4.32 46.72
C ILE A 508 3.79 3.96 47.03
N CYS A 509 3.25 2.91 46.42
CA CYS A 509 1.90 2.45 46.69
C CYS A 509 1.82 1.50 47.90
N SER A 510 2.96 1.04 48.40
CA SER A 510 2.97 0.13 49.54
C SER A 510 2.62 0.88 50.81
N PRO A 511 2.09 0.18 51.82
CA PRO A 511 1.60 0.87 53.02
C PRO A 511 2.64 1.69 53.76
N GLN A 512 3.90 1.26 53.80
CA GLN A 512 4.90 2.06 54.50
C GLN A 512 5.32 3.30 53.74
N TYR A 513 5.02 3.37 52.44
CA TYR A 513 5.30 4.55 51.64
C TYR A 513 4.09 5.46 51.47
N TRP A 514 2.88 4.90 51.47
CA TRP A 514 1.68 5.66 51.11
C TRP A 514 1.16 6.39 52.36
N LYS A 515 1.86 7.47 52.71
CA LYS A 515 1.48 8.32 53.83
C LYS A 515 2.06 9.71 53.58
N PRO A 516 1.49 10.75 54.20
CA PRO A 516 1.88 12.12 53.84
C PRO A 516 3.35 12.44 54.04
N SER A 517 4.01 11.85 55.04
CA SER A 517 5.39 12.22 55.33
C SER A 517 6.36 11.73 54.26
N THR A 518 6.00 10.69 53.51
CA THR A 518 6.81 10.28 52.37
C THR A 518 6.94 11.41 51.35
N PHE A 519 5.92 12.24 51.24
CA PHE A 519 5.84 13.26 50.19
C PHE A 519 5.97 14.67 50.76
N GLY A 520 6.59 14.81 51.93
CA GLY A 520 6.79 16.11 52.54
C GLY A 520 5.61 16.67 53.29
N GLY A 521 4.62 15.85 53.62
CA GLY A 521 3.45 16.32 54.34
C GLY A 521 2.22 16.37 53.46
N GLU A 522 1.14 16.87 54.06
CA GLU A 522 -0.17 16.86 53.41
C GLU A 522 -0.18 17.71 52.14
N VAL A 523 0.68 18.73 52.06
CA VAL A 523 0.72 19.55 50.85
C VAL A 523 1.28 18.75 49.69
N GLY A 524 2.39 18.05 49.90
CA GLY A 524 2.93 17.21 48.84
C GLY A 524 2.05 16.02 48.52
N PHE A 525 1.43 15.44 49.55
CA PHE A 525 0.50 14.33 49.36
C PHE A 525 -0.66 14.73 48.46
N LYS A 526 -1.14 15.97 48.60
CA LYS A 526 -2.32 16.41 47.87
C LYS A 526 -2.01 16.68 46.39
N ILE A 527 -0.77 17.09 46.08
CA ILE A 527 -0.37 17.23 44.68
C ILE A 527 -0.58 15.92 43.93
N ILE A 528 -0.17 14.81 44.54
CA ILE A 528 -0.40 13.49 43.93
C ILE A 528 -1.89 13.25 43.74
N ASN A 529 -2.67 13.43 44.81
CA ASN A 529 -4.04 12.98 44.84
C ASN A 529 -5.01 13.91 44.10
N THR A 530 -4.57 15.10 43.70
CA THR A 530 -5.37 15.98 42.86
C THR A 530 -4.84 16.09 41.43
N ALA A 531 -3.87 15.27 41.06
CA ALA A 531 -3.24 15.40 39.75
C ALA A 531 -4.20 14.99 38.64
N SER A 532 -4.06 15.65 37.50
CA SER A 532 -4.83 15.34 36.30
C SER A 532 -4.03 15.85 35.11
N ILE A 533 -4.36 15.35 33.92
CA ILE A 533 -3.68 15.86 32.74
C ILE A 533 -4.01 17.32 32.52
N GLN A 534 -5.21 17.75 32.91
CA GLN A 534 -5.58 19.16 32.77
C GLN A 534 -4.76 20.04 33.70
N SER A 535 -4.62 19.64 34.98
CA SER A 535 -3.87 20.45 35.92
C SER A 535 -2.38 20.41 35.62
N LEU A 536 -1.88 19.28 35.09
CA LEU A 536 -0.50 19.21 34.65
C LEU A 536 -0.19 20.30 33.63
N ILE A 537 -1.06 20.44 32.63
CA ILE A 537 -0.85 21.44 31.58
C ILE A 537 -1.10 22.85 32.12
N CYS A 538 -2.14 23.00 32.96
CA CYS A 538 -2.52 24.33 33.44
C CYS A 538 -1.42 24.95 34.29
N ASN A 539 -0.82 24.17 35.19
CA ASN A 539 0.18 24.72 36.08
C ASN A 539 1.50 25.03 35.39
N ASN A 540 1.76 24.45 34.22
CA ASN A 540 3.08 24.51 33.62
C ASN A 540 3.14 25.10 32.23
N VAL A 541 2.01 25.33 31.58
CA VAL A 541 1.98 25.84 30.21
C VAL A 541 1.32 27.21 30.22
N LYS A 542 1.99 28.20 29.61
CA LYS A 542 1.53 29.59 29.65
C LYS A 542 0.12 29.73 29.11
N GLY A 543 -0.72 30.48 29.82
CA GLY A 543 -2.10 30.70 29.45
C GLY A 543 -3.07 29.66 29.94
N CYS A 544 -2.58 28.58 30.56
CA CYS A 544 -3.42 27.48 31.00
C CYS A 544 -4.41 27.04 29.91
N PRO A 545 -3.92 26.55 28.78
CA PRO A 545 -4.84 26.12 27.73
C PRO A 545 -5.57 24.86 28.15
N PHE A 546 -6.82 24.75 27.71
CA PHE A 546 -7.59 23.54 27.94
C PHE A 546 -6.95 22.36 27.23
N THR A 547 -6.92 21.21 27.90
CA THR A 547 -6.41 20.00 27.27
C THR A 547 -7.20 18.80 27.78
N SER A 548 -6.98 17.68 27.10
CA SER A 548 -7.76 16.47 27.25
C SER A 548 -7.09 15.38 26.41
N PHE A 549 -7.45 14.13 26.70
CA PHE A 549 -6.97 13.01 25.90
C PHE A 549 -7.88 12.67 24.74
N ASN A 550 -8.96 13.42 24.52
CA ASN A 550 -9.85 13.21 23.39
C ASN A 550 -10.16 14.53 22.71
N VAL A 551 -10.39 14.46 21.40
CA VAL A 551 -10.82 15.65 20.66
C VAL A 551 -12.21 16.06 21.15
N GLN A 552 -12.44 17.37 21.17
CA GLN A 552 -13.70 17.89 21.69
C GLN A 552 -14.64 18.30 20.56
N ALA B 1 19.44 22.73 65.72
CA ALA B 1 19.68 21.67 64.75
C ALA B 1 18.40 21.01 64.30
N ASN B 2 18.52 19.83 63.71
CA ASN B 2 17.37 19.09 63.21
C ASN B 2 16.35 18.87 64.32
N PRO B 3 15.12 19.36 64.18
CA PRO B 3 14.12 19.17 65.25
C PRO B 3 13.68 17.73 65.45
N CYS B 4 14.04 16.81 64.56
CA CYS B 4 13.76 15.39 64.75
C CYS B 4 14.91 14.66 65.44
N CYS B 5 15.95 15.37 65.88
CA CYS B 5 17.14 14.74 66.45
C CYS B 5 16.83 13.95 67.73
N SER B 6 15.76 14.26 68.44
CA SER B 6 15.46 13.62 69.70
C SER B 6 14.58 12.38 69.54
N ASN B 7 14.34 11.95 68.30
CA ASN B 7 13.49 10.81 68.00
C ASN B 7 12.12 10.93 68.67
N PRO B 8 11.41 12.04 68.47
CA PRO B 8 10.21 12.28 69.29
C PRO B 8 9.05 11.36 68.97
N CYS B 9 8.94 10.86 67.74
CA CYS B 9 7.79 10.05 67.36
C CYS B 9 7.96 8.63 67.87
N GLN B 10 6.93 8.12 68.55
CA GLN B 10 6.94 6.79 69.12
C GLN B 10 6.08 5.84 68.29
N ASN B 11 6.25 4.54 68.53
CA ASN B 11 5.37 3.50 68.01
C ASN B 11 5.37 3.44 66.48
N ARG B 12 6.52 3.72 65.87
CA ARG B 12 6.83 3.59 64.45
C ARG B 12 6.21 4.70 63.61
N GLY B 13 5.75 5.79 64.23
CA GLY B 13 5.42 6.97 63.46
C GLY B 13 6.68 7.66 62.95
N GLU B 14 6.51 8.44 61.90
CA GLU B 14 7.63 9.05 61.20
C GLU B 14 7.73 10.53 61.53
N CYS B 15 8.96 10.99 61.78
CA CYS B 15 9.23 12.38 62.11
C CYS B 15 9.58 13.16 60.85
N MET B 16 8.99 14.34 60.71
CA MET B 16 9.30 15.24 59.61
C MET B 16 9.41 16.65 60.16
N SER B 17 10.48 17.35 59.77
CA SER B 17 10.62 18.74 60.17
C SER B 17 9.62 19.61 59.41
N THR B 18 8.98 20.53 60.12
CA THR B 18 8.06 21.50 59.53
C THR B 18 8.58 22.92 59.67
N GLY B 19 9.89 23.06 59.84
CA GLY B 19 10.50 24.34 60.12
C GLY B 19 11.87 24.10 60.71
N PHE B 20 12.53 25.21 61.05
CA PHE B 20 13.87 25.09 61.62
C PHE B 20 13.84 24.49 63.02
N ASP B 21 12.77 24.70 63.78
CA ASP B 21 12.76 24.25 65.17
C ASP B 21 11.45 23.57 65.56
N GLN B 22 10.73 23.00 64.59
CA GLN B 22 9.47 22.33 64.87
C GLN B 22 9.37 21.06 64.04
N TYR B 23 8.55 20.11 64.51
CA TYR B 23 8.40 18.82 63.86
C TYR B 23 6.94 18.41 63.84
N LYS B 24 6.65 17.39 63.04
CA LYS B 24 5.34 16.77 62.96
C LYS B 24 5.54 15.26 62.87
N CYS B 25 4.70 14.50 63.57
CA CYS B 25 4.74 13.05 63.51
C CYS B 25 3.61 12.55 62.61
N ASP B 26 3.94 11.62 61.71
CA ASP B 26 2.96 10.96 60.87
C ASP B 26 2.61 9.63 61.54
N CYS B 27 1.44 9.56 62.15
CA CYS B 27 1.02 8.38 62.91
C CYS B 27 0.20 7.41 62.06
N THR B 28 0.18 7.61 60.74
CA THR B 28 -0.60 6.76 59.83
C THR B 28 -0.39 5.28 60.08
N ARG B 29 -1.49 4.58 60.40
CA ARG B 29 -1.53 3.13 60.54
C ARG B 29 -0.64 2.60 61.65
N THR B 30 -0.22 3.47 62.58
CA THR B 30 0.53 2.98 63.74
C THR B 30 -0.37 2.43 64.83
N GLY B 31 -1.66 2.76 64.81
CA GLY B 31 -2.55 2.43 65.91
C GLY B 31 -2.55 3.43 67.03
N PHE B 32 -1.85 4.55 66.88
CA PHE B 32 -1.74 5.60 67.87
C PHE B 32 -2.00 6.94 67.22
N TYR B 33 -2.33 7.94 68.03
CA TYR B 33 -2.47 9.32 67.58
C TYR B 33 -1.86 10.24 68.64
N GLY B 34 -1.87 11.53 68.36
CA GLY B 34 -1.26 12.50 69.25
C GLY B 34 0.04 13.04 68.68
N GLU B 35 0.56 14.05 69.38
CA GLU B 35 1.72 14.80 68.88
C GLU B 35 2.91 13.89 68.59
N ASN B 36 3.17 12.88 69.43
CA ASN B 36 4.25 11.94 69.18
C ASN B 36 3.73 10.51 69.01
N CYS B 37 2.46 10.33 68.66
CA CYS B 37 1.87 9.00 68.42
C CYS B 37 1.96 8.11 69.67
N THR B 38 1.61 8.67 70.83
CA THR B 38 1.63 7.90 72.08
C THR B 38 0.25 7.63 72.64
N THR B 39 -0.81 8.22 72.07
CA THR B 39 -2.17 8.00 72.56
C THR B 39 -2.77 6.81 71.82
N PRO B 40 -2.99 5.67 72.48
CA PRO B 40 -3.43 4.48 71.75
C PRO B 40 -4.91 4.54 71.41
N GLU B 41 -5.24 4.08 70.21
CA GLU B 41 -6.63 3.85 69.84
C GLU B 41 -7.22 2.76 70.73
N PHE B 42 -8.56 2.67 70.71
CA PHE B 42 -9.24 1.72 71.59
C PHE B 42 -8.79 0.29 71.32
N LEU B 43 -8.79 -0.13 70.06
CA LEU B 43 -8.34 -1.48 69.72
C LEU B 43 -6.88 -1.69 70.10
N THR B 44 -6.06 -0.65 69.99
CA THR B 44 -4.66 -0.76 70.39
C THR B 44 -4.55 -1.01 71.89
N ARG B 45 -5.41 -0.38 72.70
CA ARG B 45 -5.40 -0.64 74.13
C ARG B 45 -5.70 -2.10 74.43
N ILE B 46 -6.61 -2.70 73.66
CA ILE B 46 -6.93 -4.12 73.84
C ILE B 46 -5.72 -4.99 73.53
N LYS B 47 -5.17 -4.83 72.32
CA LYS B 47 -4.02 -5.63 71.91
C LYS B 47 -2.87 -5.52 72.90
N LEU B 48 -2.60 -4.31 73.39
CA LEU B 48 -1.53 -4.11 74.37
C LEU B 48 -1.82 -4.88 75.66
N LEU B 49 -3.08 -4.90 76.08
CA LEU B 49 -3.42 -5.57 77.33
C LEU B 49 -3.23 -7.08 77.23
N LEU B 50 -3.56 -7.66 76.07
CA LEU B 50 -3.57 -9.11 75.93
C LEU B 50 -2.29 -9.69 75.36
N LYS B 51 -1.32 -8.88 74.93
CA LYS B 51 -0.14 -9.42 74.28
C LYS B 51 0.90 -9.84 75.30
N PRO B 52 1.30 -11.11 75.33
CA PRO B 52 2.37 -11.53 76.24
C PRO B 52 3.72 -10.95 75.82
N THR B 53 4.64 -10.89 76.79
CA THR B 53 5.98 -10.42 76.54
C THR B 53 6.83 -11.51 75.88
N PRO B 54 7.86 -11.12 75.12
CA PRO B 54 8.75 -12.14 74.52
C PRO B 54 9.35 -13.10 75.53
N ASN B 55 9.67 -12.64 76.74
CA ASN B 55 10.23 -13.54 77.74
C ASN B 55 9.19 -14.53 78.25
N THR B 56 7.93 -14.11 78.33
CA THR B 56 6.86 -15.05 78.69
C THR B 56 6.65 -16.09 77.60
N VAL B 57 6.62 -15.64 76.34
CA VAL B 57 6.47 -16.57 75.22
C VAL B 57 7.65 -17.54 75.16
N HIS B 58 8.84 -17.06 75.41
CA HIS B 58 10.01 -17.88 75.43
C HIS B 58 9.89 -18.97 76.44
N TYR B 59 9.47 -18.61 77.62
CA TYR B 59 9.30 -19.60 78.67
C TYR B 59 8.36 -20.72 78.23
N ILE B 60 7.25 -20.36 77.58
CA ILE B 60 6.26 -21.36 77.19
C ILE B 60 6.81 -22.25 76.09
N LEU B 61 7.55 -21.66 75.14
CA LEU B 61 8.08 -22.44 74.02
C LEU B 61 9.17 -23.41 74.45
N THR B 62 9.82 -23.15 75.58
CA THR B 62 10.92 -23.99 76.05
C THR B 62 10.55 -24.85 77.24
N HIS B 63 9.29 -24.83 77.67
CA HIS B 63 8.79 -25.70 78.73
C HIS B 63 7.55 -26.42 78.22
N PHE B 64 6.93 -27.20 79.10
CA PHE B 64 5.74 -28.00 78.77
C PHE B 64 6.06 -28.98 77.64
N LYS B 65 7.17 -29.71 77.79
CA LYS B 65 7.63 -30.60 76.73
C LYS B 65 6.55 -31.60 76.31
N GLY B 66 5.76 -32.07 77.28
CA GLY B 66 4.71 -33.02 76.95
C GLY B 66 3.66 -32.43 76.03
N VAL B 67 3.30 -31.16 76.26
CA VAL B 67 2.29 -30.51 75.42
C VAL B 67 2.83 -30.29 74.02
N TRP B 68 4.05 -29.76 73.91
CA TRP B 68 4.64 -29.54 72.59
C TRP B 68 4.81 -30.84 71.82
N ASN B 69 5.04 -31.95 72.52
CA ASN B 69 5.16 -33.24 71.83
C ASN B 69 3.84 -33.62 71.17
N ILE B 70 2.71 -33.29 71.80
CA ILE B 70 1.41 -33.56 71.19
C ILE B 70 1.20 -32.65 69.98
N VAL B 71 1.47 -31.35 70.15
CA VAL B 71 1.28 -30.39 69.07
C VAL B 71 2.12 -30.77 67.86
N ASN B 72 3.38 -31.15 68.08
CA ASN B 72 4.28 -31.46 66.97
C ASN B 72 3.78 -32.60 66.12
N ASN B 73 2.94 -33.48 66.68
CA ASN B 73 2.46 -34.66 65.98
C ASN B 73 1.04 -34.49 65.44
N ILE B 74 0.48 -33.29 65.56
CA ILE B 74 -0.81 -32.96 64.95
C ILE B 74 -0.55 -31.98 63.83
N PRO B 75 -0.47 -32.45 62.57
CA PRO B 75 -0.01 -31.56 61.49
C PRO B 75 -0.82 -30.29 61.34
N PHE B 76 -2.15 -30.37 61.46
CA PHE B 76 -2.97 -29.16 61.41
C PHE B 76 -2.52 -28.13 62.43
N LEU B 77 -2.25 -28.59 63.65
CA LEU B 77 -1.92 -27.66 64.74
C LEU B 77 -0.50 -27.13 64.59
N ARG B 78 0.46 -28.01 64.28
CA ARG B 78 1.83 -27.57 64.05
C ARG B 78 1.90 -26.56 62.91
N SER B 79 1.13 -26.80 61.83
CA SER B 79 1.08 -25.85 60.73
C SER B 79 0.54 -24.50 61.17
N LEU B 80 -0.51 -24.50 61.99
CA LEU B 80 -1.12 -23.25 62.44
C LEU B 80 -0.15 -22.43 63.28
N ILE B 81 0.61 -23.09 64.15
CA ILE B 81 1.55 -22.36 65.02
C ILE B 81 2.69 -21.78 64.19
N MET B 82 3.31 -22.61 63.34
CA MET B 82 4.41 -22.13 62.51
C MET B 82 3.97 -20.99 61.61
N LYS B 83 2.69 -21.00 61.19
CA LYS B 83 2.18 -19.92 60.35
C LYS B 83 2.17 -18.59 61.09
N TYR B 84 1.77 -18.60 62.37
CA TYR B 84 1.75 -17.36 63.13
C TYR B 84 3.15 -16.88 63.47
N VAL B 85 4.09 -17.81 63.66
CA VAL B 85 5.50 -17.42 63.76
C VAL B 85 5.92 -16.63 62.53
N LEU B 86 5.62 -17.17 61.34
CA LEU B 86 6.08 -16.55 60.10
C LEU B 86 5.47 -15.17 59.89
N THR B 87 4.16 -15.03 60.13
CA THR B 87 3.53 -13.77 59.80
C THR B 87 3.82 -12.70 60.85
N SER B 88 3.61 -13.03 62.13
CA SER B 88 3.82 -12.03 63.18
C SER B 88 5.25 -11.51 63.20
N ARG B 89 6.21 -12.28 62.68
CA ARG B 89 7.59 -11.82 62.63
C ARG B 89 7.79 -10.80 61.51
N SER B 90 7.34 -11.14 60.30
CA SER B 90 7.60 -10.32 59.12
C SER B 90 6.92 -8.95 59.15
N TYR B 91 5.89 -8.76 59.99
CA TYR B 91 5.28 -7.44 60.12
C TYR B 91 6.25 -6.40 60.66
N LEU B 92 7.31 -6.82 61.35
CA LEU B 92 8.29 -5.88 61.90
C LEU B 92 9.25 -5.32 60.84
N ILE B 93 9.21 -5.82 59.60
CA ILE B 93 10.16 -5.43 58.57
C ILE B 93 9.45 -4.56 57.53
N ASP B 94 10.10 -3.46 57.15
CA ASP B 94 9.63 -2.64 56.05
C ASP B 94 9.98 -3.32 54.74
N SER B 95 8.95 -3.72 53.98
CA SER B 95 9.15 -4.37 52.69
C SER B 95 8.05 -3.93 51.73
N PRO B 96 8.38 -3.19 50.66
CA PRO B 96 9.68 -2.69 50.17
C PRO B 96 10.49 -1.89 51.20
N PRO B 97 11.82 -1.90 51.09
CA PRO B 97 12.65 -1.28 52.12
C PRO B 97 12.59 0.24 52.06
N THR B 98 13.07 0.86 53.14
CA THR B 98 12.99 2.30 53.28
C THR B 98 14.37 2.95 53.36
N TYR B 99 14.90 3.09 54.57
CA TYR B 99 16.06 3.94 54.80
C TYR B 99 17.36 3.18 54.49
N ASN B 100 18.45 3.95 54.48
CA ASN B 100 19.81 3.41 54.45
C ASN B 100 20.74 4.41 55.13
N VAL B 101 22.04 4.18 55.03
CA VAL B 101 23.01 4.98 55.79
C VAL B 101 22.98 6.45 55.37
N HIS B 102 22.61 6.73 54.12
CA HIS B 102 22.63 8.10 53.62
C HIS B 102 21.26 8.77 53.60
N TYR B 103 20.18 8.03 53.84
CA TYR B 103 18.84 8.59 53.73
C TYR B 103 18.03 8.24 54.98
N GLY B 104 17.74 9.26 55.78
CA GLY B 104 16.84 9.20 56.91
C GLY B 104 15.40 9.48 56.57
N TYR B 105 15.13 9.70 55.29
CA TYR B 105 13.79 9.86 54.76
C TYR B 105 13.67 8.97 53.53
N LYS B 106 12.46 8.55 53.21
CA LYS B 106 12.27 7.69 52.04
C LYS B 106 12.59 8.47 50.77
N SER B 107 13.29 7.81 49.85
CA SER B 107 13.68 8.40 48.58
C SER B 107 13.82 7.29 47.55
N TRP B 108 13.67 7.66 46.27
CA TRP B 108 13.86 6.66 45.23
C TRP B 108 15.27 6.13 45.20
N GLU B 109 16.25 6.95 45.54
CA GLU B 109 17.63 6.49 45.57
C GLU B 109 17.81 5.40 46.63
N ALA B 110 17.23 5.61 47.81
CA ALA B 110 17.31 4.58 48.85
C ALA B 110 16.62 3.30 48.42
N PHE B 111 15.45 3.40 47.78
CA PHE B 111 14.74 2.18 47.38
C PHE B 111 15.49 1.43 46.29
N SER B 112 16.01 2.14 45.29
CA SER B 112 16.43 1.49 44.05
C SER B 112 17.90 1.12 44.00
N ASN B 113 18.76 1.77 44.79
CA ASN B 113 20.19 1.51 44.74
C ASN B 113 20.49 0.28 45.57
N LEU B 114 20.77 -0.84 44.90
CA LEU B 114 20.96 -2.14 45.55
C LEU B 114 22.32 -2.27 46.23
N SER B 115 23.23 -1.31 46.04
CA SER B 115 24.55 -1.40 46.65
C SER B 115 24.51 -1.10 48.14
N TYR B 116 23.42 -0.50 48.64
CA TYR B 116 23.27 -0.20 50.05
C TYR B 116 22.76 -1.40 50.83
N TYR B 117 23.23 -1.54 52.06
CA TYR B 117 22.43 -2.21 53.08
C TYR B 117 21.25 -1.31 53.41
N THR B 118 20.08 -1.91 53.64
CA THR B 118 18.98 -1.09 54.12
C THR B 118 19.07 -0.93 55.64
N ARG B 119 18.21 -0.10 56.20
CA ARG B 119 18.25 0.22 57.63
C ARG B 119 16.86 0.10 58.23
N ALA B 120 16.76 -0.61 59.36
CA ALA B 120 15.50 -0.72 60.07
C ALA B 120 15.13 0.58 60.78
N LEU B 121 16.12 1.36 61.20
CA LEU B 121 15.91 2.69 61.75
C LEU B 121 16.76 3.69 60.99
N PRO B 122 16.23 4.87 60.69
CA PRO B 122 17.01 5.88 59.97
C PRO B 122 18.23 6.27 60.78
N PRO B 123 19.29 6.75 60.11
CA PRO B 123 20.47 7.21 60.85
C PRO B 123 20.19 8.49 61.62
N VAL B 124 21.01 8.70 62.65
CA VAL B 124 20.99 9.98 63.35
C VAL B 124 21.51 11.05 62.42
N ALA B 125 20.77 12.14 62.28
CA ALA B 125 21.13 13.19 61.33
C ALA B 125 22.48 13.78 61.67
N ASP B 126 23.18 14.23 60.63
CA ASP B 126 24.58 14.64 60.78
C ASP B 126 24.74 15.78 61.78
N ASP B 127 23.78 16.71 61.82
CA ASP B 127 23.91 17.89 62.66
C ASP B 127 23.14 17.76 63.97
N CYS B 128 22.92 16.54 64.45
CA CYS B 128 22.40 16.37 65.79
C CYS B 128 23.49 16.68 66.81
N PRO B 129 23.13 17.28 67.95
CA PRO B 129 24.17 17.70 68.91
C PRO B 129 24.98 16.55 69.50
N THR B 130 24.39 15.38 69.70
CA THR B 130 25.08 14.24 70.26
C THR B 130 25.04 13.06 69.29
N PRO B 131 25.91 12.06 69.48
CA PRO B 131 25.90 10.92 68.55
C PRO B 131 24.59 10.15 68.52
N MET B 132 23.88 10.04 69.65
CA MET B 132 22.60 9.35 69.69
C MET B 132 21.42 10.27 69.43
N GLY B 133 21.66 11.55 69.19
CA GLY B 133 20.58 12.50 68.99
C GLY B 133 20.72 13.75 69.85
N VAL B 134 20.14 13.72 71.05
CA VAL B 134 20.24 14.83 71.97
C VAL B 134 20.81 14.35 73.31
N LYS B 135 20.64 13.07 73.60
CA LYS B 135 21.09 12.50 74.87
C LYS B 135 22.58 12.18 74.85
N GLY B 136 23.16 12.13 76.05
CA GLY B 136 24.55 11.75 76.22
C GLY B 136 25.54 12.88 76.04
N ASN B 137 26.82 12.55 76.24
CA ASN B 137 27.88 13.53 76.05
C ASN B 137 28.12 13.75 74.57
N LYS B 138 28.96 14.74 74.24
CA LYS B 138 29.17 15.05 72.84
C LYS B 138 29.87 13.93 72.09
N GLU B 139 30.60 13.07 72.80
CA GLU B 139 31.23 11.91 72.17
C GLU B 139 30.96 10.66 73.01
N LEU B 140 30.77 9.54 72.31
CA LEU B 140 30.54 8.27 72.95
C LEU B 140 31.82 7.77 73.61
N PRO B 141 31.72 6.80 74.52
CA PRO B 141 32.94 6.31 75.18
C PRO B 141 33.92 5.68 74.19
N ASP B 142 35.20 5.83 74.49
CA ASP B 142 36.27 5.18 73.74
C ASP B 142 35.93 3.72 73.46
N SER B 143 36.01 3.33 72.19
CA SER B 143 35.61 1.98 71.80
C SER B 143 36.58 0.95 72.34
N LYS B 144 37.89 1.26 72.34
CA LYS B 144 38.85 0.35 72.93
C LYS B 144 38.55 0.08 74.38
N GLU B 145 38.04 1.09 75.10
CA GLU B 145 37.72 0.90 76.52
C GLU B 145 36.48 0.04 76.70
N VAL B 146 35.44 0.28 75.89
CA VAL B 146 34.27 -0.59 75.92
C VAL B 146 34.67 -2.01 75.58
N LEU B 147 35.48 -2.19 74.54
CA LEU B 147 35.94 -3.51 74.13
C LEU B 147 36.63 -4.25 75.26
N GLU B 148 37.61 -3.60 75.91
CA GLU B 148 38.43 -4.29 76.90
C GLU B 148 37.65 -4.60 78.17
N LYS B 149 36.80 -3.67 78.62
CA LYS B 149 36.17 -3.85 79.91
C LYS B 149 35.00 -4.85 79.89
N VAL B 150 34.26 -4.98 78.79
CA VAL B 150 33.05 -5.81 78.85
C VAL B 150 32.93 -6.80 77.69
N LEU B 151 33.81 -6.73 76.70
CA LEU B 151 33.68 -7.63 75.55
C LEU B 151 34.76 -8.71 75.46
N LEU B 152 36.02 -8.37 75.74
CA LEU B 152 37.09 -9.34 75.55
C LEU B 152 36.99 -10.52 76.50
N ARG B 153 37.41 -11.68 76.00
CA ARG B 153 37.30 -12.93 76.74
C ARG B 153 38.40 -13.03 77.78
N ARG B 154 38.02 -13.34 79.03
CA ARG B 154 38.97 -13.73 80.05
C ARG B 154 39.11 -15.24 80.00
N GLU B 155 38.13 -15.93 80.55
CA GLU B 155 38.02 -17.38 80.48
C GLU B 155 37.00 -17.74 79.41
N PHE B 156 37.27 -18.81 78.67
CA PHE B 156 36.32 -19.27 77.67
C PHE B 156 35.00 -19.65 78.34
N ILE B 157 33.92 -19.03 77.90
CA ILE B 157 32.58 -19.33 78.41
C ILE B 157 31.87 -20.18 77.37
N PRO B 158 31.63 -21.47 77.63
CA PRO B 158 30.98 -22.32 76.63
C PRO B 158 29.49 -22.03 76.51
N ASP B 159 28.97 -22.26 75.33
CA ASP B 159 27.54 -22.10 75.10
C ASP B 159 26.76 -23.12 75.90
N PRO B 160 25.87 -22.71 76.79
CA PRO B 160 25.08 -23.69 77.54
C PRO B 160 24.10 -24.48 76.67
N GLN B 161 23.76 -23.97 75.49
CA GLN B 161 22.91 -24.70 74.56
C GLN B 161 23.66 -25.76 73.78
N GLY B 162 24.99 -25.83 73.93
CA GLY B 162 25.76 -26.90 73.36
C GLY B 162 26.17 -26.72 71.92
N SER B 163 26.06 -25.52 71.36
CA SER B 163 26.50 -25.28 69.98
C SER B 163 27.94 -25.73 69.78
N ASN B 164 28.18 -26.40 68.67
CA ASN B 164 29.52 -26.90 68.35
C ASN B 164 30.11 -26.09 67.19
N MET B 165 31.23 -26.58 66.65
CA MET B 165 31.91 -25.87 65.58
C MET B 165 31.28 -26.11 64.22
N MET B 166 30.57 -27.23 64.04
CA MET B 166 29.76 -27.40 62.85
C MET B 166 28.73 -26.30 62.73
N PHE B 167 28.14 -25.89 63.85
CA PHE B 167 27.16 -24.80 63.84
C PHE B 167 27.84 -23.46 63.58
N ALA B 168 28.94 -23.19 64.28
CA ALA B 168 29.60 -21.90 64.17
C ALA B 168 30.06 -21.65 62.73
N PHE B 169 30.66 -22.65 62.09
CA PHE B 169 31.13 -22.47 60.73
C PHE B 169 29.99 -22.53 59.72
N PHE B 170 28.90 -23.25 60.03
CA PHE B 170 27.72 -23.18 59.17
C PHE B 170 27.16 -21.77 59.18
N ALA B 171 27.03 -21.17 60.37
CA ALA B 171 26.55 -19.80 60.46
C ALA B 171 27.47 -18.85 59.71
N GLN B 172 28.79 -19.02 59.85
CA GLN B 172 29.72 -18.16 59.14
C GLN B 172 29.61 -18.36 57.62
N HIS B 173 29.57 -19.62 57.19
CA HIS B 173 29.44 -19.91 55.77
C HIS B 173 28.13 -19.39 55.21
N PHE B 174 27.03 -19.67 55.91
CA PHE B 174 25.70 -19.32 55.40
C PHE B 174 25.52 -17.81 55.34
N THR B 175 25.87 -17.09 56.40
CA THR B 175 25.63 -15.65 56.43
C THR B 175 26.51 -14.90 55.44
N HIS B 176 27.66 -15.44 55.08
CA HIS B 176 28.60 -14.69 54.25
C HIS B 176 28.24 -14.70 52.77
N GLN B 177 27.06 -15.19 52.39
CA GLN B 177 26.56 -14.93 51.06
C GLN B 177 25.77 -13.62 50.98
N PHE B 178 25.21 -13.14 52.10
CA PHE B 178 24.51 -11.86 52.09
C PHE B 178 25.13 -10.81 53.00
N PHE B 179 26.15 -11.15 53.79
CA PHE B 179 26.97 -10.14 54.46
C PHE B 179 28.31 -10.11 53.73
N LYS B 180 28.46 -9.14 52.81
CA LYS B 180 29.64 -8.98 51.99
C LYS B 180 29.90 -7.47 51.84
N THR B 181 30.36 -6.86 52.93
CA THR B 181 30.51 -5.40 52.97
C THR B 181 31.51 -4.92 51.92
N ASP B 182 31.12 -3.89 51.18
CA ASP B 182 31.95 -3.29 50.12
C ASP B 182 32.79 -2.20 50.76
N HIS B 183 33.99 -2.58 51.21
CA HIS B 183 34.85 -1.63 51.91
C HIS B 183 35.40 -0.54 51.01
N LYS B 184 35.38 -0.76 49.69
CA LYS B 184 35.76 0.30 48.76
C LYS B 184 34.79 1.48 48.82
N ARG B 185 33.55 1.23 49.25
CA ARG B 185 32.53 2.28 49.32
C ARG B 185 32.26 2.74 50.75
N GLY B 186 32.29 1.82 51.72
CA GLY B 186 31.97 2.15 53.09
C GLY B 186 31.19 1.04 53.77
N PRO B 187 31.08 1.09 55.10
CA PRO B 187 30.46 -0.03 55.82
C PRO B 187 28.97 -0.19 55.54
N GLY B 188 28.29 0.84 55.04
CA GLY B 188 26.87 0.74 54.76
C GLY B 188 26.57 0.21 53.37
N PHE B 189 27.57 -0.39 52.74
CA PHE B 189 27.45 -0.86 51.36
C PHE B 189 27.76 -2.35 51.29
N THR B 190 27.08 -3.04 50.36
CA THR B 190 27.20 -4.48 50.21
C THR B 190 27.54 -4.83 48.77
N ARG B 191 28.22 -5.95 48.59
CA ARG B 191 28.46 -6.53 47.28
C ARG B 191 27.54 -7.69 46.97
N GLY B 192 26.67 -8.07 47.91
CA GLY B 192 25.68 -9.10 47.65
C GLY B 192 24.40 -8.49 47.10
N LEU B 193 24.40 -8.20 45.81
CA LEU B 193 23.26 -7.53 45.19
C LEU B 193 22.01 -8.40 45.15
N GLY B 194 22.13 -9.71 45.41
CA GLY B 194 20.95 -10.55 45.55
C GLY B 194 20.22 -10.39 46.85
N HIS B 195 20.90 -9.84 47.87
CA HIS B 195 20.27 -9.50 49.15
C HIS B 195 19.52 -10.67 49.77
N GLY B 196 20.10 -11.87 49.69
CA GLY B 196 19.47 -13.00 50.34
C GLY B 196 20.14 -14.31 49.96
N VAL B 197 19.37 -15.38 50.09
CA VAL B 197 19.89 -16.73 49.93
C VAL B 197 19.86 -17.09 48.45
N ASP B 198 20.87 -16.61 47.72
CA ASP B 198 21.03 -16.95 46.31
C ASP B 198 22.19 -17.91 46.08
N LEU B 199 22.91 -18.27 47.15
CA LEU B 199 24.03 -19.20 47.08
C LEU B 199 25.14 -18.68 46.17
N ASN B 200 25.29 -17.35 46.09
CA ASN B 200 26.41 -16.78 45.36
C ASN B 200 27.74 -17.16 45.98
N HIS B 201 27.76 -17.55 47.25
CA HIS B 201 28.98 -18.01 47.88
C HIS B 201 29.41 -19.38 47.38
N ILE B 202 28.56 -20.06 46.62
CA ILE B 202 28.93 -21.28 45.92
C ILE B 202 29.11 -21.05 44.43
N TYR B 203 28.20 -20.29 43.82
CA TYR B 203 28.14 -20.13 42.37
C TYR B 203 28.76 -18.83 41.88
N GLY B 204 29.12 -17.93 42.76
CA GLY B 204 29.65 -16.65 42.32
C GLY B 204 28.59 -15.59 42.23
N GLU B 205 29.01 -14.34 42.49
CA GLU B 205 28.09 -13.20 42.43
C GLU B 205 27.79 -12.80 41.00
N THR B 206 28.75 -12.94 40.10
CA THR B 206 28.58 -12.53 38.71
C THR B 206 28.56 -13.75 37.79
N LEU B 207 27.93 -13.56 36.62
CA LEU B 207 27.86 -14.63 35.64
C LEU B 207 29.24 -15.03 35.16
N ASP B 208 30.15 -14.06 35.00
CA ASP B 208 31.50 -14.36 34.55
C ASP B 208 32.23 -15.25 35.56
N ARG B 209 32.07 -14.95 36.85
CA ARG B 209 32.66 -15.78 37.88
C ARG B 209 32.02 -17.17 37.90
N GLN B 210 30.70 -17.24 37.71
CA GLN B 210 30.01 -18.52 37.68
C GLN B 210 30.55 -19.43 36.58
N HIS B 211 30.74 -18.87 35.38
CA HIS B 211 31.18 -19.69 34.26
C HIS B 211 32.61 -20.19 34.45
N LYS B 212 33.46 -19.43 35.15
CA LYS B 212 34.80 -19.91 35.46
C LYS B 212 34.78 -21.06 36.45
N LEU B 213 33.74 -21.15 37.28
CA LEU B 213 33.60 -22.22 38.25
C LEU B 213 32.90 -23.44 37.69
N ARG B 214 32.28 -23.34 36.52
CA ARG B 214 31.47 -24.42 35.99
C ARG B 214 32.28 -25.33 35.08
N LEU B 215 31.89 -26.60 35.05
CA LEU B 215 32.48 -27.60 34.19
C LEU B 215 31.85 -27.63 32.81
N PHE B 216 30.61 -27.17 32.68
CA PHE B 216 29.85 -27.16 31.43
C PHE B 216 29.64 -28.56 30.87
N LYS B 217 29.71 -29.57 31.74
CA LYS B 217 29.26 -30.92 31.46
C LYS B 217 28.36 -31.38 32.60
N ASP B 218 27.15 -31.81 32.25
CA ASP B 218 26.21 -32.39 33.21
C ASP B 218 25.81 -31.39 34.30
N GLY B 219 25.92 -30.10 34.03
CA GLY B 219 25.51 -29.09 34.98
C GLY B 219 26.46 -28.88 36.14
N LYS B 220 27.60 -29.56 36.15
CA LYS B 220 28.43 -29.70 37.33
C LYS B 220 29.39 -28.53 37.48
N LEU B 221 29.88 -28.36 38.71
CA LEU B 221 30.96 -27.44 39.02
C LEU B 221 32.31 -28.13 38.89
N LYS B 222 33.31 -27.35 38.47
CA LYS B 222 34.69 -27.84 38.41
C LYS B 222 35.15 -28.32 39.77
N TYR B 223 36.03 -29.32 39.77
CA TYR B 223 36.58 -29.86 41.00
C TYR B 223 37.92 -30.53 40.70
N GLN B 224 38.63 -30.87 41.76
CA GLN B 224 39.85 -31.67 41.66
C GLN B 224 39.78 -32.82 42.65
N VAL B 225 40.53 -33.87 42.36
CA VAL B 225 40.64 -35.04 43.23
C VAL B 225 42.03 -35.06 43.83
N ILE B 226 42.08 -35.00 45.16
CA ILE B 226 43.33 -35.06 45.92
C ILE B 226 43.23 -36.23 46.88
N GLY B 227 44.09 -37.22 46.72
CA GLY B 227 44.05 -38.39 47.57
C GLY B 227 42.73 -39.12 47.53
N GLY B 228 42.12 -39.22 46.35
CA GLY B 228 40.85 -39.88 46.20
C GLY B 228 39.63 -39.07 46.62
N GLU B 229 39.81 -37.83 47.05
CA GLU B 229 38.74 -37.03 47.61
C GLU B 229 38.49 -35.81 46.73
N VAL B 230 37.22 -35.40 46.66
CA VAL B 230 36.80 -34.30 45.80
C VAL B 230 36.96 -32.99 46.56
N TYR B 231 37.72 -32.06 45.98
CA TYR B 231 37.96 -30.73 46.53
C TYR B 231 37.69 -29.67 45.48
N PRO B 232 37.55 -28.41 45.89
CA PRO B 232 37.31 -27.33 44.91
C PRO B 232 38.51 -27.16 44.00
N PRO B 233 38.31 -26.59 42.80
CA PRO B 233 39.44 -26.38 41.90
C PRO B 233 40.36 -25.28 42.40
N THR B 234 41.44 -25.01 41.67
CA THR B 234 42.43 -24.03 42.08
C THR B 234 42.24 -22.71 41.32
N VAL B 235 42.87 -21.68 41.86
CA VAL B 235 42.88 -20.37 41.18
C VAL B 235 43.60 -20.46 39.85
N LYS B 236 44.65 -21.29 39.78
CA LYS B 236 45.41 -21.46 38.55
C LYS B 236 44.56 -22.07 37.45
N ASP B 237 43.70 -23.03 37.81
CA ASP B 237 42.91 -23.75 36.79
C ASP B 237 41.70 -22.94 36.33
N THR B 238 41.12 -22.12 37.21
CA THR B 238 39.85 -21.47 36.94
C THR B 238 39.96 -19.98 36.63
N GLN B 239 40.99 -19.32 37.15
CA GLN B 239 41.20 -17.88 37.05
C GLN B 239 40.18 -17.06 37.84
N VAL B 240 39.45 -17.66 38.78
CA VAL B 240 38.59 -16.86 39.64
C VAL B 240 39.45 -16.26 40.73
N GLU B 241 39.20 -14.98 41.02
CA GLU B 241 40.00 -14.28 42.01
C GLU B 241 39.60 -14.69 43.42
N MET B 242 40.61 -14.98 44.24
CA MET B 242 40.43 -15.35 45.64
C MET B 242 41.39 -14.52 46.48
N ILE B 243 41.01 -14.34 47.74
CA ILE B 243 41.83 -13.57 48.67
C ILE B 243 42.73 -14.54 49.43
N TYR B 244 44.03 -14.47 49.16
CA TYR B 244 45.05 -15.32 49.78
C TYR B 244 46.30 -14.51 50.10
N PRO B 245 46.96 -14.79 51.21
CA PRO B 245 48.26 -14.17 51.46
C PRO B 245 49.25 -14.60 50.41
N PRO B 246 50.28 -13.78 50.16
CA PRO B 246 51.18 -14.05 49.02
C PRO B 246 51.94 -15.37 49.10
N HIS B 247 52.12 -15.95 50.28
CA HIS B 247 52.94 -17.14 50.44
C HIS B 247 52.19 -18.45 50.21
N ILE B 248 50.89 -18.40 49.94
CA ILE B 248 50.13 -19.65 49.80
C ILE B 248 50.50 -20.33 48.48
N PRO B 249 50.90 -21.60 48.50
CA PRO B 249 51.21 -22.29 47.24
C PRO B 249 49.98 -22.37 46.35
N GLU B 250 50.20 -22.21 45.04
CA GLU B 250 49.07 -22.13 44.11
C GLU B 250 48.26 -23.42 44.07
N ASN B 251 48.86 -24.56 44.41
CA ASN B 251 48.06 -25.78 44.52
C ASN B 251 47.15 -25.78 45.75
N LEU B 252 47.28 -24.79 46.63
CA LEU B 252 46.45 -24.68 47.82
C LEU B 252 45.52 -23.49 47.76
N GLN B 253 45.53 -22.72 46.67
CA GLN B 253 44.60 -21.60 46.49
C GLN B 253 43.31 -22.13 45.86
N PHE B 254 42.45 -22.66 46.72
CA PHE B 254 41.17 -23.17 46.28
C PHE B 254 40.25 -22.04 45.82
N ALA B 255 39.47 -22.31 44.77
CA ALA B 255 38.59 -21.32 44.17
C ALA B 255 37.15 -21.75 44.42
N VAL B 256 36.39 -20.91 45.10
CA VAL B 256 34.98 -21.13 45.39
C VAL B 256 34.23 -19.84 45.12
N GLY B 257 32.91 -19.90 45.28
CA GLY B 257 32.07 -18.75 44.94
C GLY B 257 32.44 -17.50 45.69
N GLN B 258 32.65 -17.63 47.00
CA GLN B 258 32.96 -16.49 47.86
C GLN B 258 34.47 -16.29 47.92
N GLU B 259 34.92 -15.06 47.66
CA GLU B 259 36.35 -14.81 47.49
C GLU B 259 37.14 -14.91 48.78
N VAL B 260 36.49 -14.85 49.96
CA VAL B 260 37.21 -14.87 51.22
C VAL B 260 37.18 -16.22 51.90
N PHE B 261 36.61 -17.26 51.28
CA PHE B 261 36.43 -18.53 51.96
C PHE B 261 37.71 -19.32 52.11
N GLY B 262 38.82 -18.87 51.53
CA GLY B 262 40.09 -19.45 51.90
C GLY B 262 40.64 -18.96 53.22
N LEU B 263 39.95 -18.01 53.86
CA LEU B 263 40.40 -17.46 55.13
C LEU B 263 40.48 -18.51 56.22
N VAL B 264 39.52 -19.43 56.25
CA VAL B 264 39.45 -20.42 57.33
C VAL B 264 39.11 -21.80 56.79
N PRO B 265 39.80 -22.85 57.23
CA PRO B 265 39.47 -24.21 56.78
C PRO B 265 38.04 -24.62 57.11
N GLY B 266 37.40 -23.99 58.10
CA GLY B 266 36.01 -24.31 58.40
C GLY B 266 35.04 -23.81 57.35
N LEU B 267 35.33 -22.65 56.76
CA LEU B 267 34.55 -22.20 55.61
C LEU B 267 34.82 -23.07 54.38
N MET B 268 36.09 -23.40 54.15
CA MET B 268 36.44 -24.26 53.02
C MET B 268 35.85 -25.66 53.17
N MET B 269 35.63 -26.11 54.41
CA MET B 269 34.99 -27.40 54.64
C MET B 269 33.57 -27.41 54.09
N TYR B 270 32.78 -26.40 54.44
CA TYR B 270 31.41 -26.33 53.95
C TYR B 270 31.34 -26.01 52.47
N ALA B 271 32.30 -25.21 51.97
CA ALA B 271 32.37 -24.95 50.54
C ALA B 271 32.59 -26.25 49.76
N THR B 272 33.38 -27.17 50.31
CA THR B 272 33.58 -28.45 49.66
C THR B 272 32.34 -29.33 49.77
N ILE B 273 31.70 -29.35 50.93
CA ILE B 273 30.49 -30.15 51.12
C ILE B 273 29.39 -29.72 50.15
N TRP B 274 29.22 -28.40 49.98
CA TRP B 274 28.16 -27.94 49.09
C TRP B 274 28.53 -28.07 47.62
N LEU B 275 29.82 -27.97 47.29
CA LEU B 275 30.25 -28.32 45.93
C LEU B 275 29.92 -29.77 45.62
N ARG B 276 30.28 -30.68 46.53
CA ARG B 276 29.92 -32.08 46.35
C ARG B 276 28.41 -32.26 46.22
N GLU B 277 27.64 -31.56 47.05
CA GLU B 277 26.18 -31.69 47.00
C GLU B 277 25.63 -31.22 45.67
N HIS B 278 26.18 -30.14 45.11
CA HIS B 278 25.70 -29.66 43.81
C HIS B 278 25.88 -30.73 42.74
N ASN B 279 27.07 -31.34 42.67
CA ASN B 279 27.32 -32.34 41.64
C ASN B 279 26.58 -33.64 41.92
N ARG B 280 26.33 -33.95 43.20
CA ARG B 280 25.51 -35.12 43.51
C ARG B 280 24.09 -34.95 42.97
N VAL B 281 23.51 -33.76 43.17
CA VAL B 281 22.18 -33.50 42.64
C VAL B 281 22.19 -33.49 41.11
N CYS B 282 23.31 -33.08 40.52
CA CYS B 282 23.45 -33.15 39.06
C CYS B 282 23.36 -34.59 38.57
N ASP B 283 23.98 -35.52 39.28
CA ASP B 283 23.87 -36.93 38.92
C ASP B 283 22.45 -37.41 39.04
N ILE B 284 21.75 -36.99 40.10
CA ILE B 284 20.36 -37.40 40.30
C ILE B 284 19.48 -36.87 39.18
N LEU B 285 19.64 -35.59 38.84
CA LEU B 285 18.80 -34.99 37.81
C LEU B 285 19.10 -35.55 36.43
N LYS B 286 20.37 -35.87 36.16
CA LYS B 286 20.71 -36.43 34.85
C LYS B 286 20.08 -37.81 34.67
N GLN B 287 20.04 -38.62 35.72
CA GLN B 287 19.39 -39.91 35.64
C GLN B 287 17.90 -39.76 35.39
N GLU B 288 17.27 -38.77 36.04
CA GLU B 288 15.85 -38.52 35.81
C GLU B 288 15.59 -37.93 34.43
N HIS B 289 16.51 -37.10 33.93
CA HIS B 289 16.32 -36.37 32.67
C HIS B 289 17.53 -36.56 31.78
N PRO B 290 17.68 -37.75 31.17
CA PRO B 290 18.76 -37.94 30.20
C PRO B 290 18.67 -36.98 29.02
N GLU B 291 17.50 -36.41 28.75
CA GLU B 291 17.29 -35.50 27.63
C GLU B 291 17.73 -34.07 27.93
N TRP B 292 18.18 -33.78 29.15
CA TRP B 292 18.49 -32.42 29.56
C TRP B 292 19.92 -32.04 29.19
N GLY B 293 20.12 -30.75 28.92
CA GLY B 293 21.44 -30.22 28.67
C GLY B 293 22.16 -29.78 29.93
N ASP B 294 23.43 -29.40 29.75
CA ASP B 294 24.24 -28.95 30.87
C ASP B 294 23.62 -27.74 31.57
N GLU B 295 23.12 -26.77 30.79
CA GLU B 295 22.62 -25.53 31.39
C GLU B 295 21.43 -25.78 32.29
N GLN B 296 20.46 -26.57 31.82
CA GLN B 296 19.28 -26.82 32.63
C GLN B 296 19.60 -27.66 33.87
N LEU B 297 20.55 -28.59 33.76
CA LEU B 297 20.97 -29.35 34.94
C LEU B 297 21.60 -28.44 35.99
N PHE B 298 22.46 -27.52 35.57
CA PHE B 298 23.09 -26.61 36.52
C PHE B 298 22.07 -25.72 37.21
N GLN B 299 21.17 -25.12 36.43
CA GLN B 299 20.22 -24.17 37.00
C GLN B 299 19.25 -24.86 37.94
N THR B 300 18.77 -26.05 37.57
CA THR B 300 17.84 -26.77 38.42
C THR B 300 18.52 -27.25 39.70
N SER B 301 19.77 -27.69 39.60
CA SER B 301 20.53 -28.05 40.79
C SER B 301 20.67 -26.86 41.73
N ARG B 302 20.97 -25.68 41.18
CA ARG B 302 21.11 -24.50 42.01
C ARG B 302 19.82 -24.17 42.74
N LEU B 303 18.68 -24.30 42.07
CA LEU B 303 17.40 -24.06 42.71
C LEU B 303 17.16 -25.06 43.83
N ILE B 304 17.58 -26.31 43.63
CA ILE B 304 17.39 -27.35 44.64
C ILE B 304 18.27 -27.07 45.86
N LEU B 305 19.54 -26.72 45.63
CA LEU B 305 20.43 -26.40 46.75
C LEU B 305 19.96 -25.16 47.51
N ILE B 306 19.36 -24.19 46.82
CA ILE B 306 18.74 -23.06 47.50
C ILE B 306 17.63 -23.56 48.43
N GLY B 307 16.81 -24.49 47.94
CA GLY B 307 15.76 -25.05 48.78
C GLY B 307 16.30 -25.83 49.97
N GLU B 308 17.30 -26.67 49.73
CA GLU B 308 17.94 -27.41 50.81
C GLU B 308 18.47 -26.46 51.89
N THR B 309 19.12 -25.37 51.46
CA THR B 309 19.69 -24.43 52.42
C THR B 309 18.61 -23.85 53.34
N ILE B 310 17.51 -23.38 52.76
CA ILE B 310 16.44 -22.81 53.56
C ILE B 310 15.85 -23.87 54.49
N LYS B 311 15.70 -25.10 53.99
CA LYS B 311 15.22 -26.20 54.81
C LYS B 311 16.13 -26.44 56.00
N ILE B 312 17.43 -26.57 55.76
CA ILE B 312 18.38 -26.85 56.84
C ILE B 312 18.43 -25.69 57.82
N VAL B 313 18.38 -24.46 57.31
CA VAL B 313 18.47 -23.29 58.19
C VAL B 313 17.29 -23.23 59.15
N ILE B 314 16.09 -23.54 58.67
CA ILE B 314 14.90 -23.40 59.52
C ILE B 314 14.76 -24.58 60.47
N GLU B 315 14.90 -25.80 59.95
CA GLU B 315 14.52 -26.99 60.72
C GLU B 315 15.67 -27.61 61.51
N ASP B 316 16.91 -27.28 61.21
CA ASP B 316 18.06 -27.69 62.01
C ASP B 316 18.72 -26.52 62.72
N TYR B 317 19.09 -25.50 61.95
CA TYR B 317 19.94 -24.41 62.43
C TYR B 317 19.16 -23.49 63.36
N VAL B 318 18.05 -22.94 62.88
CA VAL B 318 17.20 -22.11 63.75
C VAL B 318 16.59 -22.97 64.85
N GLN B 319 16.24 -24.22 64.54
CA GLN B 319 15.70 -25.12 65.55
C GLN B 319 16.65 -25.29 66.72
N HIS B 320 17.95 -25.39 66.44
CA HIS B 320 18.93 -25.62 67.50
C HIS B 320 19.07 -24.40 68.41
N LEU B 321 19.22 -23.24 67.79
CA LEU B 321 19.39 -21.95 68.42
C LEU B 321 18.26 -21.54 69.28
N SER B 322 17.12 -21.89 68.83
CA SER B 322 15.88 -21.46 69.48
C SER B 322 15.68 -22.16 70.82
N GLY B 323 16.08 -23.43 70.91
CA GLY B 323 15.81 -24.23 72.10
C GLY B 323 14.35 -24.58 72.31
N TYR B 324 13.49 -24.33 71.33
CA TYR B 324 12.07 -24.62 71.49
C TYR B 324 11.82 -26.12 71.47
N HIS B 325 10.78 -26.54 72.18
CA HIS B 325 10.29 -27.91 72.04
C HIS B 325 9.39 -28.03 70.81
N PHE B 326 8.76 -26.93 70.40
CA PHE B 326 8.03 -26.90 69.15
C PHE B 326 8.98 -27.11 67.97
N LYS B 327 8.54 -27.94 67.01
CA LYS B 327 9.35 -28.28 65.84
C LYS B 327 9.06 -27.28 64.73
N LEU B 328 9.99 -26.37 64.49
CA LEU B 328 9.86 -25.44 63.39
C LEU B 328 9.77 -26.19 62.06
N LYS B 329 9.19 -25.53 61.07
CA LYS B 329 8.85 -26.19 59.80
C LYS B 329 9.09 -25.24 58.63
N PHE B 330 9.80 -25.74 57.62
CA PHE B 330 9.93 -25.03 56.35
C PHE B 330 8.82 -25.51 55.42
N ASP B 331 7.80 -24.66 55.24
CA ASP B 331 6.66 -25.01 54.41
C ASP B 331 6.14 -23.72 53.77
N PRO B 332 6.60 -23.41 52.55
CA PRO B 332 6.13 -22.20 51.86
C PRO B 332 4.62 -22.10 51.72
N GLU B 333 3.92 -23.22 51.64
CA GLU B 333 2.47 -23.20 51.45
C GLU B 333 1.74 -22.50 52.60
N LEU B 334 2.37 -22.38 53.77
CA LEU B 334 1.71 -21.72 54.91
C LEU B 334 1.42 -20.25 54.65
N LEU B 335 2.14 -19.60 53.74
CA LEU B 335 1.96 -18.18 53.48
C LEU B 335 1.09 -17.91 52.25
N PHE B 336 0.61 -18.94 51.57
CA PHE B 336 -0.10 -18.74 50.31
C PHE B 336 -1.43 -18.02 50.50
N ASN B 337 -2.08 -18.19 51.65
CA ASN B 337 -3.30 -17.44 51.96
C ASN B 337 -3.02 -16.25 52.88
N GLN B 338 -1.75 -15.86 53.01
CA GLN B 338 -1.34 -14.75 53.85
C GLN B 338 -0.78 -13.61 53.00
N GLN B 339 -0.90 -12.39 53.53
CA GLN B 339 -0.19 -11.27 52.93
C GLN B 339 1.30 -11.37 53.24
N PHE B 340 2.13 -11.33 52.20
CA PHE B 340 3.56 -11.51 52.40
C PHE B 340 4.28 -11.08 51.13
N GLN B 341 5.37 -10.34 51.31
CA GLN B 341 6.17 -9.83 50.19
C GLN B 341 7.32 -10.79 49.91
N TYR B 342 7.31 -11.40 48.73
CA TYR B 342 8.40 -12.28 48.30
C TYR B 342 9.55 -11.44 47.75
N GLN B 343 10.20 -10.73 48.67
CA GLN B 343 11.38 -9.93 48.38
C GLN B 343 12.10 -9.67 49.68
N ASN B 344 13.35 -9.24 49.57
CA ASN B 344 14.15 -8.97 50.76
C ASN B 344 15.23 -7.96 50.41
N ARG B 345 15.61 -7.17 51.41
CA ARG B 345 16.74 -6.25 51.32
C ARG B 345 17.52 -6.39 52.63
N ILE B 346 18.81 -6.72 52.53
CA ILE B 346 19.59 -7.03 53.71
C ILE B 346 19.82 -5.76 54.52
N ALA B 347 19.50 -5.82 55.81
CA ALA B 347 19.62 -4.67 56.70
C ALA B 347 21.00 -4.61 57.33
N SER B 348 21.49 -3.37 57.50
CA SER B 348 22.76 -3.16 58.19
C SER B 348 22.70 -3.68 59.62
N GLU B 349 21.59 -3.44 60.31
CA GLU B 349 21.45 -3.92 61.69
C GLU B 349 21.47 -5.44 61.76
N PHE B 350 20.91 -6.12 60.76
CA PHE B 350 21.00 -7.57 60.71
C PHE B 350 22.45 -8.03 60.62
N ASN B 351 23.24 -7.34 59.80
CA ASN B 351 24.68 -7.60 59.74
C ASN B 351 25.32 -7.43 61.10
N THR B 352 24.95 -6.39 61.84
CA THR B 352 25.62 -6.08 63.10
C THR B 352 25.36 -7.14 64.16
N LEU B 353 24.11 -7.58 64.23
CA LEU B 353 23.57 -8.58 65.12
C LEU B 353 24.10 -9.97 64.89
N TYR B 354 24.57 -10.25 63.71
CA TYR B 354 25.10 -11.56 63.33
C TYR B 354 26.60 -11.67 63.57
N HIS B 355 27.22 -10.66 64.19
CA HIS B 355 28.64 -10.75 64.58
C HIS B 355 28.76 -11.65 65.80
N TRP B 356 28.74 -12.95 65.55
CA TRP B 356 28.75 -13.98 66.58
C TRP B 356 30.15 -14.51 66.89
N HIS B 357 31.15 -13.64 66.91
CA HIS B 357 32.53 -14.07 67.15
C HIS B 357 32.77 -14.70 68.52
N PRO B 358 31.96 -14.39 69.57
CA PRO B 358 32.07 -15.19 70.81
C PRO B 358 31.92 -16.69 70.61
N LEU B 359 31.36 -17.10 69.47
CA LEU B 359 31.25 -18.53 69.16
C LEU B 359 32.62 -19.19 69.08
N LEU B 360 33.64 -18.45 68.66
CA LEU B 360 34.92 -19.06 68.32
C LEU B 360 35.65 -19.50 69.58
N PRO B 361 36.28 -20.68 69.56
CA PRO B 361 37.06 -21.14 70.70
C PRO B 361 38.45 -20.49 70.67
N ASP B 362 39.25 -20.82 71.68
CA ASP B 362 40.61 -20.30 71.73
C ASP B 362 41.56 -21.14 70.89
N THR B 363 41.27 -22.42 70.72
CA THR B 363 42.00 -23.27 69.78
C THR B 363 40.99 -24.11 69.02
N PHE B 364 41.37 -24.52 67.82
CA PHE B 364 40.55 -25.40 66.99
C PHE B 364 41.10 -26.81 67.08
N ASN B 365 40.27 -27.73 67.57
CA ASN B 365 40.70 -29.09 67.93
C ASN B 365 40.26 -30.05 66.84
N ILE B 366 41.20 -30.48 66.01
CA ILE B 366 40.95 -31.41 64.92
C ILE B 366 41.76 -32.68 65.18
N GLU B 367 41.07 -33.80 65.37
CA GLU B 367 41.66 -35.07 65.78
C GLU B 367 42.40 -34.87 67.09
N ASP B 368 43.72 -35.02 67.14
CA ASP B 368 44.50 -34.85 68.35
C ASP B 368 45.20 -33.50 68.43
N GLN B 369 45.09 -32.69 67.39
CA GLN B 369 45.77 -31.40 67.34
C GLN B 369 44.89 -30.30 67.93
N GLU B 370 45.56 -29.24 68.40
CA GLU B 370 44.91 -27.99 68.79
C GLU B 370 45.64 -26.88 68.08
N TYR B 371 44.96 -26.21 67.15
CA TYR B 371 45.57 -25.16 66.34
C TYR B 371 45.23 -23.79 66.90
N SER B 372 46.25 -22.95 67.03
CA SER B 372 46.01 -21.56 67.35
C SER B 372 45.37 -20.84 66.16
N PHE B 373 44.83 -19.65 66.43
CA PHE B 373 44.31 -18.82 65.35
C PHE B 373 45.35 -18.60 64.27
N LYS B 374 46.60 -18.31 64.66
CA LYS B 374 47.66 -18.08 63.69
C LYS B 374 47.90 -19.33 62.85
N GLN B 375 47.87 -20.51 63.48
CA GLN B 375 48.06 -21.75 62.74
C GLN B 375 46.85 -22.07 61.86
N PHE B 376 45.65 -21.68 62.30
CA PHE B 376 44.42 -22.06 61.61
C PHE B 376 44.16 -21.21 60.37
N LEU B 377 44.31 -19.89 60.50
CA LEU B 377 43.87 -18.99 59.44
C LEU B 377 44.66 -19.22 58.16
N TYR B 378 43.93 -19.28 57.04
CA TYR B 378 44.50 -19.28 55.69
C TYR B 378 45.36 -20.51 55.43
N ASN B 379 45.07 -21.62 56.10
CA ASN B 379 45.87 -22.83 56.03
C ASN B 379 44.98 -24.01 55.65
N ASN B 380 44.78 -24.19 54.35
CA ASN B 380 43.93 -25.28 53.86
C ASN B 380 44.67 -26.60 53.77
N SER B 381 45.99 -26.61 53.94
CA SER B 381 46.70 -27.88 54.10
C SER B 381 46.19 -28.65 55.32
N ILE B 382 45.65 -27.92 56.31
CA ILE B 382 45.00 -28.57 57.44
C ILE B 382 43.83 -29.42 56.97
N LEU B 383 43.04 -28.89 56.03
CA LEU B 383 41.90 -29.62 55.53
C LEU B 383 42.34 -30.85 54.74
N LEU B 384 43.37 -30.71 53.90
CA LEU B 384 43.88 -31.86 53.15
C LEU B 384 44.55 -32.86 54.09
N GLU B 385 45.23 -32.37 55.13
CA GLU B 385 45.88 -33.27 56.09
C GLU B 385 44.89 -34.23 56.71
N HIS B 386 43.79 -33.71 57.26
CA HIS B 386 42.86 -34.53 58.02
C HIS B 386 41.68 -35.05 57.20
N GLY B 387 41.27 -34.34 56.16
CA GLY B 387 40.13 -34.74 55.39
C GLY B 387 38.81 -34.29 55.99
N LEU B 388 37.75 -34.38 55.18
CA LEU B 388 36.45 -33.86 55.59
C LEU B 388 35.85 -34.68 56.72
N THR B 389 36.00 -36.01 56.66
CA THR B 389 35.43 -36.89 57.69
C THR B 389 35.96 -36.54 59.07
N GLN B 390 37.28 -36.41 59.20
CA GLN B 390 37.87 -36.06 60.49
C GLN B 390 37.45 -34.66 60.91
N PHE B 391 37.31 -33.74 59.94
CA PHE B 391 36.85 -32.40 60.26
C PHE B 391 35.45 -32.42 60.86
N VAL B 392 34.53 -33.14 60.21
CA VAL B 392 33.14 -33.21 60.70
C VAL B 392 33.10 -33.82 62.09
N GLU B 393 33.81 -34.94 62.29
CA GLU B 393 33.80 -35.60 63.59
C GLU B 393 34.39 -34.71 64.68
N SER B 394 35.49 -34.02 64.37
CA SER B 394 36.12 -33.14 65.36
C SER B 394 35.24 -31.94 65.68
N PHE B 395 34.70 -31.29 64.64
CA PHE B 395 33.91 -30.08 64.86
C PHE B 395 32.54 -30.37 65.46
N THR B 396 32.03 -31.59 65.30
CA THR B 396 30.81 -31.96 66.01
C THR B 396 31.07 -32.08 67.51
N ARG B 397 32.29 -32.44 67.89
CA ARG B 397 32.62 -32.63 69.30
C ARG B 397 33.05 -31.34 70.01
N GLN B 398 33.57 -30.35 69.28
CA GLN B 398 34.13 -29.17 69.93
C GLN B 398 33.05 -28.15 70.21
N ILE B 399 32.94 -27.75 71.47
CA ILE B 399 31.92 -26.82 71.93
C ILE B 399 32.29 -25.39 71.54
N ALA B 400 31.26 -24.57 71.29
CA ALA B 400 31.44 -23.17 70.93
C ALA B 400 31.10 -22.25 72.09
N GLY B 401 31.48 -20.98 71.96
CA GLY B 401 31.30 -20.04 73.04
C GLY B 401 29.90 -19.45 73.12
N ARG B 402 29.55 -19.01 74.33
CA ARG B 402 28.32 -18.25 74.51
C ARG B 402 28.45 -16.84 73.95
N VAL B 403 27.41 -16.37 73.27
CA VAL B 403 27.46 -15.07 72.60
C VAL B 403 27.04 -13.94 73.53
N ALA B 404 25.86 -14.04 74.13
CA ALA B 404 25.47 -13.05 75.13
C ALA B 404 26.20 -13.32 76.43
N GLY B 405 25.89 -12.54 77.46
CA GLY B 405 26.44 -12.75 78.77
C GLY B 405 27.73 -12.02 79.07
N GLY B 406 28.39 -11.47 78.05
CA GLY B 406 29.55 -10.61 78.26
C GLY B 406 30.87 -11.34 78.23
N ARG B 407 31.92 -10.59 77.87
CA ARG B 407 33.32 -10.98 78.04
C ARG B 407 33.63 -12.35 77.45
N ASN B 408 33.25 -12.54 76.19
CA ASN B 408 33.56 -13.82 75.55
C ASN B 408 34.00 -13.65 74.09
N VAL B 409 34.46 -12.47 73.70
CA VAL B 409 35.05 -12.26 72.37
C VAL B 409 36.49 -12.72 72.41
N PRO B 410 36.90 -13.66 71.56
CA PRO B 410 38.30 -14.11 71.60
C PRO B 410 39.24 -12.98 71.21
N ILE B 411 40.36 -12.91 71.92
CA ILE B 411 41.28 -11.79 71.77
C ILE B 411 41.90 -11.77 70.38
N ALA B 412 41.94 -12.93 69.70
CA ALA B 412 42.51 -13.01 68.36
C ALA B 412 41.76 -12.13 67.37
N VAL B 413 40.47 -11.88 67.58
CA VAL B 413 39.69 -11.06 66.67
C VAL B 413 39.22 -9.78 67.35
N GLN B 414 40.04 -9.22 68.26
CA GLN B 414 39.61 -8.02 68.95
C GLN B 414 39.50 -6.82 68.01
N ALA B 415 40.29 -6.79 66.93
CA ALA B 415 40.18 -5.72 65.96
C ALA B 415 38.82 -5.73 65.26
N VAL B 416 38.23 -6.91 65.08
CA VAL B 416 36.93 -6.99 64.43
C VAL B 416 35.83 -6.45 65.34
N ALA B 417 35.91 -6.76 66.63
CA ALA B 417 34.90 -6.26 67.56
C ALA B 417 34.99 -4.74 67.73
N LYS B 418 36.21 -4.20 67.71
CA LYS B 418 36.35 -2.75 67.81
C LYS B 418 35.83 -2.05 66.56
N ALA B 419 36.06 -2.64 65.39
CA ALA B 419 35.53 -2.05 64.16
C ALA B 419 34.01 -2.10 64.12
N SER B 420 33.40 -3.13 64.72
CA SER B 420 31.95 -3.18 64.81
C SER B 420 31.42 -2.01 65.62
N ILE B 421 32.09 -1.68 66.73
CA ILE B 421 31.72 -0.49 67.49
C ILE B 421 31.96 0.77 66.65
N ASP B 422 33.18 0.89 66.11
CA ASP B 422 33.54 2.10 65.38
C ASP B 422 32.66 2.33 64.17
N GLN B 423 32.37 1.27 63.41
CA GLN B 423 31.58 1.43 62.19
C GLN B 423 30.10 1.61 62.49
N SER B 424 29.62 1.06 63.60
CA SER B 424 28.25 1.33 64.03
C SER B 424 28.05 2.81 64.29
N ARG B 425 29.06 3.46 64.86
CA ARG B 425 29.01 4.90 65.09
C ARG B 425 29.17 5.67 63.78
N GLU B 426 30.11 5.23 62.94
CA GLU B 426 30.32 5.85 61.64
C GLU B 426 29.03 5.86 60.81
N MET B 427 28.24 4.79 60.90
CA MET B 427 26.95 4.70 60.22
C MET B 427 25.82 5.38 60.97
N LYS B 428 26.11 6.02 62.10
CA LYS B 428 25.13 6.83 62.86
C LYS B 428 23.95 5.97 63.33
N TYR B 429 24.26 4.81 63.90
CA TYR B 429 23.22 3.97 64.51
C TYR B 429 22.52 4.69 65.64
N GLN B 430 21.21 4.52 65.73
CA GLN B 430 20.48 4.96 66.91
C GLN B 430 20.79 4.05 68.09
N SER B 431 20.27 4.43 69.26
CA SER B 431 20.63 3.79 70.52
C SER B 431 19.98 2.42 70.67
N LEU B 432 20.53 1.64 71.61
CA LEU B 432 19.97 0.34 71.94
C LEU B 432 18.48 0.42 72.24
N ASN B 433 18.07 1.38 73.07
CA ASN B 433 16.68 1.44 73.49
C ASN B 433 15.77 1.90 72.36
N GLU B 434 16.30 2.68 71.41
CA GLU B 434 15.54 3.01 70.22
C GLU B 434 15.22 1.76 69.40
N TYR B 435 16.24 0.90 69.19
CA TYR B 435 16.02 -0.33 68.45
C TYR B 435 15.12 -1.31 69.20
N ARG B 436 15.16 -1.30 70.54
CA ARG B 436 14.22 -2.13 71.29
C ARG B 436 12.78 -1.65 71.09
N LYS B 437 12.56 -0.33 71.14
CA LYS B 437 11.22 0.19 70.90
C LYS B 437 10.78 -0.07 69.46
N ARG B 438 11.73 -0.01 68.51
CA ARG B 438 11.42 -0.28 67.11
C ARG B 438 10.89 -1.70 66.91
N PHE B 439 11.30 -2.63 67.76
CA PHE B 439 10.87 -4.02 67.66
C PHE B 439 9.96 -4.44 68.80
N SER B 440 9.18 -3.49 69.31
CA SER B 440 8.11 -3.73 70.28
C SER B 440 8.64 -4.24 71.61
N LEU B 441 9.85 -3.84 71.98
CA LEU B 441 10.45 -4.25 73.25
C LEU B 441 10.50 -3.09 74.22
N LYS B 442 10.32 -3.42 75.49
CA LYS B 442 10.33 -2.43 76.56
C LYS B 442 11.75 -1.93 76.78
N PRO B 443 11.96 -0.61 76.81
CA PRO B 443 13.32 -0.09 76.99
C PRO B 443 13.91 -0.51 78.33
N TYR B 444 15.23 -0.73 78.33
CA TYR B 444 15.95 -0.98 79.57
C TYR B 444 16.04 0.31 80.39
N THR B 445 15.88 0.17 81.70
CA THR B 445 15.87 1.33 82.59
C THR B 445 17.16 1.48 83.38
N SER B 446 18.07 0.51 83.27
CA SER B 446 19.35 0.58 83.96
C SER B 446 20.29 -0.41 83.28
N PHE B 447 21.59 -0.20 83.50
CA PHE B 447 22.57 -1.14 82.99
C PHE B 447 22.46 -2.50 83.68
N GLU B 448 22.05 -2.51 84.95
CA GLU B 448 21.93 -3.77 85.67
C GLU B 448 20.79 -4.61 85.10
N GLU B 449 19.69 -3.99 84.68
CA GLU B 449 18.65 -4.74 83.99
C GLU B 449 19.14 -5.28 82.65
N LEU B 450 20.00 -4.53 81.98
CA LEU B 450 20.55 -4.98 80.70
C LEU B 450 21.39 -6.24 80.88
N THR B 451 22.31 -6.22 81.84
CA THR B 451 23.25 -7.33 82.01
C THR B 451 22.76 -8.41 82.97
N GLY B 452 21.88 -8.07 83.90
CA GLY B 452 21.47 -9.01 84.92
C GLY B 452 22.49 -9.26 86.01
N GLU B 453 23.60 -8.53 86.03
CA GLU B 453 24.62 -8.65 87.06
C GLU B 453 25.07 -7.25 87.45
N LYS B 454 26.19 -7.16 88.17
CA LYS B 454 26.60 -5.90 88.78
C LYS B 454 27.94 -5.37 88.29
N GLU B 455 28.91 -6.24 88.04
CA GLU B 455 30.26 -5.77 87.73
C GLU B 455 30.32 -5.12 86.35
N MET B 456 29.90 -5.84 85.31
CA MET B 456 29.90 -5.26 83.96
C MET B 456 28.98 -4.05 83.88
N ALA B 457 27.82 -4.13 84.54
CA ALA B 457 26.88 -3.00 84.53
C ALA B 457 27.52 -1.74 85.08
N ALA B 458 28.27 -1.86 86.18
CA ALA B 458 28.91 -0.70 86.77
C ALA B 458 29.97 -0.11 85.85
N GLU B 459 30.74 -0.97 85.18
CA GLU B 459 31.69 -0.49 84.18
C GLU B 459 30.98 0.25 83.05
N LEU B 460 29.86 -0.29 82.57
CA LEU B 460 29.12 0.36 81.51
C LEU B 460 28.52 1.69 81.97
N LYS B 461 28.08 1.76 83.23
CA LYS B 461 27.49 2.99 83.74
C LYS B 461 28.54 4.10 83.84
N ALA B 462 29.77 3.76 84.21
CA ALA B 462 30.84 4.75 84.20
C ALA B 462 31.16 5.22 82.79
N LEU B 463 30.99 4.35 81.79
CA LEU B 463 31.33 4.71 80.42
C LEU B 463 30.24 5.52 79.76
N TYR B 464 28.99 5.07 79.86
CA TYR B 464 27.90 5.66 79.09
C TYR B 464 27.04 6.63 79.90
N SER B 465 27.06 6.54 81.23
CA SER B 465 26.28 7.38 82.13
C SER B 465 24.79 7.12 82.04
N ASP B 466 24.23 7.25 80.83
CA ASP B 466 22.79 7.14 80.60
C ASP B 466 22.50 5.84 79.86
N ILE B 467 21.53 5.08 80.36
CA ILE B 467 21.16 3.83 79.68
C ILE B 467 20.62 4.11 78.29
N ASP B 468 19.95 5.25 78.11
CA ASP B 468 19.41 5.61 76.81
C ASP B 468 20.48 5.93 75.77
N VAL B 469 21.75 5.95 76.18
CA VAL B 469 22.85 6.21 75.27
C VAL B 469 23.65 4.94 74.96
N MET B 470 23.42 3.86 75.71
CA MET B 470 24.00 2.55 75.41
C MET B 470 23.81 2.17 73.95
N GLU B 471 24.86 1.63 73.36
CA GLU B 471 24.87 1.28 71.95
C GLU B 471 24.36 -0.14 71.71
N LEU B 472 23.89 -0.38 70.48
CA LEU B 472 23.27 -1.66 70.15
C LEU B 472 24.29 -2.80 70.18
N TYR B 473 25.40 -2.64 69.45
CA TYR B 473 26.31 -3.77 69.29
C TYR B 473 26.91 -4.25 70.60
N PRO B 474 27.52 -3.42 71.45
CA PRO B 474 28.02 -3.95 72.72
C PRO B 474 26.92 -4.52 73.60
N ALA B 475 25.72 -3.95 73.54
CA ALA B 475 24.63 -4.42 74.39
C ALA B 475 24.23 -5.85 74.06
N LEU B 476 24.34 -6.25 72.79
CA LEU B 476 23.96 -7.61 72.42
C LEU B 476 24.91 -8.63 73.03
N LEU B 477 26.19 -8.28 73.17
CA LEU B 477 27.19 -9.22 73.66
C LEU B 477 27.33 -9.20 75.18
N VAL B 478 26.75 -8.22 75.87
CA VAL B 478 26.75 -8.21 77.33
C VAL B 478 25.38 -8.50 77.93
N GLU B 479 24.34 -8.61 77.10
CA GLU B 479 22.98 -8.76 77.61
C GLU B 479 22.84 -10.01 78.45
N LYS B 480 21.98 -9.93 79.46
CA LYS B 480 21.58 -11.10 80.24
C LYS B 480 20.99 -12.15 79.31
N PRO B 481 21.56 -13.36 79.26
CA PRO B 481 20.98 -14.39 78.41
C PRO B 481 19.63 -14.85 78.96
N ARG B 482 18.83 -15.46 78.07
CA ARG B 482 17.72 -16.26 78.54
C ARG B 482 18.27 -17.43 79.36
N PRO B 483 17.44 -18.05 80.20
CA PRO B 483 17.96 -19.12 81.08
C PRO B 483 18.67 -20.23 80.33
N ASP B 484 19.98 -20.34 80.56
CA ASP B 484 20.83 -21.31 79.89
C ASP B 484 20.76 -21.21 78.36
N ALA B 485 20.59 -20.00 77.84
CA ALA B 485 20.51 -19.77 76.41
C ALA B 485 21.75 -19.04 75.91
N ILE B 486 21.93 -19.07 74.59
CA ILE B 486 23.11 -18.47 73.97
C ILE B 486 22.94 -16.96 73.80
N PHE B 487 21.70 -16.48 73.68
CA PHE B 487 21.40 -15.08 73.38
C PHE B 487 20.52 -14.48 74.47
N GLY B 488 20.49 -13.14 74.49
CA GLY B 488 19.49 -12.41 75.23
C GLY B 488 18.28 -12.07 74.38
N GLU B 489 17.34 -11.34 74.98
CA GLU B 489 16.08 -11.03 74.32
C GLU B 489 16.29 -10.17 73.08
N THR B 490 17.19 -9.17 73.16
CA THR B 490 17.35 -8.23 72.06
C THR B 490 17.83 -8.93 70.79
N MET B 491 18.79 -9.83 70.92
CA MET B 491 19.29 -10.57 69.77
C MET B 491 18.16 -11.34 69.07
N VAL B 492 17.35 -12.06 69.84
CA VAL B 492 16.31 -12.90 69.24
C VAL B 492 15.22 -12.02 68.61
N GLU B 493 14.75 -11.01 69.33
CA GLU B 493 13.56 -10.29 68.88
C GLU B 493 13.87 -9.32 67.74
N LEU B 494 15.11 -8.84 67.64
CA LEU B 494 15.47 -8.04 66.47
C LEU B 494 15.89 -8.92 65.30
N GLY B 495 16.58 -10.03 65.58
CA GLY B 495 17.17 -10.81 64.51
C GLY B 495 16.24 -11.80 63.85
N ALA B 496 15.31 -12.39 64.62
CA ALA B 496 14.40 -13.37 64.04
C ALA B 496 13.55 -12.78 62.90
N PRO B 497 13.03 -11.55 62.98
CA PRO B 497 12.28 -11.03 61.83
C PRO B 497 13.11 -10.89 60.57
N PHE B 498 14.33 -10.32 60.66
CA PHE B 498 15.21 -10.24 59.50
C PHE B 498 15.51 -11.64 58.96
N SER B 499 15.68 -12.61 59.85
CA SER B 499 16.12 -13.94 59.44
C SER B 499 15.06 -14.65 58.62
N LEU B 500 13.81 -14.65 59.11
CA LEU B 500 12.76 -15.37 58.42
C LEU B 500 12.31 -14.64 57.16
N LYS B 501 12.40 -13.32 57.15
CA LYS B 501 12.15 -12.56 55.92
C LYS B 501 13.14 -12.94 54.82
N GLY B 502 14.42 -13.00 55.16
CA GLY B 502 15.41 -13.45 54.20
C GLY B 502 15.14 -14.84 53.66
N LEU B 503 14.70 -15.75 54.54
CA LEU B 503 14.47 -17.14 54.12
C LEU B 503 13.16 -17.30 53.35
N MET B 504 12.05 -16.77 53.88
CA MET B 504 10.76 -16.96 53.23
C MET B 504 10.53 -15.97 52.09
N GLY B 505 11.21 -14.83 52.10
CA GLY B 505 11.10 -13.86 51.01
C GLY B 505 11.64 -14.34 49.68
N ASN B 506 12.33 -15.48 49.67
CA ASN B 506 12.97 -15.98 48.47
C ASN B 506 11.94 -16.32 47.40
N PRO B 507 12.24 -16.07 46.12
CA PRO B 507 11.27 -16.41 45.05
C PRO B 507 10.88 -17.87 45.00
N ILE B 508 11.79 -18.80 45.33
CA ILE B 508 11.43 -20.22 45.22
C ILE B 508 10.33 -20.59 46.20
N CYS B 509 10.07 -19.75 47.21
CA CYS B 509 8.97 -19.98 48.14
C CYS B 509 7.65 -19.44 47.62
N SER B 510 7.67 -18.66 46.55
CA SER B 510 6.44 -18.09 46.02
C SER B 510 5.60 -19.17 45.32
N PRO B 511 4.28 -18.98 45.25
CA PRO B 511 3.41 -20.05 44.71
C PRO B 511 3.73 -20.48 43.28
N GLN B 512 4.17 -19.57 42.42
CA GLN B 512 4.49 -20.00 41.06
C GLN B 512 5.81 -20.75 40.97
N TYR B 513 6.65 -20.67 41.99
CA TYR B 513 7.89 -21.44 42.04
C TYR B 513 7.76 -22.73 42.85
N TRP B 514 6.92 -22.76 43.88
CA TRP B 514 6.91 -23.88 44.83
C TRP B 514 6.02 -24.99 44.29
N LYS B 515 6.57 -25.73 43.33
CA LYS B 515 5.90 -26.87 42.72
C LYS B 515 6.97 -27.79 42.15
N PRO B 516 6.67 -29.08 41.98
CA PRO B 516 7.73 -30.04 41.63
C PRO B 516 8.47 -29.74 40.33
N SER B 517 7.81 -29.15 39.33
CA SER B 517 8.47 -28.96 38.04
C SER B 517 9.55 -27.89 38.07
N THR B 518 9.49 -26.95 39.03
CA THR B 518 10.58 -26.00 39.21
C THR B 518 11.88 -26.72 39.53
N PHE B 519 11.80 -27.86 40.19
CA PHE B 519 12.96 -28.56 40.71
C PHE B 519 13.21 -29.87 39.96
N GLY B 520 12.71 -29.97 38.73
CA GLY B 520 12.91 -31.16 37.92
C GLY B 520 11.97 -32.30 38.21
N GLY B 521 10.87 -32.05 38.91
CA GLY B 521 9.92 -33.11 39.24
C GLY B 521 9.98 -33.47 40.71
N GLU B 522 9.20 -34.51 41.04
CA GLU B 522 9.05 -34.92 42.44
C GLU B 522 10.36 -35.40 43.05
N VAL B 523 11.30 -35.89 42.23
CA VAL B 523 12.56 -36.36 42.77
C VAL B 523 13.41 -35.19 43.28
N GLY B 524 13.52 -34.12 42.48
CA GLY B 524 14.23 -32.94 42.93
C GLY B 524 13.49 -32.23 44.06
N PHE B 525 12.16 -32.19 43.97
CA PHE B 525 11.35 -31.58 45.02
C PHE B 525 11.58 -32.25 46.37
N LYS B 526 11.78 -33.57 46.37
CA LYS B 526 11.92 -34.31 47.62
C LYS B 526 13.29 -34.08 48.26
N ILE B 527 14.31 -33.83 47.43
CA ILE B 527 15.64 -33.49 47.97
C ILE B 527 15.53 -32.27 48.88
N ILE B 528 14.79 -31.24 48.44
CA ILE B 528 14.56 -30.07 49.26
C ILE B 528 13.83 -30.46 50.55
N ASN B 529 12.73 -31.20 50.41
CA ASN B 529 11.82 -31.42 51.53
C ASN B 529 12.30 -32.48 52.51
N THR B 530 13.35 -33.24 52.17
CA THR B 530 13.97 -34.18 53.10
C THR B 530 15.36 -33.73 53.55
N ALA B 531 15.75 -32.50 53.25
CA ALA B 531 17.11 -32.05 53.55
C ALA B 531 17.30 -31.88 55.06
N SER B 532 18.51 -32.14 55.51
CA SER B 532 18.89 -31.95 56.90
C SER B 532 20.41 -31.80 56.94
N ILE B 533 20.91 -31.24 58.04
CA ILE B 533 22.36 -31.13 58.19
C ILE B 533 23.00 -32.51 58.24
N GLN B 534 22.30 -33.50 58.80
CA GLN B 534 22.85 -34.85 58.86
C GLN B 534 22.93 -35.47 57.47
N SER B 535 21.86 -35.33 56.67
CA SER B 535 21.86 -35.92 55.34
C SER B 535 22.80 -35.18 54.40
N LEU B 536 22.98 -33.87 54.60
CA LEU B 536 23.99 -33.12 53.85
C LEU B 536 25.36 -33.75 54.00
N ILE B 537 25.75 -34.04 55.25
CA ILE B 537 27.06 -34.63 55.51
C ILE B 537 27.09 -36.10 55.08
N CYS B 538 26.00 -36.82 55.33
CA CYS B 538 25.99 -38.26 55.05
C CYS B 538 26.16 -38.55 53.57
N ASN B 539 25.48 -37.79 52.71
CA ASN B 539 25.54 -38.05 51.28
C ASN B 539 26.86 -37.62 50.66
N ASN B 540 27.64 -36.77 51.32
CA ASN B 540 28.80 -36.16 50.68
C ASN B 540 30.12 -36.35 51.39
N VAL B 541 30.13 -36.86 52.61
CA VAL B 541 31.36 -37.05 53.37
C VAL B 541 31.57 -38.54 53.59
N LYS B 542 32.77 -39.02 53.26
CA LYS B 542 33.09 -40.44 53.29
C LYS B 542 32.82 -41.03 54.68
N GLY B 543 32.15 -42.18 54.70
CA GLY B 543 31.81 -42.85 55.94
C GLY B 543 30.53 -42.41 56.59
N CYS B 544 29.85 -41.39 56.06
CA CYS B 544 28.64 -40.84 56.65
C CYS B 544 28.82 -40.63 58.16
N PRO B 545 29.73 -39.75 58.57
CA PRO B 545 29.93 -39.54 60.01
C PRO B 545 28.72 -38.85 60.63
N PHE B 546 28.46 -39.19 61.89
CA PHE B 546 27.39 -38.52 62.60
C PHE B 546 27.73 -37.04 62.76
N THR B 547 26.72 -36.19 62.58
CA THR B 547 26.93 -34.77 62.80
C THR B 547 25.64 -34.17 63.36
N SER B 548 25.77 -32.95 63.85
CA SER B 548 24.73 -32.26 64.60
C SER B 548 25.22 -30.84 64.85
N PHE B 549 24.28 -29.96 65.20
CA PHE B 549 24.64 -28.60 65.56
C PHE B 549 24.92 -28.45 67.05
N ASN B 550 24.85 -29.54 67.82
CA ASN B 550 25.16 -29.49 69.24
C ASN B 550 26.08 -30.65 69.60
N VAL B 551 26.91 -30.43 70.62
CA VAL B 551 27.76 -31.49 71.16
C VAL B 551 26.90 -32.56 71.81
N GLN B 552 27.36 -33.81 71.72
CA GLN B 552 26.60 -34.93 72.24
C GLN B 552 27.19 -35.43 73.56
N ALA C 1 -29.43 37.84 -52.26
CA ALA C 1 -29.26 37.92 -50.81
C ALA C 1 -27.83 37.52 -50.43
N ASN C 2 -27.57 36.21 -50.41
CA ASN C 2 -26.22 35.70 -50.20
C ASN C 2 -25.27 36.33 -51.21
N PRO C 3 -24.23 37.07 -50.76
CA PRO C 3 -23.30 37.70 -51.72
C PRO C 3 -22.47 36.71 -52.51
N CYS C 4 -22.47 35.42 -52.17
CA CYS C 4 -21.79 34.41 -52.95
C CYS C 4 -22.69 33.76 -53.99
N CYS C 5 -23.92 34.25 -54.16
CA CYS C 5 -24.90 33.62 -55.04
C CYS C 5 -24.46 33.58 -56.50
N SER C 6 -23.58 34.46 -56.93
CA SER C 6 -23.19 34.53 -58.34
C SER C 6 -21.97 33.67 -58.66
N ASN C 7 -21.51 32.86 -57.71
CA ASN C 7 -20.33 32.02 -57.87
C ASN C 7 -19.11 32.83 -58.32
N PRO C 8 -18.76 33.90 -57.61
CA PRO C 8 -17.75 34.82 -58.14
C PRO C 8 -16.33 34.25 -58.16
N CYS C 9 -15.98 33.34 -57.25
CA CYS C 9 -14.62 32.85 -57.16
C CYS C 9 -14.36 31.81 -58.24
N GLN C 10 -13.27 31.98 -58.97
CA GLN C 10 -12.90 31.08 -60.06
C GLN C 10 -11.74 30.17 -59.64
N ASN C 11 -11.53 29.12 -60.43
CA ASN C 11 -10.32 28.29 -60.36
C ASN C 11 -10.21 27.55 -59.03
N ARG C 12 -11.36 27.17 -58.46
CA ARG C 12 -11.52 26.32 -57.28
C ARG C 12 -11.23 27.06 -55.98
N GLY C 13 -11.17 28.39 -56.01
CA GLY C 13 -11.17 29.14 -54.77
C GLY C 13 -12.54 29.12 -54.13
N GLU C 14 -12.57 29.40 -52.83
CA GLU C 14 -13.78 29.28 -52.04
C GLU C 14 -14.35 30.66 -51.71
N CYS C 15 -15.67 30.79 -51.83
CA CYS C 15 -16.37 32.04 -51.53
C CYS C 15 -16.87 32.02 -50.10
N MET C 16 -16.65 33.13 -49.39
CA MET C 16 -17.15 33.30 -48.03
C MET C 16 -17.72 34.70 -47.91
N SER C 17 -18.90 34.81 -47.33
CA SER C 17 -19.49 36.12 -47.09
C SER C 17 -18.74 36.83 -45.98
N THR C 18 -18.47 38.13 -46.18
CA THR C 18 -17.83 38.96 -45.18
C THR C 18 -18.77 40.07 -44.71
N GLY C 19 -20.06 39.87 -44.89
CA GLY C 19 -21.04 40.89 -44.61
C GLY C 19 -22.31 40.54 -45.35
N PHE C 20 -23.30 41.42 -45.22
CA PHE C 20 -24.58 41.16 -45.88
C PHE C 20 -24.47 41.27 -47.40
N ASP C 21 -23.58 42.12 -47.90
CA ASP C 21 -23.50 42.37 -49.35
C ASP C 21 -22.08 42.38 -49.87
N GLN C 22 -21.16 41.68 -49.21
CA GLN C 22 -19.77 41.62 -49.63
C GLN C 22 -19.24 40.22 -49.45
N TYR C 23 -18.21 39.87 -50.23
CA TYR C 23 -17.64 38.53 -50.19
C TYR C 23 -16.12 38.60 -50.23
N LYS C 24 -15.50 37.45 -49.93
CA LYS C 24 -14.06 37.27 -50.04
C LYS C 24 -13.79 35.90 -50.66
N CYS C 25 -12.80 35.83 -51.53
CA CYS C 25 -12.39 34.57 -52.14
C CYS C 25 -11.12 34.08 -51.46
N ASP C 26 -11.10 32.80 -51.10
CA ASP C 26 -9.92 32.14 -50.57
C ASP C 26 -9.23 31.44 -51.72
N CYS C 27 -8.12 32.01 -52.20
CA CYS C 27 -7.41 31.50 -53.35
C CYS C 27 -6.29 30.54 -52.96
N THR C 28 -6.24 30.11 -51.71
CA THR C 28 -5.18 29.25 -51.20
C THR C 28 -4.94 28.05 -52.11
N ARG C 29 -3.70 27.93 -52.61
CA ARG C 29 -3.22 26.78 -53.37
C ARG C 29 -3.98 26.56 -54.68
N THR C 30 -4.71 27.55 -55.18
CA THR C 30 -5.35 27.42 -56.48
C THR C 30 -4.39 27.70 -57.62
N GLY C 31 -3.26 28.35 -57.37
CA GLY C 31 -2.40 28.83 -58.42
C GLY C 31 -2.80 30.18 -58.96
N PHE C 32 -3.79 30.84 -58.37
CA PHE C 32 -4.28 32.13 -58.81
C PHE C 32 -4.39 33.06 -57.61
N TYR C 33 -4.43 34.36 -57.88
CA TYR C 33 -4.68 35.36 -56.86
C TYR C 33 -5.59 36.42 -57.46
N GLY C 34 -5.96 37.41 -56.64
CA GLY C 34 -6.88 38.45 -57.06
C GLY C 34 -8.25 38.27 -56.42
N GLU C 35 -9.10 39.28 -56.64
CA GLU C 35 -10.38 39.35 -55.96
C GLU C 35 -11.22 38.08 -56.15
N ASN C 36 -11.23 37.53 -57.37
CA ASN C 36 -11.94 36.28 -57.61
C ASN C 36 -11.00 35.15 -58.06
N CYS C 37 -9.71 35.24 -57.71
CA CYS C 37 -8.72 34.20 -58.03
C CYS C 37 -8.61 33.98 -59.55
N THR C 38 -8.51 35.07 -60.31
CA THR C 38 -8.37 34.97 -61.75
C THR C 38 -7.01 35.41 -62.27
N THR C 39 -6.15 35.97 -61.42
CA THR C 39 -4.83 36.40 -61.85
C THR C 39 -3.86 35.24 -61.66
N PRO C 40 -3.35 34.63 -62.72
CA PRO C 40 -2.52 33.43 -62.56
C PRO C 40 -1.11 33.76 -62.10
N GLU C 41 -0.59 32.91 -61.22
CA GLU C 41 0.82 32.96 -60.89
C GLU C 41 1.64 32.61 -62.13
N PHE C 42 2.94 32.91 -62.07
CA PHE C 42 3.81 32.72 -63.23
C PHE C 42 3.82 31.25 -63.66
N LEU C 43 4.04 30.34 -62.71
CA LEU C 43 4.04 28.92 -63.04
C LEU C 43 2.69 28.46 -63.58
N THR C 44 1.59 29.03 -63.07
CA THR C 44 0.27 28.70 -63.60
C THR C 44 0.13 29.12 -65.06
N ARG C 45 0.71 30.27 -65.42
CA ARG C 45 0.70 30.70 -66.82
C ARG C 45 1.41 29.68 -67.71
N ILE C 46 2.50 29.09 -67.22
CA ILE C 46 3.21 28.07 -67.97
C ILE C 46 2.34 26.84 -68.16
N LYS C 47 1.84 26.27 -67.06
CA LYS C 47 1.01 25.07 -67.12
C LYS C 47 -0.18 25.26 -68.05
N LEU C 48 -0.83 26.43 -67.98
CA LEU C 48 -1.96 26.70 -68.87
C LEU C 48 -1.54 26.73 -70.33
N LEU C 49 -0.36 27.28 -70.61
CA LEU C 49 0.11 27.37 -71.98
C LEU C 49 0.39 25.99 -72.58
N LEU C 50 0.94 25.09 -71.77
CA LEU C 50 1.41 23.79 -72.27
C LEU C 50 0.40 22.65 -72.11
N LYS C 51 -0.74 22.87 -71.46
CA LYS C 51 -1.66 21.76 -71.20
C LYS C 51 -2.58 21.56 -72.39
N PRO C 52 -2.57 20.37 -73.01
CA PRO C 52 -3.52 20.10 -74.09
C PRO C 52 -4.96 20.00 -73.58
N THR C 53 -5.90 20.20 -74.51
CA THR C 53 -7.31 20.08 -74.18
C THR C 53 -7.71 18.61 -74.14
N PRO C 54 -8.75 18.27 -73.38
CA PRO C 54 -9.23 16.87 -73.37
C PRO C 54 -9.57 16.32 -74.75
N ASN C 55 -10.12 17.16 -75.63
CA ASN C 55 -10.44 16.69 -76.98
C ASN C 55 -9.18 16.41 -77.79
N THR C 56 -8.12 17.18 -77.57
CA THR C 56 -6.84 16.85 -78.21
C THR C 56 -6.28 15.56 -77.66
N VAL C 57 -6.32 15.39 -76.33
CA VAL C 57 -5.85 14.15 -75.72
C VAL C 57 -6.67 12.96 -76.19
N HIS C 58 -7.99 13.13 -76.25
CA HIS C 58 -8.85 12.04 -76.73
C HIS C 58 -8.50 11.64 -78.15
N TYR C 59 -8.20 12.61 -79.01
CA TYR C 59 -7.80 12.28 -80.37
C TYR C 59 -6.55 11.42 -80.38
N ILE C 60 -5.56 11.77 -79.55
CA ILE C 60 -4.30 11.04 -79.55
C ILE C 60 -4.50 9.63 -79.01
N LEU C 61 -5.33 9.48 -77.98
CA LEU C 61 -5.53 8.18 -77.37
C LEU C 61 -6.29 7.21 -78.27
N THR C 62 -7.05 7.72 -79.23
CA THR C 62 -7.88 6.90 -80.10
C THR C 62 -7.36 6.80 -81.52
N HIS C 63 -6.20 7.39 -81.82
CA HIS C 63 -5.54 7.28 -83.11
C HIS C 63 -4.11 6.79 -82.88
N PHE C 64 -3.34 6.71 -83.97
CA PHE C 64 -1.96 6.25 -83.92
C PHE C 64 -1.88 4.82 -83.38
N LYS C 65 -2.71 3.94 -83.94
CA LYS C 65 -2.81 2.57 -83.42
C LYS C 65 -1.45 1.88 -83.37
N GLY C 66 -0.60 2.14 -84.36
CA GLY C 66 0.72 1.51 -84.36
C GLY C 66 1.58 1.92 -83.19
N VAL C 67 1.54 3.20 -82.81
CA VAL C 67 2.35 3.67 -81.70
C VAL C 67 1.86 3.07 -80.38
N TRP C 68 0.55 3.12 -80.15
CA TRP C 68 0.00 2.54 -78.92
C TRP C 68 0.28 1.05 -78.82
N ASN C 69 0.34 0.36 -79.96
CA ASN C 69 0.64 -1.07 -79.93
C ASN C 69 2.05 -1.33 -79.41
N ILE C 70 2.99 -0.44 -79.73
CA ILE C 70 4.35 -0.58 -79.19
C ILE C 70 4.36 -0.27 -77.70
N VAL C 71 3.72 0.84 -77.30
CA VAL C 71 3.68 1.23 -75.89
C VAL C 71 3.06 0.13 -75.04
N ASN C 72 1.96 -0.46 -75.51
CA ASN C 72 1.26 -1.48 -74.73
C ASN C 72 2.14 -2.69 -74.44
N ASN C 73 3.16 -2.93 -75.27
CA ASN C 73 4.03 -4.09 -75.12
C ASN C 73 5.35 -3.75 -74.46
N ILE C 74 5.52 -2.51 -73.98
CA ILE C 74 6.68 -2.12 -73.19
C ILE C 74 6.19 -1.84 -71.77
N PRO C 75 6.31 -2.81 -70.85
CA PRO C 75 5.66 -2.65 -69.53
C PRO C 75 6.07 -1.40 -68.77
N PHE C 76 7.36 -1.05 -68.77
CA PHE C 76 7.80 0.18 -68.13
C PHE C 76 7.01 1.38 -68.64
N LEU C 77 6.82 1.46 -69.96
CA LEU C 77 6.16 2.61 -70.56
C LEU C 77 4.67 2.58 -70.30
N ARG C 78 4.03 1.42 -70.50
CA ARG C 78 2.62 1.28 -70.20
C ARG C 78 2.34 1.58 -68.73
N SER C 79 3.20 1.10 -67.83
CA SER C 79 3.04 1.43 -66.41
C SER C 79 3.15 2.92 -66.17
N LEU C 80 4.10 3.58 -66.85
CA LEU C 80 4.28 5.01 -66.67
C LEU C 80 3.04 5.80 -67.11
N ILE C 81 2.44 5.40 -68.22
CA ILE C 81 1.27 6.11 -68.74
C ILE C 81 0.06 5.89 -67.83
N MET C 82 -0.21 4.64 -67.46
CA MET C 82 -1.34 4.36 -66.59
C MET C 82 -1.20 5.08 -65.25
N LYS C 83 0.03 5.29 -64.80
CA LYS C 83 0.25 6.01 -63.55
C LYS C 83 -0.21 7.46 -63.64
N TYR C 84 0.08 8.13 -64.76
CA TYR C 84 -0.33 9.52 -64.91
C TYR C 84 -1.84 9.64 -65.10
N VAL C 85 -2.46 8.65 -65.74
CA VAL C 85 -3.91 8.60 -65.78
C VAL C 85 -4.48 8.59 -64.37
N LEU C 86 -3.95 7.71 -63.51
CA LEU C 86 -4.51 7.54 -62.17
C LEU C 86 -4.33 8.81 -61.33
N THR C 87 -3.15 9.42 -61.37
CA THR C 87 -2.91 10.53 -60.46
C THR C 87 -3.58 11.81 -60.96
N SER C 88 -3.36 12.17 -62.22
CA SER C 88 -3.90 13.43 -62.73
C SER C 88 -5.42 13.46 -62.66
N ARG C 89 -6.05 12.31 -62.58
CA ARG C 89 -7.48 12.24 -62.50
C ARG C 89 -7.97 12.50 -61.10
N SER C 90 -7.35 11.83 -60.15
CA SER C 90 -7.76 11.92 -58.77
C SER C 90 -7.60 13.26 -58.13
N TYR C 91 -6.68 14.09 -58.61
CA TYR C 91 -6.53 15.42 -58.07
C TYR C 91 -7.77 16.31 -58.23
N LEU C 92 -8.68 15.96 -59.13
CA LEU C 92 -9.93 16.69 -59.28
C LEU C 92 -10.95 16.42 -58.18
N ILE C 93 -10.69 15.46 -57.29
CA ILE C 93 -11.63 15.07 -56.25
C ILE C 93 -11.13 15.57 -54.91
N ASP C 94 -12.03 16.16 -54.13
CA ASP C 94 -11.74 16.53 -52.74
C ASP C 94 -11.79 15.28 -51.89
N SER C 95 -10.66 14.89 -51.33
CA SER C 95 -10.61 13.70 -50.49
C SER C 95 -9.65 13.93 -49.34
N PRO C 96 -10.12 13.99 -48.08
CA PRO C 96 -11.48 13.80 -47.54
C PRO C 96 -12.54 14.72 -48.18
N PRO C 97 -13.79 14.25 -48.21
CA PRO C 97 -14.84 15.00 -48.93
C PRO C 97 -15.25 16.26 -48.19
N THR C 98 -15.96 17.13 -48.91
CA THR C 98 -16.34 18.43 -48.37
C THR C 98 -17.85 18.61 -48.29
N TYR C 99 -18.47 19.12 -49.36
CA TYR C 99 -19.84 19.59 -49.26
C TYR C 99 -20.84 18.44 -49.42
N ASN C 100 -22.11 18.75 -49.15
CA ASN C 100 -23.22 17.86 -49.46
C ASN C 100 -24.46 18.72 -49.70
N VAL C 101 -25.62 18.08 -49.82
CA VAL C 101 -26.83 18.79 -50.22
C VAL C 101 -27.22 19.86 -49.20
N HIS C 102 -26.87 19.67 -47.92
CA HIS C 102 -27.27 20.59 -46.88
C HIS C 102 -26.17 21.55 -46.45
N TYR C 103 -24.93 21.36 -46.88
CA TYR C 103 -23.82 22.20 -46.44
C TYR C 103 -23.03 22.69 -47.64
N GLY C 104 -23.12 23.99 -47.90
CA GLY C 104 -22.32 24.71 -48.88
C GLY C 104 -21.01 25.23 -48.34
N TYR C 105 -20.72 24.94 -47.07
CA TYR C 105 -19.46 25.24 -46.43
C TYR C 105 -19.00 23.97 -45.70
N LYS C 106 -17.69 23.85 -45.52
CA LYS C 106 -17.18 22.67 -44.83
C LYS C 106 -17.62 22.66 -43.37
N SER C 107 -18.01 21.48 -42.89
CA SER C 107 -18.46 21.32 -41.52
C SER C 107 -18.18 19.89 -41.09
N TRP C 108 -18.07 19.69 -39.77
CA TRP C 108 -17.87 18.33 -39.28
C TRP C 108 -19.06 17.44 -39.58
N GLU C 109 -20.27 18.02 -39.61
CA GLU C 109 -21.45 17.23 -39.95
C GLU C 109 -21.36 16.71 -41.38
N ALA C 110 -20.97 17.57 -42.31
CA ALA C 110 -20.81 17.14 -43.70
C ALA C 110 -19.75 16.06 -43.84
N PHE C 111 -18.62 16.21 -43.15
CA PHE C 111 -17.55 15.22 -43.28
C PHE C 111 -17.97 13.87 -42.69
N SER C 112 -18.62 13.88 -41.52
CA SER C 112 -18.75 12.68 -40.72
C SER C 112 -20.04 11.90 -40.95
N ASN C 113 -21.10 12.55 -41.44
CA ASN C 113 -22.38 11.87 -41.62
C ASN C 113 -22.33 11.10 -42.92
N LEU C 114 -22.21 9.77 -42.82
CA LEU C 114 -22.05 8.91 -43.99
C LEU C 114 -23.34 8.67 -44.76
N SER C 115 -24.47 9.13 -44.24
CA SER C 115 -25.75 8.94 -44.93
C SER C 115 -25.91 9.88 -46.12
N TYR C 116 -25.09 10.93 -46.21
CA TYR C 116 -25.15 11.85 -47.34
C TYR C 116 -24.36 11.33 -48.52
N TYR C 117 -24.84 11.63 -49.73
CA TYR C 117 -23.94 11.74 -50.86
C TYR C 117 -23.12 13.02 -50.68
N THR C 118 -21.85 12.97 -51.06
CA THR C 118 -21.06 14.19 -51.07
C THR C 118 -21.30 14.96 -52.36
N ARG C 119 -20.75 16.17 -52.43
CA ARG C 119 -20.98 17.06 -53.57
C ARG C 119 -19.66 17.66 -54.06
N ALA C 120 -19.43 17.58 -55.37
CA ALA C 120 -18.24 18.19 -55.96
C ALA C 120 -18.35 19.70 -56.00
N LEU C 121 -19.56 20.24 -56.12
CA LEU C 121 -19.80 21.67 -56.03
C LEU C 121 -20.87 21.93 -54.97
N PRO C 122 -20.67 22.96 -54.16
CA PRO C 122 -21.67 23.28 -53.14
C PRO C 122 -23.01 23.58 -53.78
N PRO C 123 -24.10 23.36 -53.05
CA PRO C 123 -25.42 23.73 -53.58
C PRO C 123 -25.59 25.23 -53.66
N VAL C 124 -26.49 25.64 -54.55
CA VAL C 124 -26.90 27.04 -54.61
C VAL C 124 -27.66 27.38 -53.34
N ALA C 125 -27.28 28.49 -52.70
CA ALA C 125 -27.86 28.84 -51.41
C ALA C 125 -29.36 29.06 -51.54
N ASP C 126 -30.08 28.75 -50.46
CA ASP C 126 -31.54 28.72 -50.51
C ASP C 126 -32.13 30.06 -50.93
N ASP C 127 -31.53 31.16 -50.49
CA ASP C 127 -32.08 32.50 -50.75
C ASP C 127 -31.39 33.20 -51.91
N CYS C 128 -30.83 32.45 -52.84
CA CYS C 128 -30.35 33.07 -54.08
C CYS C 128 -31.55 33.46 -54.94
N PRO C 129 -31.48 34.57 -55.66
CA PRO C 129 -32.66 35.04 -56.41
C PRO C 129 -33.13 34.10 -57.50
N THR C 130 -32.23 33.37 -58.16
CA THR C 130 -32.59 32.45 -59.21
C THR C 130 -32.13 31.04 -58.88
N PRO C 131 -32.67 30.02 -59.56
CA PRO C 131 -32.25 28.64 -59.23
C PRO C 131 -30.76 28.38 -59.45
N MET C 132 -30.15 29.01 -60.44
CA MET C 132 -28.72 28.83 -60.70
C MET C 132 -27.84 29.84 -59.97
N GLY C 133 -28.43 30.73 -59.19
CA GLY C 133 -27.68 31.76 -58.49
C GLY C 133 -28.23 33.15 -58.73
N VAL C 134 -27.72 33.81 -59.77
CA VAL C 134 -28.21 35.13 -60.16
C VAL C 134 -28.70 35.15 -61.61
N LYS C 135 -28.19 34.27 -62.47
CA LYS C 135 -28.54 34.23 -63.89
C LYS C 135 -29.87 33.50 -64.11
N GLY C 136 -30.49 33.79 -65.26
CA GLY C 136 -31.70 33.11 -65.66
C GLY C 136 -32.97 33.74 -65.08
N ASN C 137 -34.10 33.15 -65.46
CA ASN C 137 -35.39 33.57 -64.96
C ASN C 137 -35.57 33.04 -63.53
N LYS C 138 -36.65 33.49 -62.87
CA LYS C 138 -36.84 33.07 -61.49
C LYS C 138 -37.14 31.57 -61.39
N GLU C 139 -37.61 30.95 -62.47
CA GLU C 139 -37.82 29.50 -62.48
C GLU C 139 -37.25 28.89 -63.74
N LEU C 140 -36.70 27.69 -63.60
CA LEU C 140 -36.13 26.95 -64.71
C LEU C 140 -37.23 26.45 -65.65
N PRO C 141 -36.88 26.04 -66.87
CA PRO C 141 -37.90 25.55 -67.79
C PRO C 141 -38.59 24.30 -67.25
N ASP C 142 -39.87 24.18 -67.59
CA ASP C 142 -40.65 22.98 -67.29
C ASP C 142 -39.87 21.72 -67.62
N SER C 143 -39.77 20.82 -66.65
CA SER C 143 -38.97 19.61 -66.82
C SER C 143 -39.60 18.65 -67.83
N LYS C 144 -40.93 18.51 -67.79
CA LYS C 144 -41.60 17.68 -68.78
C LYS C 144 -41.35 18.19 -70.19
N GLU C 145 -41.23 19.51 -70.36
CA GLU C 145 -40.98 20.08 -71.68
C GLU C 145 -39.54 19.81 -72.12
N VAL C 146 -38.58 19.99 -71.22
CA VAL C 146 -37.20 19.63 -71.52
C VAL C 146 -37.12 18.15 -71.89
N LEU C 147 -37.76 17.30 -71.08
CA LEU C 147 -37.76 15.86 -71.34
C LEU C 147 -38.25 15.54 -72.74
N GLU C 148 -39.41 16.07 -73.11
CA GLU C 148 -40.04 15.69 -74.38
C GLU C 148 -39.27 16.24 -75.58
N LYS C 149 -38.78 17.48 -75.50
CA LYS C 149 -38.19 18.09 -76.68
C LYS C 149 -36.78 17.58 -77.00
N VAL C 150 -35.97 17.19 -76.01
CA VAL C 150 -34.58 16.85 -76.32
C VAL C 150 -34.11 15.53 -75.72
N LEU C 151 -34.91 14.91 -74.85
CA LEU C 151 -34.45 13.68 -74.18
C LEU C 151 -35.15 12.41 -74.64
N LEU C 152 -36.47 12.43 -74.84
CA LEU C 152 -37.18 11.21 -75.18
C LEU C 152 -36.77 10.67 -76.55
N ARG C 153 -36.78 9.36 -76.68
CA ARG C 153 -36.32 8.69 -77.88
C ARG C 153 -37.39 8.74 -78.96
N ARG C 154 -36.99 9.16 -80.15
CA ARG C 154 -37.84 8.99 -81.33
C ARG C 154 -37.51 7.65 -81.98
N GLU C 155 -36.41 7.60 -82.70
CA GLU C 155 -35.88 6.38 -83.29
C GLU C 155 -34.74 5.87 -82.42
N PHE C 156 -34.64 4.55 -82.27
CA PHE C 156 -33.53 3.99 -81.50
C PHE C 156 -32.21 4.36 -82.16
N ILE C 157 -31.35 5.04 -81.40
CA ILE C 157 -30.02 5.41 -81.86
C ILE C 157 -29.02 4.43 -81.25
N PRO C 158 -28.43 3.53 -82.03
CA PRO C 158 -27.50 2.57 -81.44
C PRO C 158 -26.17 3.21 -81.11
N ASP C 159 -25.51 2.66 -80.10
CA ASP C 159 -24.19 3.15 -79.72
C ASP C 159 -23.20 2.87 -80.85
N PRO C 160 -22.53 3.90 -81.40
CA PRO C 160 -21.53 3.62 -82.45
C PRO C 160 -20.33 2.86 -81.94
N GLN C 161 -20.07 2.85 -80.62
CA GLN C 161 -18.99 2.06 -80.06
C GLN C 161 -19.36 0.59 -79.90
N GLY C 162 -20.61 0.23 -80.15
CA GLY C 162 -20.99 -1.17 -80.18
C GLY C 162 -21.31 -1.79 -78.85
N SER C 163 -21.49 -1.00 -77.79
CA SER C 163 -21.86 -1.54 -76.48
C SER C 163 -23.10 -2.41 -76.59
N ASN C 164 -23.06 -3.55 -75.91
CA ASN C 164 -24.16 -4.51 -75.95
C ASN C 164 -24.89 -4.52 -74.60
N MET C 165 -25.78 -5.50 -74.43
CA MET C 165 -26.56 -5.59 -73.21
C MET C 165 -25.81 -6.22 -72.06
N MET C 166 -24.78 -7.04 -72.34
CA MET C 166 -23.88 -7.47 -71.28
C MET C 166 -23.23 -6.28 -70.60
N PHE C 167 -22.87 -5.27 -71.39
CA PHE C 167 -22.29 -4.06 -70.82
C PHE C 167 -23.33 -3.26 -70.06
N ALA C 168 -24.52 -3.07 -70.67
CA ALA C 168 -25.54 -2.23 -70.06
C ALA C 168 -25.97 -2.77 -68.70
N PHE C 169 -26.19 -4.08 -68.61
CA PHE C 169 -26.60 -4.65 -67.33
C PHE C 169 -25.44 -4.78 -66.36
N PHE C 170 -24.21 -4.94 -66.85
CA PHE C 170 -23.06 -4.90 -65.95
C PHE C 170 -22.94 -3.53 -65.30
N ALA C 171 -23.06 -2.47 -66.09
CA ALA C 171 -23.01 -1.12 -65.53
C ALA C 171 -24.12 -0.91 -64.52
N GLN C 172 -25.33 -1.39 -64.83
CA GLN C 172 -26.43 -1.24 -63.88
C GLN C 172 -26.17 -2.06 -62.62
N HIS C 173 -25.71 -3.30 -62.77
CA HIS C 173 -25.41 -4.14 -61.62
C HIS C 173 -24.28 -3.55 -60.78
N PHE C 174 -23.18 -3.17 -61.43
CA PHE C 174 -22.01 -2.70 -60.72
C PHE C 174 -22.28 -1.40 -59.97
N THR C 175 -22.90 -0.43 -60.65
CA THR C 175 -23.13 0.87 -60.02
C THR C 175 -24.14 0.84 -58.89
N HIS C 176 -25.05 -0.12 -58.89
CA HIS C 176 -26.12 -0.11 -57.90
C HIS C 176 -25.69 -0.65 -56.54
N GLN C 177 -24.41 -0.82 -56.36
CA GLN C 177 -23.89 -1.15 -55.08
C GLN C 177 -23.56 0.14 -54.38
N PHE C 178 -23.21 1.20 -55.09
CA PHE C 178 -22.93 2.45 -54.47
C PHE C 178 -23.92 3.58 -54.74
N PHE C 179 -24.86 3.41 -55.65
CA PHE C 179 -25.90 4.38 -55.87
C PHE C 179 -27.10 3.68 -55.38
N LYS C 180 -27.53 3.98 -54.19
CA LYS C 180 -28.66 3.42 -53.56
C LYS C 180 -29.34 4.52 -52.78
N THR C 181 -29.99 5.42 -53.45
CA THR C 181 -30.62 6.55 -52.82
C THR C 181 -31.62 6.23 -51.71
N ASP C 182 -31.54 6.90 -50.58
CA ASP C 182 -32.46 6.68 -49.45
C ASP C 182 -33.64 7.62 -49.63
N HIS C 183 -34.68 7.14 -50.30
CA HIS C 183 -35.83 7.99 -50.59
C HIS C 183 -36.62 8.35 -49.33
N LYS C 184 -36.47 7.59 -48.25
CA LYS C 184 -37.08 7.98 -46.98
C LYS C 184 -36.51 9.29 -46.45
N ARG C 185 -35.29 9.64 -46.84
CA ARG C 185 -34.63 10.87 -46.38
C ARG C 185 -34.60 11.96 -47.43
N GLY C 186 -34.42 11.61 -48.70
CA GLY C 186 -34.28 12.59 -49.75
C GLY C 186 -33.26 12.17 -50.78
N PRO C 187 -33.25 12.85 -51.93
CA PRO C 187 -32.37 12.42 -53.04
C PRO C 187 -30.88 12.60 -52.74
N GLY C 188 -30.52 13.46 -51.79
CA GLY C 188 -29.13 13.68 -51.48
C GLY C 188 -28.58 12.72 -50.44
N PHE C 189 -29.30 11.62 -50.20
CA PHE C 189 -28.96 10.66 -49.17
C PHE C 189 -28.80 9.27 -49.78
N THR C 190 -27.91 8.48 -49.19
CA THR C 190 -27.57 7.16 -49.68
C THR C 190 -27.71 6.13 -48.56
N ARG C 191 -28.02 4.90 -48.95
CA ARG C 191 -28.01 3.76 -48.03
C ARG C 191 -26.75 2.91 -48.18
N GLY C 192 -25.88 3.23 -49.13
CA GLY C 192 -24.63 2.53 -49.27
C GLY C 192 -23.55 3.17 -48.43
N LEU C 193 -23.53 2.87 -47.13
CA LEU C 193 -22.61 3.52 -46.20
C LEU C 193 -21.16 3.12 -46.45
N GLY C 194 -20.90 2.09 -47.25
CA GLY C 194 -19.53 1.77 -47.63
C GLY C 194 -18.93 2.70 -48.66
N HIS C 195 -19.78 3.42 -49.39
CA HIS C 195 -19.34 4.47 -50.34
C HIS C 195 -18.30 3.96 -51.33
N GLY C 196 -18.49 2.75 -51.85
CA GLY C 196 -17.59 2.27 -52.87
C GLY C 196 -17.85 0.80 -53.20
N VAL C 197 -16.81 0.18 -53.74
CA VAL C 197 -16.92 -1.19 -54.27
C VAL C 197 -16.68 -2.12 -53.09
N ASP C 198 -17.72 -2.34 -52.30
CA ASP C 198 -17.70 -3.29 -51.21
C ASP C 198 -18.51 -4.54 -51.52
N LEU C 199 -19.15 -4.60 -52.68
CA LEU C 199 -19.93 -5.74 -53.12
C LEU C 199 -21.10 -6.03 -52.18
N ASN C 200 -21.64 -4.99 -51.55
CA ASN C 200 -22.84 -5.16 -50.74
C ASN C 200 -24.04 -5.62 -51.58
N HIS C 201 -23.99 -5.42 -52.89
CA HIS C 201 -25.07 -5.90 -53.74
C HIS C 201 -25.05 -7.42 -53.91
N ILE C 202 -23.99 -8.09 -53.47
CA ILE C 202 -23.94 -9.54 -53.42
C ILE C 202 -24.09 -10.06 -52.00
N TYR C 203 -23.40 -9.42 -51.05
CA TYR C 203 -23.27 -9.90 -49.69
C TYR C 203 -24.20 -9.21 -48.70
N GLY C 204 -24.88 -8.15 -49.11
CA GLY C 204 -25.73 -7.43 -48.17
C GLY C 204 -25.03 -6.23 -47.54
N GLU C 205 -25.82 -5.20 -47.24
CA GLU C 205 -25.28 -3.99 -46.63
C GLU C 205 -24.99 -4.20 -45.13
N THR C 206 -25.80 -5.00 -44.45
CA THR C 206 -25.67 -5.22 -43.02
C THR C 206 -25.20 -6.64 -42.74
N LEU C 207 -24.60 -6.82 -41.56
CA LEU C 207 -24.15 -8.14 -41.15
C LEU C 207 -25.34 -9.11 -41.03
N ASP C 208 -26.48 -8.62 -40.55
CA ASP C 208 -27.65 -9.46 -40.40
C ASP C 208 -28.15 -9.97 -41.74
N ARG C 209 -28.17 -9.11 -42.76
CA ARG C 209 -28.57 -9.54 -44.10
C ARG C 209 -27.54 -10.52 -44.67
N GLN C 210 -26.26 -10.26 -44.42
CA GLN C 210 -25.20 -11.15 -44.89
C GLN C 210 -25.36 -12.56 -44.32
N HIS C 211 -25.64 -12.66 -43.03
CA HIS C 211 -25.75 -13.98 -42.40
C HIS C 211 -26.96 -14.75 -42.91
N LYS C 212 -28.05 -14.06 -43.27
CA LYS C 212 -29.19 -14.73 -43.86
C LYS C 212 -28.90 -15.25 -45.28
N LEU C 213 -27.95 -14.64 -45.98
CA LEU C 213 -27.59 -15.07 -47.33
C LEU C 213 -26.52 -16.14 -47.35
N ARG C 214 -25.86 -16.40 -46.23
CA ARG C 214 -24.72 -17.31 -46.18
C ARG C 214 -25.16 -18.73 -45.82
N LEU C 215 -24.41 -19.70 -46.33
CA LEU C 215 -24.62 -21.11 -46.04
C LEU C 215 -23.92 -21.55 -44.75
N PHE C 216 -22.88 -20.83 -44.34
CA PHE C 216 -22.07 -21.14 -43.16
C PHE C 216 -21.43 -22.52 -43.25
N LYS C 217 -21.26 -23.03 -44.47
CA LYS C 217 -20.40 -24.17 -44.74
C LYS C 217 -19.47 -23.82 -45.89
N ASP C 218 -18.17 -23.97 -45.66
CA ASP C 218 -17.13 -23.76 -46.67
C ASP C 218 -17.12 -22.33 -47.22
N GLY C 219 -17.62 -21.37 -46.43
CA GLY C 219 -17.60 -19.98 -46.86
C GLY C 219 -18.63 -19.59 -47.88
N LYS C 220 -19.52 -20.50 -48.26
CA LYS C 220 -20.35 -20.33 -49.45
C LYS C 220 -21.61 -19.53 -49.14
N LEU C 221 -22.19 -18.98 -50.20
CA LEU C 221 -23.51 -18.38 -50.15
C LEU C 221 -24.58 -19.43 -50.41
N LYS C 222 -25.73 -19.26 -49.77
CA LYS C 222 -26.87 -20.13 -50.04
C LYS C 222 -27.25 -20.06 -51.52
N TYR C 223 -27.77 -21.17 -52.01
CA TYR C 223 -28.22 -21.26 -53.39
C TYR C 223 -29.26 -22.37 -53.49
N GLN C 224 -29.92 -22.41 -54.63
CA GLN C 224 -30.83 -23.50 -54.98
C GLN C 224 -30.50 -23.98 -56.38
N VAL C 225 -30.86 -25.22 -56.67
CA VAL C 225 -30.68 -25.81 -57.98
C VAL C 225 -32.04 -25.95 -58.64
N ILE C 226 -32.20 -25.31 -59.80
CA ILE C 226 -33.43 -25.38 -60.59
C ILE C 226 -33.05 -25.90 -61.96
N GLY C 227 -33.58 -27.06 -62.32
CA GLY C 227 -33.27 -27.65 -63.62
C GLY C 227 -31.80 -27.89 -63.83
N GLY C 228 -31.10 -28.34 -62.78
CA GLY C 228 -29.68 -28.60 -62.86
C GLY C 228 -28.79 -27.38 -62.77
N GLU C 229 -29.35 -26.18 -62.58
CA GLU C 229 -28.59 -24.95 -62.62
C GLU C 229 -28.65 -24.25 -61.26
N VAL C 230 -27.55 -23.58 -60.91
CA VAL C 230 -27.42 -22.91 -59.62
C VAL C 230 -28.02 -21.52 -59.74
N TYR C 231 -28.99 -21.21 -58.88
CA TYR C 231 -29.66 -19.92 -58.81
C TYR C 231 -29.65 -19.42 -57.38
N PRO C 232 -29.89 -18.12 -57.18
CA PRO C 232 -29.93 -17.57 -55.81
C PRO C 232 -31.07 -18.17 -54.99
N PRO C 233 -30.96 -18.15 -53.66
CA PRO C 233 -32.04 -18.69 -52.83
C PRO C 233 -33.29 -17.81 -52.86
N THR C 234 -34.33 -18.23 -52.16
CA THR C 234 -35.59 -17.51 -52.15
C THR C 234 -35.75 -16.69 -50.87
N VAL C 235 -36.70 -15.76 -50.93
CA VAL C 235 -37.04 -14.96 -49.74
C VAL C 235 -37.64 -15.85 -48.67
N LYS C 236 -38.39 -16.89 -49.05
CA LYS C 236 -38.96 -17.82 -48.08
C LYS C 236 -37.87 -18.56 -47.32
N ASP C 237 -36.79 -18.93 -48.01
CA ASP C 237 -35.75 -19.74 -47.40
C ASP C 237 -34.80 -18.91 -46.54
N THR C 238 -34.57 -17.65 -46.90
CA THR C 238 -33.55 -16.84 -46.26
C THR C 238 -34.09 -15.76 -45.34
N GLN C 239 -35.32 -15.29 -45.57
CA GLN C 239 -35.95 -14.19 -44.84
C GLN C 239 -35.31 -12.83 -45.12
N VAL C 240 -34.49 -12.71 -46.16
CA VAL C 240 -33.98 -11.38 -46.52
C VAL C 240 -35.06 -10.64 -47.30
N GLU C 241 -35.22 -9.36 -46.99
CA GLU C 241 -36.26 -8.57 -47.62
C GLU C 241 -35.84 -8.20 -49.04
N MET C 242 -36.76 -8.40 -49.98
CA MET C 242 -36.57 -8.06 -51.37
C MET C 242 -37.79 -7.29 -51.84
N ILE C 243 -37.62 -6.48 -52.87
CA ILE C 243 -38.69 -5.67 -53.43
C ILE C 243 -39.30 -6.43 -54.60
N TYR C 244 -40.54 -6.88 -54.43
CA TYR C 244 -41.26 -7.62 -55.45
C TYR C 244 -42.72 -7.17 -55.48
N PRO C 245 -43.32 -7.11 -56.67
CA PRO C 245 -44.76 -6.86 -56.75
C PRO C 245 -45.51 -7.99 -56.07
N PRO C 246 -46.71 -7.71 -55.57
CA PRO C 246 -47.41 -8.71 -54.73
C PRO C 246 -47.75 -10.01 -55.45
N HIS C 247 -47.81 -10.03 -56.78
CA HIS C 247 -48.24 -11.23 -57.50
C HIS C 247 -47.11 -12.20 -57.82
N ILE C 248 -45.88 -11.89 -57.45
CA ILE C 248 -44.76 -12.77 -57.81
C ILE C 248 -44.82 -14.04 -56.96
N PRO C 249 -44.82 -15.22 -57.57
CA PRO C 249 -44.83 -16.47 -56.78
C PRO C 249 -43.59 -16.55 -55.90
N GLU C 250 -43.76 -17.07 -54.69
CA GLU C 250 -42.65 -17.05 -53.74
C GLU C 250 -41.48 -17.91 -54.21
N ASN C 251 -41.72 -18.91 -55.06
CA ASN C 251 -40.59 -19.62 -55.65
C ASN C 251 -39.83 -18.77 -56.67
N LEU C 252 -40.33 -17.59 -57.00
CA LEU C 252 -39.67 -16.68 -57.93
C LEU C 252 -39.14 -15.43 -57.25
N GLN C 253 -39.31 -15.32 -55.93
CA GLN C 253 -38.76 -14.20 -55.17
C GLN C 253 -37.32 -14.55 -54.78
N PHE C 254 -36.41 -14.33 -55.73
CA PHE C 254 -35.00 -14.58 -55.48
C PHE C 254 -34.44 -13.55 -54.50
N ALA C 255 -33.55 -14.02 -53.63
CA ALA C 255 -32.97 -13.20 -52.58
C ALA C 255 -31.48 -13.01 -52.87
N VAL C 256 -31.07 -11.75 -53.03
CA VAL C 256 -29.68 -11.38 -53.27
C VAL C 256 -29.33 -10.20 -52.39
N GLY C 257 -28.06 -9.79 -52.44
CA GLY C 257 -27.59 -8.73 -51.56
C GLY C 257 -28.36 -7.43 -51.74
N GLN C 258 -28.57 -7.02 -53.00
CA GLN C 258 -29.26 -5.78 -53.31
C GLN C 258 -30.75 -6.05 -53.42
N GLU C 259 -31.55 -5.26 -52.70
CA GLU C 259 -32.97 -5.57 -52.55
C GLU C 259 -33.78 -5.32 -53.82
N VAL C 260 -33.25 -4.56 -54.78
CA VAL C 260 -34.00 -4.23 -55.99
C VAL C 260 -33.61 -5.09 -57.20
N PHE C 261 -32.71 -6.05 -57.03
CA PHE C 261 -32.21 -6.76 -58.20
C PHE C 261 -33.19 -7.77 -58.78
N GLY C 262 -34.34 -7.98 -58.13
CA GLY C 262 -35.42 -8.69 -58.79
C GLY C 262 -36.20 -7.85 -59.77
N LEU C 263 -35.88 -6.56 -59.85
CA LEU C 263 -36.57 -5.65 -60.77
C LEU C 263 -36.38 -6.09 -62.22
N VAL C 264 -35.19 -6.56 -62.57
CA VAL C 264 -34.90 -6.89 -63.96
C VAL C 264 -34.14 -8.19 -64.06
N PRO C 265 -34.51 -9.10 -64.97
CA PRO C 265 -33.76 -10.34 -65.15
C PRO C 265 -32.29 -10.11 -65.52
N GLY C 266 -31.95 -8.95 -66.08
CA GLY C 266 -30.56 -8.69 -66.40
C GLY C 266 -29.72 -8.43 -65.16
N LEU C 267 -30.30 -7.79 -64.15
CA LEU C 267 -29.62 -7.68 -62.86
C LEU C 267 -29.54 -9.05 -62.18
N MET C 268 -30.63 -9.81 -62.22
CA MET C 268 -30.64 -11.15 -61.64
C MET C 268 -29.66 -12.06 -62.37
N MET C 269 -29.38 -11.79 -63.65
CA MET C 269 -28.41 -12.58 -64.39
C MET C 269 -27.01 -12.43 -63.79
N TYR C 270 -26.58 -11.19 -63.57
CA TYR C 270 -25.25 -10.96 -63.01
C TYR C 270 -25.19 -11.36 -61.54
N ALA C 271 -26.29 -11.19 -60.80
CA ALA C 271 -26.34 -11.64 -59.41
C ALA C 271 -26.11 -13.15 -59.32
N THR C 272 -26.63 -13.90 -60.29
CA THR C 272 -26.40 -15.34 -60.31
C THR C 272 -24.96 -15.65 -60.69
N ILE C 273 -24.42 -14.94 -61.68
CA ILE C 273 -23.04 -15.17 -62.11
C ILE C 273 -22.06 -14.92 -60.97
N TRP C 274 -22.26 -13.84 -60.20
CA TRP C 274 -21.33 -13.51 -59.13
C TRP C 274 -21.52 -14.39 -57.90
N LEU C 275 -22.76 -14.83 -57.63
CA LEU C 275 -22.97 -15.84 -56.61
C LEU C 275 -22.21 -17.12 -56.94
N ARG C 276 -22.34 -17.60 -58.18
CA ARG C 276 -21.58 -18.76 -58.60
C ARG C 276 -20.08 -18.53 -58.47
N GLU C 277 -19.61 -17.34 -58.85
CA GLU C 277 -18.18 -17.05 -58.75
C GLU C 277 -17.71 -17.07 -57.30
N HIS C 278 -18.51 -16.56 -56.37
CA HIS C 278 -18.11 -16.60 -54.96
C HIS C 278 -17.94 -18.03 -54.48
N ASN C 279 -18.90 -18.91 -54.80
CA ASN C 279 -18.81 -20.29 -54.33
C ASN C 279 -17.72 -21.06 -55.07
N ARG C 280 -17.43 -20.68 -56.31
CA ARG C 280 -16.29 -21.29 -57.02
C ARG C 280 -14.98 -20.96 -56.32
N VAL C 281 -14.81 -19.70 -55.93
CA VAL C 281 -13.59 -19.29 -55.25
C VAL C 281 -13.50 -19.96 -53.87
N CYS C 282 -14.65 -20.24 -53.24
CA CYS C 282 -14.64 -20.97 -51.98
C CYS C 282 -14.08 -22.37 -52.16
N ASP C 283 -14.43 -23.04 -53.26
CA ASP C 283 -13.88 -24.36 -53.54
C ASP C 283 -12.38 -24.29 -53.76
N ILE C 284 -11.92 -23.26 -54.47
CA ILE C 284 -10.50 -23.09 -54.73
C ILE C 284 -9.74 -22.87 -53.43
N LEU C 285 -10.26 -21.98 -52.58
CA LEU C 285 -9.58 -21.66 -51.32
C LEU C 285 -9.62 -22.84 -50.36
N LYS C 286 -10.71 -23.62 -50.36
CA LYS C 286 -10.77 -24.78 -49.49
C LYS C 286 -9.74 -25.83 -49.89
N GLN C 287 -9.53 -26.03 -51.20
CA GLN C 287 -8.50 -26.96 -51.64
C GLN C 287 -7.11 -26.50 -51.22
N GLU C 288 -6.88 -25.21 -51.18
CA GLU C 288 -5.59 -24.70 -50.79
C GLU C 288 -5.43 -24.68 -49.30
N HIS C 289 -6.54 -24.50 -48.63
CA HIS C 289 -6.52 -24.38 -47.16
C HIS C 289 -7.55 -25.32 -46.55
N PRO C 290 -7.26 -26.62 -46.52
CA PRO C 290 -8.16 -27.55 -45.79
C PRO C 290 -8.29 -27.20 -44.32
N GLU C 291 -7.33 -26.48 -43.74
CA GLU C 291 -7.35 -26.13 -42.33
C GLU C 291 -8.21 -24.91 -42.03
N TRP C 292 -8.80 -24.28 -43.04
CA TRP C 292 -9.56 -23.05 -42.85
C TRP C 292 -11.01 -23.34 -42.46
N GLY C 293 -11.58 -22.43 -41.67
CA GLY C 293 -12.99 -22.51 -41.32
C GLY C 293 -13.88 -21.79 -42.31
N ASP C 294 -15.20 -21.92 -42.08
CA ASP C 294 -16.17 -21.28 -42.95
C ASP C 294 -15.99 -19.76 -42.99
N GLU C 295 -15.76 -19.13 -41.84
CA GLU C 295 -15.71 -17.68 -41.79
C GLU C 295 -14.56 -17.13 -42.61
N GLN C 296 -13.37 -17.71 -42.46
CA GLN C 296 -12.21 -17.21 -43.19
C GLN C 296 -12.34 -17.48 -44.68
N LEU C 297 -12.95 -18.61 -45.06
CA LEU C 297 -13.21 -18.87 -46.47
C LEU C 297 -14.15 -17.83 -47.08
N PHE C 298 -15.22 -17.48 -46.35
CA PHE C 298 -16.15 -16.47 -46.85
C PHE C 298 -15.47 -15.11 -46.99
N GLN C 299 -14.77 -14.68 -45.94
CA GLN C 299 -14.18 -13.35 -45.94
C GLN C 299 -13.09 -13.22 -47.01
N THR C 300 -12.28 -14.27 -47.17
CA THR C 300 -11.22 -14.23 -48.18
C THR C 300 -11.80 -14.25 -49.58
N SER C 301 -12.86 -15.04 -49.82
CA SER C 301 -13.53 -15.02 -51.11
C SER C 301 -14.07 -13.63 -51.43
N ARG C 302 -14.68 -12.96 -50.44
CA ARG C 302 -15.23 -11.64 -50.68
C ARG C 302 -14.15 -10.65 -51.08
N LEU C 303 -12.98 -10.71 -50.45
CA LEU C 303 -11.88 -9.84 -50.85
C LEU C 303 -11.43 -10.14 -52.26
N ILE C 304 -11.45 -11.41 -52.66
CA ILE C 304 -11.04 -11.79 -54.01
C ILE C 304 -12.04 -11.28 -55.04
N LEU C 305 -13.34 -11.46 -54.78
CA LEU C 305 -14.34 -10.94 -55.70
C LEU C 305 -14.32 -9.43 -55.79
N ILE C 306 -13.99 -8.73 -54.69
CA ILE C 306 -13.78 -7.29 -54.77
C ILE C 306 -12.64 -6.97 -55.72
N GLY C 307 -11.54 -7.73 -55.62
CA GLY C 307 -10.42 -7.52 -56.53
C GLY C 307 -10.79 -7.84 -57.97
N GLU C 308 -11.48 -8.95 -58.19
CA GLU C 308 -11.94 -9.29 -59.55
C GLU C 308 -12.78 -8.18 -60.15
N THR C 309 -13.70 -7.62 -59.36
CA THR C 309 -14.59 -6.58 -59.86
C THR C 309 -13.79 -5.36 -60.34
N ILE C 310 -12.85 -4.90 -59.53
CA ILE C 310 -12.04 -3.73 -59.89
C ILE C 310 -11.21 -4.03 -61.13
N LYS C 311 -10.69 -5.26 -61.22
CA LYS C 311 -9.92 -5.67 -62.39
C LYS C 311 -10.77 -5.61 -63.66
N ILE C 312 -11.95 -6.22 -63.62
CA ILE C 312 -12.81 -6.25 -64.80
C ILE C 312 -13.30 -4.85 -65.15
N VAL C 313 -13.64 -4.03 -64.16
CA VAL C 313 -14.16 -2.70 -64.44
C VAL C 313 -13.11 -1.85 -65.16
N ILE C 314 -11.84 -1.95 -64.75
CA ILE C 314 -10.81 -1.11 -65.35
C ILE C 314 -10.37 -1.66 -66.70
N GLU C 315 -10.10 -2.97 -66.77
CA GLU C 315 -9.41 -3.50 -67.94
C GLU C 315 -10.34 -4.01 -69.03
N ASP C 316 -11.62 -4.23 -68.73
CA ASP C 316 -12.63 -4.57 -69.73
C ASP C 316 -13.65 -3.46 -69.92
N TYR C 317 -14.28 -3.05 -68.82
CA TYR C 317 -15.44 -2.16 -68.86
C TYR C 317 -15.04 -0.74 -69.20
N VAL C 318 -14.13 -0.16 -68.41
CA VAL C 318 -13.60 1.16 -68.74
C VAL C 318 -12.81 1.12 -70.04
N GLN C 319 -12.10 0.01 -70.28
CA GLN C 319 -11.39 -0.17 -71.55
C GLN C 319 -12.34 -0.07 -72.73
N HIS C 320 -13.53 -0.66 -72.62
CA HIS C 320 -14.46 -0.66 -73.74
C HIS C 320 -15.00 0.73 -74.02
N LEU C 321 -15.53 1.41 -73.00
CA LEU C 321 -16.17 2.69 -73.24
C LEU C 321 -15.18 3.81 -73.51
N SER C 322 -13.90 3.62 -73.17
CA SER C 322 -12.91 4.65 -73.50
C SER C 322 -12.62 4.68 -74.99
N GLY C 323 -12.62 3.51 -75.64
CA GLY C 323 -12.22 3.42 -77.03
C GLY C 323 -10.76 3.68 -77.30
N TYR C 324 -9.93 3.76 -76.26
CA TYR C 324 -8.51 4.03 -76.45
C TYR C 324 -7.81 2.81 -77.04
N HIS C 325 -6.74 3.06 -77.79
CA HIS C 325 -5.87 1.96 -78.20
C HIS C 325 -4.91 1.58 -77.08
N PHE C 326 -4.61 2.50 -76.19
CA PHE C 326 -3.83 2.19 -74.99
C PHE C 326 -4.59 1.23 -74.09
N LYS C 327 -3.88 0.24 -73.56
CA LYS C 327 -4.46 -0.80 -72.71
C LYS C 327 -4.39 -0.36 -71.26
N LEU C 328 -5.54 0.03 -70.69
CA LEU C 328 -5.62 0.38 -69.29
C LEU C 328 -5.21 -0.82 -68.43
N LYS C 329 -4.80 -0.53 -67.19
CA LYS C 329 -4.20 -1.54 -66.34
C LYS C 329 -4.62 -1.34 -64.90
N PHE C 330 -5.08 -2.42 -64.25
CA PHE C 330 -5.34 -2.44 -62.81
C PHE C 330 -4.07 -2.91 -62.12
N ASP C 331 -3.35 -1.98 -61.51
CA ASP C 331 -2.11 -2.29 -60.80
C ASP C 331 -1.99 -1.31 -59.64
N PRO C 332 -2.45 -1.71 -58.46
CA PRO C 332 -2.34 -0.83 -57.28
C PRO C 332 -0.91 -0.35 -57.00
N GLU C 333 0.10 -1.15 -57.35
CA GLU C 333 1.48 -0.77 -57.05
C GLU C 333 1.89 0.53 -57.73
N LEU C 334 1.18 0.95 -58.78
CA LEU C 334 1.52 2.20 -59.47
C LEU C 334 1.37 3.41 -58.58
N LEU C 335 0.56 3.34 -57.52
CA LEU C 335 0.31 4.47 -56.64
C LEU C 335 1.16 4.43 -55.37
N PHE C 336 1.98 3.40 -55.19
CA PHE C 336 2.70 3.22 -53.94
C PHE C 336 3.73 4.30 -53.69
N ASN C 337 4.33 4.87 -54.75
CA ASN C 337 5.23 6.00 -54.60
C ASN C 337 4.54 7.33 -54.89
N GLN C 338 3.21 7.35 -54.92
CA GLN C 338 2.42 8.55 -55.21
C GLN C 338 1.61 8.95 -53.98
N GLN C 339 1.32 10.24 -53.88
CA GLN C 339 0.35 10.72 -52.90
C GLN C 339 -1.06 10.35 -53.35
N PHE C 340 -1.80 9.66 -52.48
CA PHE C 340 -3.12 9.18 -52.85
C PHE C 340 -3.86 8.74 -51.60
N GLN C 341 -5.13 9.12 -51.51
CA GLN C 341 -5.96 8.82 -50.35
C GLN C 341 -6.75 7.54 -50.60
N TYR C 342 -6.47 6.51 -49.81
CA TYR C 342 -7.22 5.24 -49.91
C TYR C 342 -8.54 5.36 -49.14
N GLN C 343 -9.42 6.17 -49.69
CA GLN C 343 -10.77 6.38 -49.16
C GLN C 343 -11.62 6.95 -50.28
N ASN C 344 -12.94 6.88 -50.09
CA ASN C 344 -13.85 7.41 -51.11
C ASN C 344 -15.17 7.78 -50.47
N ARG C 345 -15.81 8.80 -51.03
CA ARG C 345 -17.16 9.21 -50.66
C ARG C 345 -17.94 9.47 -51.93
N ILE C 346 -19.06 8.78 -52.10
CA ILE C 346 -19.80 8.82 -53.35
C ILE C 346 -20.45 10.18 -53.53
N ALA C 347 -20.22 10.80 -54.68
CA ALA C 347 -20.76 12.12 -54.98
C ALA C 347 -22.13 12.02 -55.63
N SER C 348 -23.01 12.98 -55.30
CA SER C 348 -24.32 13.05 -55.95
C SER C 348 -24.17 13.27 -57.46
N GLU C 349 -23.24 14.13 -57.87
CA GLU C 349 -23.05 14.38 -59.29
C GLU C 349 -22.59 13.13 -60.03
N PHE C 350 -21.79 12.28 -59.36
CA PHE C 350 -21.43 11.00 -59.96
C PHE C 350 -22.66 10.14 -60.18
N ASN C 351 -23.58 10.13 -59.21
CA ASN C 351 -24.87 9.45 -59.37
C ASN C 351 -25.62 10.01 -60.58
N THR C 352 -25.63 11.34 -60.74
CA THR C 352 -26.44 11.94 -61.79
C THR C 352 -25.94 11.59 -63.18
N LEU C 353 -24.64 11.60 -63.28
CA LEU C 353 -23.89 11.32 -64.45
C LEU C 353 -23.97 9.90 -64.92
N TYR C 354 -24.21 8.97 -64.03
CA TYR C 354 -24.29 7.55 -64.30
C TYR C 354 -25.70 7.10 -64.70
N HIS C 355 -26.62 8.04 -64.85
CA HIS C 355 -27.97 7.74 -65.35
C HIS C 355 -27.90 7.50 -66.85
N TRP C 356 -27.50 6.28 -67.21
CA TRP C 356 -27.26 5.89 -68.60
C TRP C 356 -28.45 5.16 -69.23
N HIS C 357 -29.67 5.59 -68.95
CA HIS C 357 -30.87 4.93 -69.45
C HIS C 357 -31.01 4.93 -70.98
N PRO C 358 -30.39 5.89 -71.73
CA PRO C 358 -30.33 5.72 -73.19
C PRO C 358 -29.73 4.40 -73.65
N LEU C 359 -28.99 3.71 -72.76
CA LEU C 359 -28.45 2.40 -73.10
C LEU C 359 -29.56 1.40 -73.43
N LEU C 360 -30.73 1.54 -72.82
CA LEU C 360 -31.74 0.49 -72.89
C LEU C 360 -32.35 0.44 -74.28
N PRO C 361 -32.56 -0.75 -74.83
CA PRO C 361 -33.22 -0.89 -76.13
C PRO C 361 -34.73 -0.76 -75.97
N ASP C 362 -35.43 -0.84 -77.09
CA ASP C 362 -36.88 -0.78 -77.05
C ASP C 362 -37.50 -2.14 -76.74
N THR C 363 -36.81 -3.21 -77.09
CA THR C 363 -37.19 -4.55 -76.67
C THR C 363 -35.94 -5.30 -76.23
N PHE C 364 -36.14 -6.28 -75.36
CA PHE C 364 -35.05 -7.13 -74.90
C PHE C 364 -35.14 -8.45 -75.65
N ASN C 365 -34.09 -8.76 -76.42
CA ASN C 365 -34.11 -9.86 -77.38
C ASN C 365 -33.33 -11.03 -76.79
N ILE C 366 -34.06 -12.06 -76.34
CA ILE C 366 -33.47 -13.25 -75.76
C ILE C 366 -33.87 -14.43 -76.63
N GLU C 367 -32.92 -15.05 -77.28
CA GLU C 367 -33.16 -16.11 -78.21
C GLU C 367 -33.95 -15.61 -79.39
N ASP C 368 -35.12 -16.15 -79.57
CA ASP C 368 -36.01 -15.72 -80.64
C ASP C 368 -37.08 -14.76 -80.17
N GLN C 369 -37.16 -14.48 -78.87
CA GLN C 369 -38.18 -13.61 -78.33
C GLN C 369 -37.72 -12.16 -78.30
N GLU C 370 -38.69 -11.25 -78.32
CA GLU C 370 -38.48 -9.82 -78.09
C GLU C 370 -39.47 -9.40 -77.02
N TYR C 371 -38.96 -9.02 -75.85
CA TYR C 371 -39.81 -8.68 -74.72
C TYR C 371 -39.94 -7.17 -74.61
N SER C 372 -41.17 -6.70 -74.42
CA SER C 372 -41.39 -5.30 -74.09
C SER C 372 -40.94 -5.05 -72.66
N PHE C 373 -40.81 -3.76 -72.31
CA PHE C 373 -40.51 -3.39 -70.93
C PHE C 373 -41.48 -4.03 -69.96
N LYS C 374 -42.79 -3.97 -70.27
CA LYS C 374 -43.79 -4.54 -69.37
C LYS C 374 -43.59 -6.04 -69.21
N GLN C 375 -43.24 -6.74 -70.30
CA GLN C 375 -43.01 -8.17 -70.20
C GLN C 375 -41.70 -8.45 -69.47
N PHE C 376 -40.72 -7.58 -69.59
CA PHE C 376 -39.39 -7.82 -69.05
C PHE C 376 -39.33 -7.57 -67.54
N LEU C 377 -39.86 -6.44 -67.09
CA LEU C 377 -39.67 -6.01 -65.71
C LEU C 377 -40.26 -7.01 -64.73
N TYR C 378 -39.48 -7.32 -63.69
CA TYR C 378 -39.93 -8.10 -62.54
C TYR C 378 -40.36 -9.51 -62.90
N ASN C 379 -39.79 -10.05 -63.97
CA ASN C 379 -40.19 -11.35 -64.52
C ASN C 379 -38.96 -12.25 -64.61
N ASN C 380 -38.69 -12.95 -63.54
CA ASN C 380 -37.58 -13.86 -63.44
C ASN C 380 -37.81 -15.23 -64.05
N SER C 381 -39.04 -15.50 -64.33
CA SER C 381 -39.34 -16.71 -65.08
C SER C 381 -38.71 -16.69 -66.47
N ILE C 382 -38.48 -15.49 -67.02
CA ILE C 382 -37.73 -15.37 -68.27
C ILE C 382 -36.34 -15.95 -68.11
N LEU C 383 -35.69 -15.66 -66.98
CA LEU C 383 -34.34 -16.15 -66.74
C LEU C 383 -34.32 -17.67 -66.63
N LEU C 384 -35.27 -18.24 -65.88
CA LEU C 384 -35.35 -19.69 -65.76
C LEU C 384 -35.75 -20.34 -67.09
N GLU C 385 -36.62 -19.67 -67.84
CA GLU C 385 -37.07 -20.19 -69.13
C GLU C 385 -35.89 -20.44 -70.07
N HIS C 386 -35.06 -19.43 -70.27
CA HIS C 386 -33.98 -19.51 -71.25
C HIS C 386 -32.67 -19.97 -70.65
N GLY C 387 -32.42 -19.70 -69.37
CA GLY C 387 -31.17 -20.05 -68.73
C GLY C 387 -30.09 -19.00 -68.96
N LEU C 388 -29.02 -19.11 -68.16
CA LEU C 388 -27.97 -18.11 -68.20
C LEU C 388 -27.21 -18.14 -69.52
N THR C 389 -26.95 -19.34 -70.05
CA THR C 389 -26.21 -19.47 -71.30
C THR C 389 -26.91 -18.72 -72.43
N GLN C 390 -28.21 -18.93 -72.59
CA GLN C 390 -28.95 -18.23 -73.62
C GLN C 390 -29.00 -16.73 -73.36
N PHE C 391 -29.08 -16.34 -72.08
CA PHE C 391 -29.03 -14.92 -71.73
C PHE C 391 -27.73 -14.28 -72.18
N VAL C 392 -26.60 -14.90 -71.89
CA VAL C 392 -25.29 -14.34 -72.25
C VAL C 392 -25.17 -14.22 -73.77
N GLU C 393 -25.52 -15.28 -74.49
CA GLU C 393 -25.40 -15.26 -75.94
C GLU C 393 -26.29 -14.20 -76.56
N SER C 394 -27.52 -14.06 -76.06
CA SER C 394 -28.44 -13.07 -76.60
C SER C 394 -27.98 -11.66 -76.29
N PHE C 395 -27.58 -11.40 -75.04
CA PHE C 395 -27.20 -10.05 -74.64
C PHE C 395 -25.84 -9.64 -75.18
N THR C 396 -24.98 -10.61 -75.52
CA THR C 396 -23.74 -10.26 -76.21
C THR C 396 -24.02 -9.76 -77.62
N ARG C 397 -25.10 -10.22 -78.24
CA ARG C 397 -25.45 -9.84 -79.60
C ARG C 397 -26.29 -8.57 -79.69
N GLN C 398 -27.05 -8.22 -78.66
CA GLN C 398 -28.00 -7.12 -78.77
C GLN C 398 -27.31 -5.79 -78.48
N ILE C 399 -27.42 -4.86 -79.42
CA ILE C 399 -26.76 -3.57 -79.34
C ILE C 399 -27.52 -2.65 -78.39
N ALA C 400 -26.78 -1.77 -77.71
CA ALA C 400 -27.33 -0.81 -76.78
C ALA C 400 -27.34 0.60 -77.38
N GLY C 401 -28.07 1.50 -76.72
CA GLY C 401 -28.24 2.83 -77.25
C GLY C 401 -27.09 3.77 -76.94
N ARG C 402 -26.96 4.79 -77.79
CA ARG C 402 -26.03 5.88 -77.53
C ARG C 402 -26.54 6.78 -76.40
N VAL C 403 -25.64 7.20 -75.53
CA VAL C 403 -26.01 7.98 -74.36
C VAL C 403 -26.03 9.48 -74.66
N ALA C 404 -24.93 10.01 -75.18
CA ALA C 404 -24.92 11.40 -75.61
C ALA C 404 -25.67 11.53 -76.94
N GLY C 405 -25.68 12.73 -77.48
CA GLY C 405 -26.24 12.96 -78.80
C GLY C 405 -27.72 13.32 -78.81
N GLY C 406 -28.43 13.14 -77.70
CA GLY C 406 -29.80 13.64 -77.61
C GLY C 406 -30.84 12.61 -78.02
N ARG C 407 -32.04 12.77 -77.45
CA ARG C 407 -33.26 12.11 -77.90
C ARG C 407 -33.09 10.59 -78.00
N ASN C 408 -32.61 9.98 -76.91
CA ASN C 408 -32.47 8.53 -76.92
C ASN C 408 -32.87 7.88 -75.60
N VAL C 409 -33.62 8.57 -74.75
CA VAL C 409 -34.16 7.96 -73.54
C VAL C 409 -35.43 7.21 -73.91
N PRO C 410 -35.53 5.91 -73.68
CA PRO C 410 -36.76 5.19 -74.01
C PRO C 410 -37.91 5.68 -73.14
N ILE C 411 -39.08 5.81 -73.76
CA ILE C 411 -40.23 6.41 -73.09
C ILE C 411 -40.68 5.56 -71.91
N ALA C 412 -40.33 4.27 -71.89
CA ALA C 412 -40.72 3.40 -70.80
C ALA C 412 -40.19 3.87 -69.45
N VAL C 413 -39.04 4.53 -69.43
CA VAL C 413 -38.48 5.04 -68.18
C VAL C 413 -38.45 6.56 -68.19
N GLN C 414 -39.44 7.18 -68.84
CA GLN C 414 -39.45 8.64 -68.92
C GLN C 414 -39.65 9.27 -67.56
N ALA C 415 -40.36 8.59 -66.64
CA ALA C 415 -40.52 9.12 -65.29
C ALA C 415 -39.19 9.21 -64.56
N VAL C 416 -38.26 8.31 -64.88
CA VAL C 416 -36.95 8.35 -64.23
C VAL C 416 -36.15 9.55 -64.71
N ALA C 417 -36.23 9.83 -66.01
CA ALA C 417 -35.50 10.98 -66.56
C ALA C 417 -36.08 12.29 -66.06
N LYS C 418 -37.40 12.37 -65.87
CA LYS C 418 -37.98 13.59 -65.33
C LYS C 418 -37.58 13.80 -63.87
N ALA C 419 -37.54 12.72 -63.09
CA ALA C 419 -37.12 12.84 -61.70
C ALA C 419 -35.65 13.24 -61.58
N SER C 420 -34.81 12.81 -62.51
CA SER C 420 -33.41 13.25 -62.52
C SER C 420 -33.33 14.77 -62.67
N ILE C 421 -34.14 15.33 -63.57
CA ILE C 421 -34.23 16.78 -63.70
C ILE C 421 -34.78 17.39 -62.42
N ASP C 422 -35.94 16.89 -61.97
CA ASP C 422 -36.61 17.46 -60.81
C ASP C 422 -35.74 17.40 -59.56
N GLN C 423 -35.08 16.25 -59.34
CA GLN C 423 -34.31 16.08 -58.11
C GLN C 423 -32.97 16.81 -58.17
N SER C 424 -32.40 16.99 -59.36
CA SER C 424 -31.21 17.83 -59.49
C SER C 424 -31.52 19.26 -59.07
N ARG C 425 -32.71 19.75 -59.42
CA ARG C 425 -33.12 21.08 -58.99
C ARG C 425 -33.45 21.11 -57.51
N GLU C 426 -34.16 20.08 -57.03
CA GLU C 426 -34.45 19.97 -55.61
C GLU C 426 -33.17 19.99 -54.78
N MET C 427 -32.10 19.37 -55.28
CA MET C 427 -30.79 19.38 -54.63
C MET C 427 -29.96 20.62 -54.93
N LYS C 428 -30.50 21.59 -55.68
CA LYS C 428 -29.86 22.88 -55.92
C LYS C 428 -28.50 22.72 -56.62
N TYR C 429 -28.47 21.91 -57.67
CA TYR C 429 -27.27 21.77 -58.48
C TYR C 429 -26.90 23.11 -59.13
N GLN C 430 -25.59 23.40 -59.17
CA GLN C 430 -25.12 24.51 -59.97
C GLN C 430 -25.24 24.17 -61.46
N SER C 431 -24.95 25.16 -62.31
CA SER C 431 -25.20 25.06 -63.73
C SER C 431 -24.18 24.16 -64.43
N LEU C 432 -24.51 23.75 -65.65
CA LEU C 432 -23.61 22.95 -66.48
C LEU C 432 -22.23 23.60 -66.58
N ASN C 433 -22.17 24.89 -66.88
CA ASN C 433 -20.89 25.53 -67.10
C ASN C 433 -20.11 25.70 -65.80
N GLU C 434 -20.79 25.78 -64.66
CA GLU C 434 -20.09 25.75 -63.38
C GLU C 434 -19.36 24.43 -63.19
N TYR C 435 -20.05 23.32 -63.47
CA TYR C 435 -19.41 22.01 -63.35
C TYR C 435 -18.31 21.80 -64.39
N ARG C 436 -18.46 22.40 -65.58
CA ARG C 436 -17.37 22.32 -66.55
C ARG C 436 -16.13 23.05 -66.06
N LYS C 437 -16.29 24.26 -65.50
CA LYS C 437 -15.15 24.98 -64.95
C LYS C 437 -14.56 24.26 -63.73
N ARG C 438 -15.41 23.63 -62.93
CA ARG C 438 -14.94 22.88 -61.77
C ARG C 438 -13.99 21.76 -62.17
N PHE C 439 -14.15 21.20 -63.37
CA PHE C 439 -13.33 20.10 -63.84
C PHE C 439 -12.41 20.53 -64.99
N SER C 440 -11.98 21.80 -64.98
CA SER C 440 -10.96 22.31 -65.87
C SER C 440 -11.41 22.32 -67.33
N LEU C 441 -12.71 22.44 -67.56
CA LEU C 441 -13.24 22.46 -68.92
C LEU C 441 -13.70 23.86 -69.28
N LYS C 442 -13.51 24.20 -70.55
CA LYS C 442 -13.86 25.52 -71.05
C LYS C 442 -15.39 25.65 -71.13
N PRO C 443 -15.98 26.72 -70.59
CA PRO C 443 -17.44 26.85 -70.63
C PRO C 443 -17.96 26.91 -72.06
N TYR C 444 -19.13 26.32 -72.26
CA TYR C 444 -19.81 26.44 -73.55
C TYR C 444 -20.35 27.86 -73.72
N THR C 445 -20.28 28.37 -74.95
CA THR C 445 -20.69 29.74 -75.24
C THR C 445 -22.02 29.81 -75.97
N SER C 446 -22.60 28.68 -76.35
CA SER C 446 -23.89 28.65 -77.02
C SER C 446 -24.43 27.24 -76.92
N PHE C 447 -25.75 27.11 -77.11
CA PHE C 447 -26.35 25.78 -77.14
C PHE C 447 -25.87 24.98 -78.34
N GLU C 448 -25.56 25.66 -79.45
CA GLU C 448 -25.09 24.94 -80.64
C GLU C 448 -23.72 24.33 -80.42
N GLU C 449 -22.83 25.00 -79.68
CA GLU C 449 -21.56 24.37 -79.34
C GLU C 449 -21.77 23.19 -78.42
N LEU C 450 -22.76 23.26 -77.54
CA LEU C 450 -23.04 22.14 -76.63
C LEU C 450 -23.49 20.91 -77.41
N THR C 451 -24.45 21.08 -78.33
CA THR C 451 -25.02 19.95 -79.05
C THR C 451 -24.29 19.62 -80.35
N GLY C 452 -23.65 20.60 -80.97
CA GLY C 452 -23.04 20.39 -82.27
C GLY C 452 -24.00 20.33 -83.44
N GLU C 453 -25.28 20.60 -83.21
CA GLU C 453 -26.29 20.63 -84.27
C GLU C 453 -27.18 21.84 -84.04
N LYS C 454 -28.31 21.90 -84.73
CA LYS C 454 -29.13 23.11 -84.76
C LYS C 454 -30.52 22.94 -84.19
N GLU C 455 -31.18 21.80 -84.42
CA GLU C 455 -32.58 21.69 -84.02
C GLU C 455 -32.74 21.64 -82.50
N MET C 456 -32.07 20.69 -81.85
CA MET C 456 -32.15 20.60 -80.40
C MET C 456 -31.61 21.85 -79.74
N ALA C 457 -30.54 22.43 -80.29
CA ALA C 457 -29.97 23.66 -79.72
C ALA C 457 -30.99 24.78 -79.71
N ALA C 458 -31.74 24.95 -80.80
CA ALA C 458 -32.74 26.03 -80.85
C ALA C 458 -33.86 25.78 -79.85
N GLU C 459 -34.31 24.54 -79.71
CA GLU C 459 -35.29 24.20 -78.69
C GLU C 459 -34.76 24.52 -77.29
N LEU C 460 -33.49 24.16 -77.03
CA LEU C 460 -32.90 24.47 -75.73
C LEU C 460 -32.75 25.97 -75.54
N LYS C 461 -32.46 26.71 -76.61
CA LYS C 461 -32.31 28.16 -76.48
C LYS C 461 -33.65 28.82 -76.16
N ALA C 462 -34.74 28.31 -76.73
CA ALA C 462 -36.07 28.84 -76.39
C ALA C 462 -36.43 28.54 -74.94
N LEU C 463 -36.00 27.40 -74.42
CA LEU C 463 -36.33 27.04 -73.06
C LEU C 463 -35.44 27.66 -72.00
N TYR C 464 -34.14 27.68 -72.21
CA TYR C 464 -33.24 28.18 -71.22
C TYR C 464 -32.75 29.59 -71.37
N SER C 465 -32.72 30.12 -72.58
CA SER C 465 -32.21 31.44 -72.99
C SER C 465 -30.73 31.67 -72.87
N ASP C 466 -30.14 31.47 -71.70
CA ASP C 466 -28.74 31.68 -71.47
C ASP C 466 -28.04 30.39 -71.29
N ILE C 467 -26.99 30.18 -72.04
CA ILE C 467 -26.25 28.97 -71.95
C ILE C 467 -25.74 28.74 -70.51
N ASP C 468 -25.38 29.79 -69.82
CA ASP C 468 -24.86 29.67 -68.47
C ASP C 468 -25.91 29.16 -67.47
N VAL C 469 -27.15 29.00 -67.91
CA VAL C 469 -28.21 28.46 -67.04
C VAL C 469 -28.58 27.03 -67.41
N MET C 470 -28.07 26.53 -68.54
CA MET C 470 -28.23 25.13 -68.90
C MET C 470 -27.85 24.21 -67.74
N GLU C 471 -28.66 23.18 -67.53
CA GLU C 471 -28.48 22.27 -66.41
C GLU C 471 -27.53 21.13 -66.77
N LEU C 472 -26.94 20.54 -65.73
CA LEU C 472 -25.94 19.50 -65.93
C LEU C 472 -26.53 18.24 -66.53
N TYR C 473 -27.59 17.71 -65.91
CA TYR C 473 -28.10 16.41 -66.34
C TYR C 473 -28.61 16.39 -67.77
N PRO C 474 -29.51 17.28 -68.21
CA PRO C 474 -29.93 17.22 -69.62
C PRO C 474 -28.78 17.48 -70.58
N ALA C 475 -27.81 18.30 -70.18
CA ALA C 475 -26.69 18.61 -71.06
C ALA C 475 -25.85 17.37 -71.35
N LEU C 476 -25.76 16.44 -70.40
CA LEU C 476 -24.98 15.23 -70.63
C LEU C 476 -25.61 14.36 -71.70
N LEU C 477 -26.94 14.33 -71.78
CA LEU C 477 -27.63 13.46 -72.71
C LEU C 477 -27.86 14.10 -74.07
N VAL C 478 -27.65 15.42 -74.20
CA VAL C 478 -27.76 16.09 -75.49
C VAL C 478 -26.40 16.50 -76.05
N GLU C 479 -25.33 16.34 -75.28
CA GLU C 479 -24.03 16.84 -75.70
C GLU C 479 -23.57 16.20 -77.01
N LYS C 480 -22.86 16.97 -77.80
CA LYS C 480 -22.20 16.45 -78.99
C LYS C 480 -21.27 15.31 -78.59
N PRO C 481 -21.46 14.10 -79.09
CA PRO C 481 -20.52 13.02 -78.76
C PRO C 481 -19.16 13.28 -79.36
N ARG C 482 -18.15 12.64 -78.78
CA ARG C 482 -16.88 12.51 -79.48
C ARG C 482 -17.12 11.73 -80.77
N PRO C 483 -16.21 11.84 -81.76
CA PRO C 483 -16.45 11.18 -83.04
C PRO C 483 -16.72 9.69 -82.92
N ASP C 484 -17.95 9.29 -83.28
CA ASP C 484 -18.42 7.90 -83.17
C ASP C 484 -18.28 7.37 -81.74
N ALA C 485 -18.46 8.22 -80.74
CA ALA C 485 -18.36 7.82 -79.35
C ALA C 485 -19.72 7.82 -78.67
N ILE C 486 -19.75 7.17 -77.51
CA ILE C 486 -21.00 7.01 -76.76
C ILE C 486 -21.30 8.26 -75.93
N PHE C 487 -20.26 8.99 -75.51
CA PHE C 487 -20.38 10.12 -74.61
C PHE C 487 -19.83 11.39 -75.26
N GLY C 488 -20.21 12.52 -74.69
CA GLY C 488 -19.54 13.79 -74.95
C GLY C 488 -18.42 14.05 -73.96
N GLU C 489 -17.80 15.22 -74.11
CA GLU C 489 -16.64 15.56 -73.30
C GLU C 489 -16.99 15.67 -71.81
N THR C 490 -18.14 16.28 -71.50
CA THR C 490 -18.49 16.53 -70.09
C THR C 490 -18.64 15.22 -69.31
N MET C 491 -19.31 14.23 -69.92
CA MET C 491 -19.48 12.94 -69.24
C MET C 491 -18.15 12.32 -68.86
N VAL C 492 -17.20 12.28 -69.80
CA VAL C 492 -15.94 11.61 -69.56
C VAL C 492 -15.12 12.39 -68.52
N GLU C 493 -15.05 13.70 -68.68
CA GLU C 493 -14.11 14.49 -67.88
C GLU C 493 -14.61 14.72 -66.46
N LEU C 494 -15.92 14.70 -66.24
CA LEU C 494 -16.43 14.76 -64.88
C LEU C 494 -16.48 13.38 -64.23
N GLY C 495 -16.83 12.35 -65.01
CA GLY C 495 -17.09 11.04 -64.43
C GLY C 495 -15.86 10.20 -64.21
N ALA C 496 -14.85 10.32 -65.07
CA ALA C 496 -13.65 9.51 -64.90
C ALA C 496 -12.94 9.75 -63.57
N PRO C 497 -12.82 10.98 -63.06
CA PRO C 497 -12.20 11.15 -61.73
C PRO C 497 -12.96 10.45 -60.61
N PHE C 498 -14.29 10.60 -60.56
CA PHE C 498 -15.07 9.89 -59.55
C PHE C 498 -14.90 8.38 -59.68
N SER C 499 -14.83 7.88 -60.91
CA SER C 499 -14.81 6.43 -61.15
C SER C 499 -13.51 5.80 -60.68
N LEU C 500 -12.37 6.38 -61.04
CA LEU C 500 -11.09 5.79 -60.67
C LEU C 500 -10.79 5.98 -59.20
N LYS C 501 -11.26 7.09 -58.61
CA LYS C 501 -11.19 7.26 -57.16
C LYS C 501 -11.97 6.16 -56.45
N GLY C 502 -13.20 5.89 -56.90
CA GLY C 502 -13.96 4.79 -56.36
C GLY C 502 -13.26 3.45 -56.47
N LEU C 503 -12.60 3.20 -57.61
CA LEU C 503 -11.93 1.92 -57.81
C LEU C 503 -10.61 1.84 -57.07
N MET C 504 -9.75 2.86 -57.22
CA MET C 504 -8.43 2.81 -56.61
C MET C 504 -8.44 3.18 -55.13
N GLY C 505 -9.43 3.93 -54.67
CA GLY C 505 -9.55 4.29 -53.27
C GLY C 505 -9.84 3.12 -52.34
N ASN C 506 -10.16 1.96 -52.89
CA ASN C 506 -10.55 0.81 -52.07
C ASN C 506 -9.38 0.37 -51.20
N PRO C 507 -9.64 -0.08 -49.97
CA PRO C 507 -8.54 -0.52 -49.10
C PRO C 507 -7.71 -1.66 -49.66
N ILE C 508 -8.29 -2.59 -50.44
CA ILE C 508 -7.50 -3.72 -50.93
C ILE C 508 -6.39 -3.26 -51.87
N CYS C 509 -6.47 -2.03 -52.36
CA CYS C 509 -5.43 -1.45 -53.21
C CYS C 509 -4.30 -0.82 -52.39
N SER C 510 -4.48 -0.66 -51.09
CA SER C 510 -3.46 -0.06 -50.25
C SER C 510 -2.28 -1.03 -50.06
N PRO C 511 -1.09 -0.51 -49.81
CA PRO C 511 0.10 -1.39 -49.75
C PRO C 511 0.01 -2.49 -48.69
N GLN C 512 -0.63 -2.25 -47.54
CA GLN C 512 -0.73 -3.29 -46.55
C GLN C 512 -1.76 -4.36 -46.90
N TYR C 513 -2.65 -4.08 -47.84
CA TYR C 513 -3.60 -5.09 -48.31
C TYR C 513 -3.14 -5.77 -49.59
N TRP C 514 -2.40 -5.08 -50.46
CA TRP C 514 -2.10 -5.60 -51.79
C TRP C 514 -0.89 -6.52 -51.71
N LYS C 515 -1.15 -7.73 -51.21
CA LYS C 515 -0.13 -8.77 -51.10
C LYS C 515 -0.83 -10.12 -51.09
N PRO C 516 -0.14 -11.19 -51.49
CA PRO C 516 -0.84 -12.47 -51.69
C PRO C 516 -1.53 -13.02 -50.45
N SER C 517 -1.01 -12.75 -49.25
CA SER C 517 -1.60 -13.36 -48.06
C SER C 517 -2.96 -12.77 -47.72
N THR C 518 -3.25 -11.55 -48.16
CA THR C 518 -4.59 -11.00 -48.00
C THR C 518 -5.65 -11.86 -48.66
N PHE C 519 -5.28 -12.52 -49.77
CA PHE C 519 -6.22 -13.24 -50.61
C PHE C 519 -6.01 -14.75 -50.54
N GLY C 520 -5.41 -15.23 -49.45
CA GLY C 520 -5.19 -16.65 -49.24
C GLY C 520 -3.98 -17.22 -49.94
N GLY C 521 -3.04 -16.38 -50.38
CA GLY C 521 -1.85 -16.84 -51.06
C GLY C 521 -1.89 -16.54 -52.54
N GLU C 522 -0.85 -17.02 -53.23
CA GLU C 522 -0.67 -16.69 -54.64
C GLU C 522 -1.81 -17.21 -55.51
N VAL C 523 -2.50 -18.27 -55.09
CA VAL C 523 -3.61 -18.79 -55.88
C VAL C 523 -4.78 -17.80 -55.88
N GLY C 524 -5.15 -17.30 -54.70
CA GLY C 524 -6.21 -16.30 -54.64
C GLY C 524 -5.81 -14.99 -55.27
N PHE C 525 -4.55 -14.59 -55.10
CA PHE C 525 -4.02 -13.37 -55.71
C PHE C 525 -4.16 -13.43 -57.23
N LYS C 526 -3.94 -14.61 -57.82
CA LYS C 526 -3.95 -14.75 -59.27
C LYS C 526 -5.37 -14.71 -59.83
N ILE C 527 -6.37 -15.16 -59.06
CA ILE C 527 -7.76 -15.02 -59.48
C ILE C 527 -8.09 -13.56 -59.77
N ILE C 528 -7.66 -12.66 -58.87
CA ILE C 528 -7.85 -11.23 -59.10
C ILE C 528 -7.12 -10.78 -60.36
N ASN C 529 -5.84 -11.12 -60.46
CA ASN C 529 -4.98 -10.53 -61.48
C ASN C 529 -5.16 -11.14 -62.86
N THR C 530 -5.88 -12.25 -63.00
CA THR C 530 -6.23 -12.80 -64.29
C THR C 530 -7.71 -12.64 -64.62
N ALA C 531 -8.44 -11.87 -63.83
CA ALA C 531 -9.89 -11.76 -64.02
C ALA C 531 -10.21 -10.98 -65.29
N SER C 532 -11.32 -11.36 -65.92
CA SER C 532 -11.84 -10.68 -67.10
C SER C 532 -13.33 -11.00 -67.19
N ILE C 533 -14.05 -10.18 -67.96
CA ILE C 533 -15.47 -10.48 -68.14
C ILE C 533 -15.65 -11.81 -68.87
N GLN C 534 -14.72 -12.17 -69.76
CA GLN C 534 -14.82 -13.45 -70.44
C GLN C 534 -14.63 -14.61 -69.47
N SER C 535 -13.62 -14.54 -68.60
CA SER C 535 -13.37 -15.63 -67.67
C SER C 535 -14.44 -15.69 -66.59
N LEU C 536 -15.01 -14.54 -66.21
CA LEU C 536 -16.15 -14.54 -65.30
C LEU C 536 -17.29 -15.38 -65.85
N ILE C 537 -17.63 -15.19 -67.12
CA ILE C 537 -18.72 -15.93 -67.73
C ILE C 537 -18.31 -17.38 -67.97
N CYS C 538 -17.07 -17.61 -68.40
CA CYS C 538 -16.64 -18.95 -68.76
C CYS C 538 -16.64 -19.90 -67.56
N ASN C 539 -16.13 -19.43 -66.43
CA ASN C 539 -16.04 -20.32 -65.26
C ASN C 539 -17.40 -20.61 -64.63
N ASN C 540 -18.42 -19.80 -64.91
CA ASN C 540 -19.66 -19.86 -64.16
C ASN C 540 -20.91 -20.10 -64.99
N VAL C 541 -20.82 -20.04 -66.32
CA VAL C 541 -21.99 -20.23 -67.18
C VAL C 541 -21.77 -21.49 -68.01
N LYS C 542 -22.76 -22.38 -68.01
CA LYS C 542 -22.65 -23.67 -68.67
C LYS C 542 -22.31 -23.49 -70.15
N GLY C 543 -21.35 -24.27 -70.63
CA GLY C 543 -20.91 -24.20 -72.01
C GLY C 543 -19.84 -23.18 -72.30
N CYS C 544 -19.46 -22.35 -71.33
CA CYS C 544 -18.49 -21.29 -71.51
C CYS C 544 -18.75 -20.49 -72.78
N PRO C 545 -19.89 -19.81 -72.88
CA PRO C 545 -20.18 -19.04 -74.09
C PRO C 545 -19.25 -17.83 -74.20
N PHE C 546 -18.94 -17.48 -75.44
CA PHE C 546 -18.16 -16.27 -75.69
C PHE C 546 -18.95 -15.04 -75.26
N THR C 547 -18.26 -14.09 -74.63
CA THR C 547 -18.92 -12.84 -74.27
C THR C 547 -17.92 -11.70 -74.39
N SER C 548 -18.45 -10.48 -74.31
CA SER C 548 -17.75 -9.25 -74.61
C SER C 548 -18.66 -8.10 -74.24
N PHE C 549 -18.09 -6.92 -74.10
CA PHE C 549 -18.87 -5.72 -73.86
C PHE C 549 -19.29 -5.01 -75.15
N ASN C 550 -18.95 -5.57 -76.31
CA ASN C 550 -19.34 -5.00 -77.59
C ASN C 550 -19.89 -6.08 -78.51
N VAL C 551 -20.83 -5.69 -79.37
CA VAL C 551 -21.35 -6.60 -80.38
C VAL C 551 -20.24 -6.95 -81.37
N GLN C 552 -20.26 -8.19 -81.85
CA GLN C 552 -19.21 -8.68 -82.74
C GLN C 552 -19.70 -8.72 -84.18
N ALA D 1 -2.13 -26.11 -32.37
CA ALA D 1 -3.07 -26.39 -33.45
C ALA D 1 -2.77 -25.54 -34.67
N ASN D 2 -3.18 -24.27 -34.62
CA ASN D 2 -2.84 -23.30 -35.66
C ASN D 2 -1.32 -23.25 -35.83
N PRO D 3 -0.79 -23.53 -37.02
CA PRO D 3 0.67 -23.50 -37.21
C PRO D 3 1.28 -22.11 -37.13
N CYS D 4 0.48 -21.05 -37.09
CA CYS D 4 0.96 -19.69 -36.89
C CYS D 4 0.97 -19.27 -35.42
N CYS D 5 0.66 -20.20 -34.50
CA CYS D 5 0.54 -19.86 -33.09
C CYS D 5 1.83 -19.35 -32.49
N SER D 6 2.98 -19.69 -33.05
CA SER D 6 4.27 -19.31 -32.48
C SER D 6 4.78 -17.98 -33.01
N ASN D 7 3.96 -17.26 -33.79
CA ASN D 7 4.35 -16.00 -34.40
C ASN D 7 5.65 -16.11 -35.18
N PRO D 8 5.75 -17.06 -36.12
CA PRO D 8 7.07 -17.34 -36.72
C PRO D 8 7.57 -16.24 -37.63
N CYS D 9 6.69 -15.47 -38.26
CA CYS D 9 7.12 -14.46 -39.22
C CYS D 9 7.64 -13.22 -38.48
N GLN D 10 8.83 -12.78 -38.85
CA GLN D 10 9.47 -11.63 -38.26
C GLN D 10 9.39 -10.42 -39.19
N ASN D 11 9.66 -9.24 -38.62
CA ASN D 11 9.87 -8.02 -39.40
C ASN D 11 8.63 -7.61 -40.18
N ARG D 12 7.45 -7.88 -39.61
CA ARG D 12 6.13 -7.44 -40.08
C ARG D 12 5.63 -8.24 -41.27
N GLY D 13 6.24 -9.38 -41.60
CA GLY D 13 5.64 -10.28 -42.55
C GLY D 13 4.42 -10.97 -41.96
N GLU D 14 3.54 -11.44 -42.83
CA GLU D 14 2.27 -12.00 -42.40
C GLU D 14 2.29 -13.52 -42.48
N CYS D 15 1.76 -14.16 -41.44
CA CYS D 15 1.72 -15.61 -41.35
C CYS D 15 0.38 -16.11 -41.90
N MET D 16 0.44 -17.12 -42.74
CA MET D 16 -0.75 -17.77 -43.28
C MET D 16 -0.54 -19.27 -43.23
N SER D 17 -1.54 -19.98 -42.72
CA SER D 17 -1.46 -21.43 -42.69
C SER D 17 -1.63 -21.99 -44.10
N THR D 18 -0.79 -22.98 -44.44
CA THR D 18 -0.88 -23.67 -45.72
C THR D 18 -1.23 -25.14 -45.54
N GLY D 19 -1.85 -25.46 -44.41
CA GLY D 19 -2.14 -26.83 -44.05
C GLY D 19 -2.42 -26.89 -42.56
N PHE D 20 -2.65 -28.11 -42.09
CA PHE D 20 -2.93 -28.28 -40.68
C PHE D 20 -1.72 -28.02 -39.80
N ASP D 21 -0.51 -28.30 -40.31
CA ASP D 21 0.70 -28.20 -39.50
C ASP D 21 1.83 -27.49 -40.24
N GLN D 22 1.51 -26.62 -41.20
CA GLN D 22 2.52 -25.88 -41.95
C GLN D 22 2.09 -24.44 -42.18
N TYR D 23 3.07 -23.57 -42.38
CA TYR D 23 2.81 -22.15 -42.56
C TYR D 23 3.68 -21.57 -43.68
N LYS D 24 3.30 -20.37 -44.10
CA LYS D 24 4.06 -19.59 -45.07
C LYS D 24 4.07 -18.14 -44.62
N CYS D 25 5.22 -17.48 -44.75
CA CYS D 25 5.33 -16.07 -44.43
C CYS D 25 5.32 -15.24 -45.71
N ASP D 26 4.52 -14.18 -45.72
CA ASP D 26 4.47 -13.22 -46.82
C ASP D 26 5.40 -12.06 -46.48
N CYS D 27 6.55 -12.02 -47.12
CA CYS D 27 7.57 -11.03 -46.83
C CYS D 27 7.47 -9.80 -47.72
N THR D 28 6.38 -9.66 -48.46
CA THR D 28 6.17 -8.55 -49.38
C THR D 28 6.46 -7.19 -48.74
N ARG D 29 7.41 -6.47 -49.32
CA ARG D 29 7.73 -5.08 -48.95
C ARG D 29 8.19 -4.94 -47.51
N THR D 30 8.61 -6.03 -46.86
CA THR D 30 9.18 -5.92 -45.53
C THR D 30 10.65 -5.52 -45.56
N GLY D 31 11.32 -5.69 -46.69
CA GLY D 31 12.76 -5.54 -46.76
C GLY D 31 13.53 -6.78 -46.40
N PHE D 32 12.84 -7.90 -46.17
CA PHE D 32 13.46 -9.16 -45.78
C PHE D 32 12.89 -10.28 -46.64
N TYR D 33 13.63 -11.39 -46.70
CA TYR D 33 13.16 -12.61 -47.34
C TYR D 33 13.58 -13.79 -46.49
N GLY D 34 13.20 -14.98 -46.94
CA GLY D 34 13.46 -16.20 -46.19
C GLY D 34 12.19 -16.75 -45.56
N GLU D 35 12.32 -17.95 -45.00
CA GLU D 35 11.16 -18.69 -44.50
C GLU D 35 10.36 -17.87 -43.48
N ASN D 36 11.03 -17.15 -42.58
CA ASN D 36 10.34 -16.30 -41.63
C ASN D 36 10.70 -14.83 -41.81
N CYS D 37 11.16 -14.44 -43.01
CA CYS D 37 11.49 -13.04 -43.32
C CYS D 37 12.57 -12.48 -42.40
N THR D 38 13.64 -13.26 -42.19
CA THR D 38 14.74 -12.83 -41.34
C THR D 38 16.02 -12.51 -42.10
N THR D 39 16.09 -12.82 -43.39
CA THR D 39 17.28 -12.54 -44.18
C THR D 39 17.15 -11.16 -44.82
N PRO D 40 17.95 -10.17 -44.42
CA PRO D 40 17.75 -8.80 -44.91
C PRO D 40 18.29 -8.61 -46.32
N GLU D 41 17.54 -7.83 -47.11
CA GLU D 41 18.05 -7.36 -48.38
C GLU D 41 19.26 -6.45 -48.15
N PHE D 42 20.00 -6.19 -49.23
CA PHE D 42 21.24 -5.42 -49.10
C PHE D 42 20.97 -4.03 -48.55
N LEU D 43 19.99 -3.32 -49.13
CA LEU D 43 19.65 -1.98 -48.64
C LEU D 43 19.17 -2.02 -47.20
N THR D 44 18.47 -3.10 -46.82
CA THR D 44 18.02 -3.24 -45.44
C THR D 44 19.22 -3.38 -44.49
N ARG D 45 20.26 -4.08 -44.92
CA ARG D 45 21.47 -4.18 -44.11
C ARG D 45 22.08 -2.81 -43.85
N ILE D 46 22.06 -1.93 -44.86
CA ILE D 46 22.56 -0.57 -44.69
C ILE D 46 21.71 0.19 -43.67
N LYS D 47 20.40 0.25 -43.90
CA LYS D 47 19.51 0.98 -43.00
C LYS D 47 19.66 0.52 -41.55
N LEU D 48 19.75 -0.80 -41.33
CA LEU D 48 19.92 -1.31 -39.97
C LEU D 48 21.23 -0.85 -39.35
N LEU D 49 22.31 -0.80 -40.14
CA LEU D 49 23.61 -0.41 -39.60
C LEU D 49 23.61 1.07 -39.18
N LEU D 50 22.93 1.94 -39.93
CA LEU D 50 23.02 3.36 -39.71
C LEU D 50 21.90 3.93 -38.83
N LYS D 51 20.92 3.11 -38.44
CA LYS D 51 19.78 3.65 -37.69
C LYS D 51 20.09 3.70 -36.21
N PRO D 52 20.05 4.86 -35.58
CA PRO D 52 20.25 4.94 -34.13
C PRO D 52 19.08 4.32 -33.37
N THR D 53 19.35 3.94 -32.13
CA THR D 53 18.31 3.39 -31.27
C THR D 53 17.46 4.52 -30.68
N PRO D 54 16.21 4.22 -30.32
CA PRO D 54 15.36 5.26 -29.69
C PRO D 54 15.98 5.88 -28.45
N ASN D 55 16.71 5.10 -27.65
CA ASN D 55 17.33 5.67 -26.46
C ASN D 55 18.47 6.62 -26.81
N THR D 56 19.20 6.33 -27.89
CA THR D 56 20.21 7.28 -28.37
C THR D 56 19.57 8.54 -28.90
N VAL D 57 18.51 8.40 -29.69
CA VAL D 57 17.79 9.55 -30.20
C VAL D 57 17.20 10.37 -29.05
N HIS D 58 16.61 9.68 -28.07
CA HIS D 58 16.06 10.38 -26.90
C HIS D 58 17.13 11.17 -26.18
N TYR D 59 18.33 10.60 -26.03
CA TYR D 59 19.41 11.33 -25.39
C TYR D 59 19.73 12.63 -26.13
N ILE D 60 19.79 12.57 -27.46
CA ILE D 60 20.14 13.75 -28.24
C ILE D 60 19.04 14.80 -28.16
N LEU D 61 17.77 14.36 -28.19
CA LEU D 61 16.67 15.31 -28.17
C LEU D 61 16.53 16.02 -26.83
N THR D 62 17.05 15.44 -25.75
CA THR D 62 16.93 16.01 -24.42
C THR D 62 18.23 16.61 -23.90
N HIS D 63 19.28 16.64 -24.71
CA HIS D 63 20.55 17.26 -24.38
C HIS D 63 20.91 18.24 -25.49
N PHE D 64 22.09 18.87 -25.36
CA PHE D 64 22.58 19.85 -26.32
C PHE D 64 21.60 21.03 -26.43
N LYS D 65 21.20 21.56 -25.28
CA LYS D 65 20.19 22.62 -25.26
C LYS D 65 20.58 23.80 -26.12
N GLY D 66 21.89 24.13 -26.16
CA GLY D 66 22.32 25.24 -26.98
C GLY D 66 22.09 25.00 -28.46
N VAL D 67 22.30 23.76 -28.92
CA VAL D 67 22.10 23.45 -30.33
C VAL D 67 20.62 23.51 -30.69
N TRP D 68 19.77 22.88 -29.88
CA TRP D 68 18.33 22.91 -30.13
C TRP D 68 17.77 24.33 -30.11
N ASN D 69 18.36 25.21 -29.29
CA ASN D 69 17.90 26.59 -29.26
C ASN D 69 18.15 27.28 -30.59
N ILE D 70 19.24 26.95 -31.27
CA ILE D 70 19.50 27.49 -32.60
C ILE D 70 18.52 26.93 -33.61
N VAL D 71 18.34 25.60 -33.59
CA VAL D 71 17.43 24.95 -34.53
C VAL D 71 16.02 25.51 -34.40
N ASN D 72 15.55 25.67 -33.16
CA ASN D 72 14.18 26.14 -32.92
C ASN D 72 13.92 27.50 -33.53
N ASN D 73 14.95 28.31 -33.72
CA ASN D 73 14.82 29.67 -34.22
C ASN D 73 15.14 29.78 -35.71
N ILE D 74 15.39 28.65 -36.37
CA ILE D 74 15.58 28.63 -37.81
C ILE D 74 14.38 27.91 -38.42
N PRO D 75 13.38 28.65 -38.91
CA PRO D 75 12.11 28.00 -39.30
C PRO D 75 12.27 26.89 -40.34
N PHE D 76 13.12 27.09 -41.35
CA PHE D 76 13.36 26.03 -42.32
C PHE D 76 13.83 24.76 -41.65
N LEU D 77 14.75 24.88 -40.69
CA LEU D 77 15.35 23.71 -40.05
C LEU D 77 14.37 23.06 -39.07
N ARG D 78 13.71 23.88 -38.25
CA ARG D 78 12.69 23.36 -37.34
C ARG D 78 11.57 22.65 -38.11
N SER D 79 11.16 23.22 -39.23
CA SER D 79 10.16 22.57 -40.07
C SER D 79 10.67 21.23 -40.60
N LEU D 80 11.93 21.19 -41.03
CA LEU D 80 12.49 19.96 -41.58
C LEU D 80 12.52 18.85 -40.54
N ILE D 81 12.88 19.18 -39.31
CA ILE D 81 12.96 18.17 -38.26
C ILE D 81 11.58 17.67 -37.88
N MET D 82 10.65 18.59 -37.62
CA MET D 82 9.29 18.19 -37.26
C MET D 82 8.65 17.35 -38.36
N LYS D 83 9.02 17.61 -39.62
CA LYS D 83 8.48 16.83 -40.73
C LYS D 83 8.91 15.37 -40.65
N TYR D 84 10.17 15.12 -40.29
CA TYR D 84 10.65 13.75 -40.21
C TYR D 84 10.06 13.03 -39.00
N VAL D 85 9.79 13.75 -37.92
CA VAL D 85 9.04 13.18 -36.80
C VAL D 85 7.69 12.67 -37.28
N LEU D 86 6.95 13.51 -38.03
CA LEU D 86 5.61 13.14 -38.45
C LEU D 86 5.61 11.94 -39.38
N THR D 87 6.52 11.91 -40.35
CA THR D 87 6.44 10.84 -41.34
C THR D 87 6.99 9.53 -40.78
N SER D 88 8.19 9.56 -40.19
CA SER D 88 8.79 8.33 -39.70
C SER D 88 7.94 7.65 -38.62
N ARG D 89 7.08 8.41 -37.95
CA ARG D 89 6.21 7.81 -36.94
C ARG D 89 5.04 7.07 -37.59
N SER D 90 4.35 7.72 -38.53
CA SER D 90 3.13 7.18 -39.12
C SER D 90 3.36 5.94 -39.98
N TYR D 91 4.60 5.67 -40.43
CA TYR D 91 4.85 4.43 -41.17
C TYR D 91 4.60 3.19 -40.32
N LEU D 92 4.65 3.31 -38.99
CA LEU D 92 4.42 2.17 -38.10
C LEU D 92 2.95 1.78 -37.99
N ILE D 93 2.02 2.54 -38.56
CA ILE D 93 0.59 2.31 -38.43
C ILE D 93 0.04 1.78 -39.75
N ASP D 94 -0.77 0.72 -39.67
CA ASP D 94 -1.50 0.24 -40.84
C ASP D 94 -2.67 1.19 -41.10
N SER D 95 -2.64 1.86 -42.23
CA SER D 95 -3.71 2.78 -42.59
C SER D 95 -3.95 2.71 -44.09
N PRO D 96 -5.11 2.21 -44.54
CA PRO D 96 -6.29 1.69 -43.83
C PRO D 96 -6.01 0.58 -42.81
N PRO D 97 -6.82 0.48 -41.79
CA PRO D 97 -6.63 -0.51 -40.74
C PRO D 97 -6.80 -1.92 -41.16
N THR D 98 -6.28 -2.81 -40.37
CA THR D 98 -6.34 -4.20 -40.63
C THR D 98 -7.12 -5.04 -39.66
N TYR D 99 -6.47 -5.55 -38.66
CA TYR D 99 -7.05 -6.46 -37.70
C TYR D 99 -7.88 -5.92 -36.60
N ASN D 100 -8.61 -6.79 -35.94
CA ASN D 100 -9.39 -6.49 -34.77
C ASN D 100 -9.44 -7.66 -33.80
N VAL D 101 -10.18 -7.54 -32.73
CA VAL D 101 -10.21 -8.60 -31.72
C VAL D 101 -10.72 -9.91 -32.29
N HIS D 102 -11.58 -9.86 -33.31
CA HIS D 102 -12.17 -11.07 -33.86
C HIS D 102 -11.51 -11.54 -35.16
N TYR D 103 -10.61 -10.76 -35.75
CA TYR D 103 -10.02 -11.11 -37.03
C TYR D 103 -8.50 -10.98 -36.97
N GLY D 104 -7.81 -12.11 -37.01
CA GLY D 104 -6.38 -12.21 -37.15
C GLY D 104 -5.89 -12.23 -38.58
N TYR D 105 -6.82 -12.12 -39.53
CA TYR D 105 -6.54 -11.98 -40.94
C TYR D 105 -7.36 -10.82 -41.47
N LYS D 106 -6.88 -10.18 -42.54
CA LYS D 106 -7.62 -9.07 -43.10
C LYS D 106 -8.94 -9.55 -43.69
N SER D 107 -10.00 -8.77 -43.46
CA SER D 107 -11.33 -9.11 -43.95
C SER D 107 -12.11 -7.82 -44.15
N TRP D 108 -13.11 -7.87 -45.03
CA TRP D 108 -13.94 -6.68 -45.21
C TRP D 108 -14.69 -6.32 -43.94
N GLU D 109 -15.06 -7.32 -43.13
CA GLU D 109 -15.73 -7.03 -41.88
C GLU D 109 -14.83 -6.23 -40.94
N ALA D 110 -13.56 -6.64 -40.83
CA ALA D 110 -12.62 -5.91 -39.99
C ALA D 110 -12.42 -4.48 -40.48
N PHE D 111 -12.29 -4.29 -41.80
CA PHE D 111 -12.07 -2.94 -42.31
C PHE D 111 -13.28 -2.05 -42.11
N SER D 112 -14.48 -2.55 -42.37
CA SER D 112 -15.64 -1.69 -42.54
C SER D 112 -16.47 -1.50 -41.27
N ASN D 113 -16.41 -2.42 -40.32
CA ASN D 113 -17.23 -2.33 -39.11
C ASN D 113 -16.53 -1.38 -38.14
N LEU D 114 -17.07 -0.17 -38.02
CA LEU D 114 -16.46 0.88 -37.22
C LEU D 114 -16.65 0.67 -35.72
N SER D 115 -17.46 -0.30 -35.31
CA SER D 115 -17.71 -0.52 -33.88
C SER D 115 -16.52 -1.16 -33.18
N TYR D 116 -15.57 -1.73 -33.94
CA TYR D 116 -14.37 -2.33 -33.36
C TYR D 116 -13.30 -1.29 -33.09
N TYR D 117 -12.54 -1.51 -32.02
CA TYR D 117 -11.18 -1.01 -32.00
C TYR D 117 -10.35 -1.81 -33.01
N THR D 118 -9.44 -1.13 -33.70
CA THR D 118 -8.52 -1.88 -34.54
C THR D 118 -7.35 -2.39 -33.69
N ARG D 119 -6.50 -3.22 -34.30
CA ARG D 119 -5.40 -3.87 -33.59
C ARG D 119 -4.11 -3.73 -34.37
N ALA D 120 -3.04 -3.31 -33.69
CA ALA D 120 -1.73 -3.23 -34.31
C ALA D 120 -1.11 -4.62 -34.54
N LEU D 121 -1.43 -5.59 -33.68
CA LEU D 121 -1.03 -6.97 -33.86
C LEU D 121 -2.26 -7.86 -33.80
N PRO D 122 -2.34 -8.88 -34.65
CA PRO D 122 -3.49 -9.78 -34.61
C PRO D 122 -3.57 -10.47 -33.27
N PRO D 123 -4.78 -10.89 -32.86
CA PRO D 123 -4.90 -11.64 -31.61
C PRO D 123 -4.31 -13.04 -31.73
N VAL D 124 -3.96 -13.60 -30.57
CA VAL D 124 -3.55 -14.99 -30.51
C VAL D 124 -4.76 -15.86 -30.83
N ALA D 125 -4.58 -16.80 -31.76
CA ALA D 125 -5.71 -17.62 -32.21
C ALA D 125 -6.28 -18.43 -31.07
N ASP D 126 -7.59 -18.70 -31.14
CA ASP D 126 -8.30 -19.30 -30.01
C ASP D 126 -7.72 -20.64 -29.60
N ASP D 127 -7.28 -21.45 -30.57
CA ASP D 127 -6.81 -22.80 -30.30
C ASP D 127 -5.30 -22.90 -30.21
N CYS D 128 -4.62 -21.80 -29.86
CA CYS D 128 -3.21 -21.89 -29.54
C CYS D 128 -3.02 -22.55 -28.18
N PRO D 129 -1.97 -23.36 -28.01
CA PRO D 129 -1.82 -24.10 -26.75
C PRO D 129 -1.65 -23.24 -25.51
N THR D 130 -1.01 -22.07 -25.62
CA THR D 130 -0.79 -21.19 -24.49
C THR D 130 -1.40 -19.82 -24.77
N PRO D 131 -1.60 -18.99 -23.74
CA PRO D 131 -2.19 -17.67 -23.98
C PRO D 131 -1.37 -16.78 -24.90
N MET D 132 -0.05 -16.87 -24.85
CA MET D 132 0.81 -16.06 -25.72
C MET D 132 1.14 -16.74 -27.04
N GLY D 133 0.63 -17.95 -27.27
CA GLY D 133 0.93 -18.69 -28.49
C GLY D 133 1.41 -20.10 -28.22
N VAL D 134 2.73 -20.26 -28.08
CA VAL D 134 3.31 -21.56 -27.73
C VAL D 134 4.15 -21.50 -26.47
N LYS D 135 4.69 -20.34 -26.10
CA LYS D 135 5.56 -20.17 -24.94
C LYS D 135 4.74 -20.03 -23.67
N GLY D 136 5.39 -20.32 -22.54
CA GLY D 136 4.78 -20.14 -21.24
C GLY D 136 3.92 -21.33 -20.80
N ASN D 137 3.40 -21.21 -19.59
CA ASN D 137 2.51 -22.21 -19.04
C ASN D 137 1.13 -22.09 -19.69
N LYS D 138 0.27 -23.07 -19.41
CA LYS D 138 -1.04 -23.05 -20.05
C LYS D 138 -1.89 -21.88 -19.59
N GLU D 139 -1.61 -21.30 -18.43
CA GLU D 139 -2.33 -20.12 -17.96
C GLU D 139 -1.35 -19.07 -17.46
N LEU D 140 -1.68 -17.81 -17.71
CA LEU D 140 -0.86 -16.70 -17.28
C LEU D 140 -0.96 -16.53 -15.76
N PRO D 141 -0.03 -15.78 -15.15
CA PRO D 141 -0.10 -15.61 -13.69
C PRO D 141 -1.37 -14.89 -13.27
N ASP D 142 -1.85 -15.25 -12.07
CA ASP D 142 -2.97 -14.57 -11.45
C ASP D 142 -2.82 -13.06 -11.54
N SER D 143 -3.86 -12.41 -12.06
CA SER D 143 -3.79 -10.97 -12.29
C SER D 143 -3.76 -10.21 -10.98
N LYS D 144 -4.52 -10.66 -9.98
CA LYS D 144 -4.48 -10.02 -8.67
C LYS D 144 -3.07 -10.07 -8.09
N GLU D 145 -2.33 -11.14 -8.35
CA GLU D 145 -0.98 -11.25 -7.82
C GLU D 145 -0.03 -10.32 -8.57
N VAL D 146 -0.14 -10.25 -9.90
CA VAL D 146 0.64 -9.28 -10.67
C VAL D 146 0.34 -7.86 -10.18
N LEU D 147 -0.94 -7.55 -10.03
CA LEU D 147 -1.37 -6.23 -9.57
C LEU D 147 -0.72 -5.87 -8.23
N GLU D 148 -0.82 -6.77 -7.26
CA GLU D 148 -0.39 -6.45 -5.90
C GLU D 148 1.13 -6.36 -5.80
N LYS D 149 1.85 -7.24 -6.48
CA LYS D 149 3.30 -7.28 -6.27
C LYS D 149 4.07 -6.17 -7.00
N VAL D 150 3.60 -5.70 -8.17
CA VAL D 150 4.43 -4.76 -8.92
C VAL D 150 3.69 -3.52 -9.40
N LEU D 151 2.37 -3.46 -9.21
CA LEU D 151 1.61 -2.32 -9.73
C LEU D 151 1.08 -1.39 -8.65
N LEU D 152 0.57 -1.92 -7.55
CA LEU D 152 -0.07 -1.07 -6.54
C LEU D 152 0.93 -0.14 -5.86
N ARG D 153 0.46 1.04 -5.50
CA ARG D 153 1.29 2.09 -4.93
C ARG D 153 1.52 1.81 -3.45
N ARG D 154 2.79 1.86 -3.04
CA ARG D 154 3.13 1.90 -1.62
C ARG D 154 3.20 3.36 -1.20
N GLU D 155 4.29 4.00 -1.56
CA GLU D 155 4.49 5.43 -1.37
C GLU D 155 4.24 6.14 -2.70
N PHE D 156 3.63 7.32 -2.64
CA PHE D 156 3.42 8.10 -3.84
C PHE D 156 4.76 8.47 -4.46
N ILE D 157 4.95 8.09 -5.72
CA ILE D 157 6.15 8.42 -6.47
C ILE D 157 5.81 9.56 -7.41
N PRO D 158 6.32 10.78 -7.19
CA PRO D 158 5.98 11.90 -8.05
C PRO D 158 6.68 11.82 -9.40
N ASP D 159 6.03 12.38 -10.39
CA ASP D 159 6.62 12.43 -11.73
C ASP D 159 7.84 13.33 -11.71
N PRO D 160 9.03 12.83 -12.06
CA PRO D 160 10.21 13.70 -12.08
C PRO D 160 10.14 14.78 -13.16
N GLN D 161 9.31 14.61 -14.18
CA GLN D 161 9.11 15.63 -15.20
C GLN D 161 8.17 16.74 -14.74
N GLY D 162 7.56 16.60 -13.57
CA GLY D 162 6.79 17.68 -12.99
C GLY D 162 5.35 17.81 -13.45
N SER D 163 4.80 16.79 -14.11
CA SER D 163 3.41 16.83 -14.53
C SER D 163 2.49 17.14 -13.35
N ASN D 164 1.52 18.01 -13.59
CA ASN D 164 0.57 18.41 -12.57
C ASN D 164 -0.81 17.82 -12.87
N MET D 165 -1.82 18.29 -12.12
CA MET D 165 -3.17 17.78 -12.29
C MET D 165 -3.89 18.41 -13.47
N MET D 166 -3.49 19.61 -13.88
CA MET D 166 -3.99 20.16 -15.14
C MET D 166 -3.64 19.24 -16.30
N PHE D 167 -2.44 18.67 -16.28
CA PHE D 167 -2.03 17.73 -17.33
C PHE D 167 -2.80 16.42 -17.22
N ALA D 168 -2.87 15.86 -16.01
CA ALA D 168 -3.51 14.57 -15.83
C ALA D 168 -4.98 14.61 -16.26
N PHE D 169 -5.70 15.66 -15.87
CA PHE D 169 -7.11 15.76 -16.24
C PHE D 169 -7.29 16.19 -17.70
N PHE D 170 -6.36 16.95 -18.25
CA PHE D 170 -6.42 17.22 -19.68
C PHE D 170 -6.28 15.92 -20.48
N ALA D 171 -5.33 15.08 -20.08
CA ALA D 171 -5.16 13.79 -20.74
C ALA D 171 -6.42 12.93 -20.61
N GLN D 172 -7.03 12.92 -19.43
CA GLN D 172 -8.25 12.14 -19.26
C GLN D 172 -9.39 12.70 -20.11
N HIS D 173 -9.56 14.02 -20.08
CA HIS D 173 -10.61 14.66 -20.85
C HIS D 173 -10.39 14.45 -22.35
N PHE D 174 -9.16 14.69 -22.81
CA PHE D 174 -8.86 14.61 -24.24
C PHE D 174 -9.02 13.18 -24.78
N THR D 175 -8.43 12.20 -24.08
CA THR D 175 -8.45 10.83 -24.59
C THR D 175 -9.85 10.22 -24.57
N HIS D 176 -10.72 10.69 -23.69
CA HIS D 176 -12.02 10.04 -23.52
C HIS D 176 -13.03 10.44 -24.59
N GLN D 177 -12.62 11.15 -25.64
CA GLN D 177 -13.47 11.29 -26.81
C GLN D 177 -13.27 10.16 -27.82
N PHE D 178 -12.11 9.49 -27.81
CA PHE D 178 -11.90 8.35 -28.69
C PHE D 178 -11.62 7.04 -27.95
N PHE D 179 -11.49 7.06 -26.63
CA PHE D 179 -11.54 5.84 -25.82
C PHE D 179 -12.91 5.81 -25.12
N LYS D 180 -13.86 5.07 -25.70
CA LYS D 180 -15.22 4.96 -25.17
C LYS D 180 -15.68 3.51 -25.37
N THR D 181 -15.13 2.61 -24.56
CA THR D 181 -15.37 1.18 -24.73
C THR D 181 -16.85 0.85 -24.57
N ASP D 182 -17.39 0.08 -25.51
CA ASP D 182 -18.79 -0.34 -25.51
C ASP D 182 -18.89 -1.64 -24.72
N HIS D 183 -19.14 -1.51 -23.41
CA HIS D 183 -19.15 -2.69 -22.55
C HIS D 183 -20.34 -3.59 -22.83
N LYS D 184 -21.39 -3.09 -23.49
CA LYS D 184 -22.49 -3.95 -23.90
C LYS D 184 -22.02 -4.99 -24.93
N ARG D 185 -20.90 -4.76 -25.57
CA ARG D 185 -20.39 -5.66 -26.55
C ARG D 185 -19.16 -6.40 -26.17
N GLY D 186 -18.29 -5.70 -25.49
CA GLY D 186 -17.04 -6.20 -25.00
C GLY D 186 -15.93 -5.22 -25.20
N PRO D 187 -14.80 -5.51 -24.60
CA PRO D 187 -13.64 -4.68 -24.78
C PRO D 187 -13.20 -4.99 -26.23
N GLY D 188 -12.63 -3.99 -26.82
CA GLY D 188 -12.29 -4.13 -28.24
C GLY D 188 -13.42 -3.66 -29.13
N PHE D 189 -14.44 -3.07 -28.54
CA PHE D 189 -15.55 -2.45 -29.15
C PHE D 189 -15.60 -1.04 -28.61
N THR D 190 -15.87 -0.09 -29.45
CA THR D 190 -15.88 1.32 -29.11
C THR D 190 -17.22 1.94 -29.52
N ARG D 191 -17.61 2.99 -28.78
CA ARG D 191 -18.75 3.82 -29.14
C ARG D 191 -18.33 5.11 -29.80
N GLY D 192 -17.03 5.36 -29.93
CA GLY D 192 -16.54 6.52 -30.64
C GLY D 192 -16.34 6.23 -32.11
N LEU D 193 -17.44 6.25 -32.87
CA LEU D 193 -17.38 5.89 -34.27
C LEU D 193 -16.62 6.91 -35.12
N GLY D 194 -16.31 8.09 -34.58
CA GLY D 194 -15.45 9.02 -35.29
C GLY D 194 -13.99 8.66 -35.26
N HIS D 195 -13.59 7.81 -34.30
CA HIS D 195 -12.23 7.26 -34.23
C HIS D 195 -11.15 8.36 -34.28
N GLY D 196 -11.38 9.45 -33.56
CA GLY D 196 -10.35 10.47 -33.46
C GLY D 196 -10.88 11.73 -32.79
N VAL D 197 -10.20 12.83 -33.08
CA VAL D 197 -10.47 14.09 -32.41
C VAL D 197 -11.61 14.80 -33.14
N ASP D 198 -12.83 14.40 -32.84
CA ASP D 198 -14.02 15.04 -33.37
C ASP D 198 -14.73 15.88 -32.32
N LEU D 199 -14.22 15.88 -31.09
CA LEU D 199 -14.77 16.66 -29.98
C LEU D 199 -16.21 16.24 -29.66
N ASN D 200 -16.54 14.97 -29.89
CA ASN D 200 -17.83 14.46 -29.47
C ASN D 200 -18.01 14.52 -27.96
N HIS D 201 -16.91 14.60 -27.22
CA HIS D 201 -17.02 14.74 -25.77
C HIS D 201 -17.48 16.13 -25.36
N ILE D 202 -17.55 17.07 -26.31
CA ILE D 202 -18.16 18.37 -26.08
C ILE D 202 -19.52 18.47 -26.76
N TYR D 203 -19.62 17.98 -28.00
CA TYR D 203 -20.80 18.19 -28.83
C TYR D 203 -21.72 16.99 -28.89
N GLY D 204 -21.32 15.84 -28.34
CA GLY D 204 -22.14 14.66 -28.44
C GLY D 204 -21.77 13.78 -29.61
N GLU D 205 -21.95 12.47 -29.42
CA GLU D 205 -21.64 11.51 -30.46
C GLU D 205 -22.68 11.49 -31.56
N THR D 206 -23.95 11.74 -31.22
CA THR D 206 -25.04 11.70 -32.18
C THR D 206 -25.62 13.08 -32.43
N LEU D 207 -26.25 13.23 -33.60
CA LEU D 207 -26.88 14.50 -33.93
C LEU D 207 -27.99 14.84 -32.95
N ASP D 208 -28.73 13.83 -32.51
CA ASP D 208 -29.82 14.06 -31.55
C ASP D 208 -29.30 14.60 -30.23
N ARG D 209 -28.20 14.03 -29.73
CA ARG D 209 -27.60 14.55 -28.50
C ARG D 209 -27.04 15.94 -28.70
N GLN D 210 -26.45 16.20 -29.88
CA GLN D 210 -25.91 17.52 -30.19
C GLN D 210 -26.99 18.59 -30.13
N HIS D 211 -28.14 18.32 -30.73
CA HIS D 211 -29.21 19.32 -30.77
C HIS D 211 -29.79 19.60 -29.40
N LYS D 212 -29.79 18.61 -28.50
CA LYS D 212 -30.25 18.84 -27.14
C LYS D 212 -29.27 19.72 -26.37
N LEU D 213 -28.00 19.72 -26.75
CA LEU D 213 -26.98 20.52 -26.09
C LEU D 213 -26.86 21.92 -26.67
N ARG D 214 -27.46 22.17 -27.83
CA ARG D 214 -27.29 23.45 -28.53
C ARG D 214 -28.36 24.44 -28.13
N LEU D 215 -27.99 25.73 -28.19
CA LEU D 215 -28.90 26.83 -27.92
C LEU D 215 -29.70 27.25 -29.15
N PHE D 216 -29.18 26.97 -30.35
CA PHE D 216 -29.79 27.35 -31.61
C PHE D 216 -29.96 28.86 -31.74
N LYS D 217 -29.16 29.61 -30.99
CA LYS D 217 -28.97 31.04 -31.21
C LYS D 217 -27.48 31.32 -31.25
N ASP D 218 -27.04 31.96 -32.33
CA ASP D 218 -25.65 32.41 -32.50
C ASP D 218 -24.66 31.25 -32.49
N GLY D 219 -25.09 30.03 -32.82
CA GLY D 219 -24.20 28.89 -32.89
C GLY D 219 -23.79 28.31 -31.55
N LYS D 220 -24.33 28.82 -30.45
CA LYS D 220 -23.79 28.57 -29.12
C LYS D 220 -24.36 27.29 -28.52
N LEU D 221 -23.65 26.78 -27.52
CA LEU D 221 -24.12 25.70 -26.68
C LEU D 221 -24.90 26.24 -25.49
N LYS D 222 -25.85 25.48 -25.03
CA LYS D 222 -26.61 25.87 -23.88
C LYS D 222 -25.74 25.93 -22.65
N TYR D 223 -26.09 26.80 -21.73
CA TYR D 223 -25.32 26.98 -20.51
C TYR D 223 -26.22 27.54 -19.44
N GLN D 224 -25.73 27.53 -18.20
CA GLN D 224 -26.41 28.18 -17.09
C GLN D 224 -25.42 29.05 -16.35
N VAL D 225 -25.94 30.05 -15.64
CA VAL D 225 -25.14 30.95 -14.83
C VAL D 225 -25.40 30.64 -13.37
N ILE D 226 -24.35 30.26 -12.64
CA ILE D 226 -24.43 29.98 -11.21
C ILE D 226 -23.43 30.90 -10.53
N GLY D 227 -23.93 31.79 -9.68
CA GLY D 227 -23.05 32.72 -8.98
C GLY D 227 -22.24 33.59 -9.91
N GLY D 228 -22.84 34.05 -11.00
CA GLY D 228 -22.14 34.87 -11.97
C GLY D 228 -21.22 34.14 -12.91
N GLU D 229 -21.14 32.81 -12.84
CA GLU D 229 -20.20 32.02 -13.61
C GLU D 229 -20.95 31.09 -14.56
N VAL D 230 -20.36 30.86 -15.73
CA VAL D 230 -20.97 30.04 -16.76
C VAL D 230 -20.63 28.58 -16.52
N TYR D 231 -21.65 27.75 -16.41
CA TYR D 231 -21.51 26.30 -16.22
C TYR D 231 -22.37 25.56 -17.23
N PRO D 232 -22.10 24.26 -17.43
CA PRO D 232 -22.92 23.48 -18.38
C PRO D 232 -24.36 23.39 -17.91
N PRO D 233 -25.29 23.13 -18.82
CA PRO D 233 -26.69 22.99 -18.41
C PRO D 233 -26.92 21.69 -17.63
N THR D 234 -28.15 21.47 -17.18
CA THR D 234 -28.49 20.30 -16.39
C THR D 234 -29.16 19.22 -17.25
N VAL D 235 -29.23 18.02 -16.69
CA VAL D 235 -29.94 16.93 -17.33
C VAL D 235 -31.43 17.24 -17.45
N LYS D 236 -31.98 17.93 -16.45
CA LYS D 236 -33.39 18.28 -16.47
C LYS D 236 -33.73 19.24 -17.61
N ASP D 237 -32.88 20.20 -17.83
CA ASP D 237 -33.14 21.17 -18.85
C ASP D 237 -32.86 20.76 -20.28
N THR D 238 -32.02 19.78 -20.51
CA THR D 238 -31.62 19.38 -21.86
C THR D 238 -32.14 18.01 -22.27
N GLN D 239 -32.40 17.11 -21.31
CA GLN D 239 -32.79 15.72 -21.53
C GLN D 239 -31.68 14.86 -22.13
N VAL D 240 -30.42 15.30 -22.10
CA VAL D 240 -29.34 14.43 -22.51
C VAL D 240 -29.00 13.50 -21.36
N GLU D 241 -28.78 12.23 -21.68
CA GLU D 241 -28.51 11.24 -20.65
C GLU D 241 -27.08 11.37 -20.11
N MET D 242 -26.95 11.35 -18.79
CA MET D 242 -25.66 11.40 -18.13
C MET D 242 -25.61 10.29 -17.08
N ILE D 243 -24.40 9.86 -16.76
CA ILE D 243 -24.19 8.79 -15.78
C ILE D 243 -23.94 9.44 -14.42
N TYR D 244 -24.91 9.29 -13.51
CA TYR D 244 -24.82 9.85 -12.17
C TYR D 244 -25.39 8.86 -11.17
N PRO D 245 -24.80 8.77 -9.98
CA PRO D 245 -25.40 7.96 -8.93
C PRO D 245 -26.77 8.51 -8.57
N PRO D 246 -27.66 7.66 -8.05
CA PRO D 246 -29.05 8.10 -7.85
C PRO D 246 -29.22 9.26 -6.88
N HIS D 247 -28.27 9.50 -5.99
CA HIS D 247 -28.43 10.53 -4.96
C HIS D 247 -28.00 11.92 -5.40
N ILE D 248 -27.51 12.10 -6.61
CA ILE D 248 -27.03 13.43 -7.03
C ILE D 248 -28.22 14.34 -7.26
N PRO D 249 -28.26 15.53 -6.64
CA PRO D 249 -29.37 16.45 -6.88
C PRO D 249 -29.39 16.88 -8.34
N GLU D 250 -30.61 17.02 -8.89
CA GLU D 250 -30.72 17.28 -10.32
C GLU D 250 -30.12 18.62 -10.72
N ASN D 251 -30.03 19.59 -9.79
CA ASN D 251 -29.32 20.82 -10.12
C ASN D 251 -27.81 20.62 -10.21
N LEU D 252 -27.32 19.44 -9.87
CA LEU D 252 -25.89 19.12 -9.96
C LEU D 252 -25.59 18.08 -11.04
N GLN D 253 -26.60 17.62 -11.77
CA GLN D 253 -26.41 16.68 -12.87
C GLN D 253 -26.13 17.49 -14.14
N PHE D 254 -24.87 17.90 -14.28
CA PHE D 254 -24.46 18.65 -15.47
C PHE D 254 -24.47 17.76 -16.70
N ALA D 255 -24.87 18.35 -17.82
CA ALA D 255 -25.01 17.64 -19.09
C ALA D 255 -23.96 18.18 -20.06
N VAL D 256 -23.07 17.30 -20.52
CA VAL D 256 -22.03 17.64 -21.46
C VAL D 256 -21.97 16.53 -22.51
N GLY D 257 -21.08 16.71 -23.50
CA GLY D 257 -21.03 15.78 -24.62
C GLY D 257 -20.78 14.35 -24.20
N GLN D 258 -19.82 14.14 -23.31
CA GLN D 258 -19.47 12.80 -22.85
C GLN D 258 -20.30 12.44 -21.63
N GLU D 259 -20.93 11.27 -21.68
CA GLU D 259 -21.91 10.91 -20.65
C GLU D 259 -21.28 10.61 -19.30
N VAL D 260 -19.97 10.35 -19.25
CA VAL D 260 -19.32 9.98 -18.00
C VAL D 260 -18.56 11.13 -17.35
N PHE D 261 -18.62 12.34 -17.91
CA PHE D 261 -17.80 13.43 -17.40
C PHE D 261 -18.31 14.02 -16.09
N GLY D 262 -19.46 13.59 -15.60
CA GLY D 262 -19.81 13.93 -14.23
C GLY D 262 -19.10 13.08 -13.20
N LEU D 263 -18.32 12.09 -13.65
CA LEU D 263 -17.61 11.20 -12.74
C LEU D 263 -16.62 11.95 -11.86
N VAL D 264 -15.93 12.94 -12.43
CA VAL D 264 -14.88 13.63 -11.68
C VAL D 264 -14.95 15.14 -11.94
N PRO D 265 -14.83 15.96 -10.90
CA PRO D 265 -14.82 17.42 -11.09
C PRO D 265 -13.71 17.91 -12.00
N GLY D 266 -12.62 17.14 -12.14
CA GLY D 266 -11.55 17.55 -13.05
C GLY D 266 -11.94 17.41 -14.50
N LEU D 267 -12.74 16.39 -14.83
CA LEU D 267 -13.32 16.33 -16.17
C LEU D 267 -14.36 17.43 -16.38
N MET D 268 -15.21 17.66 -15.38
CA MET D 268 -16.22 18.71 -15.48
C MET D 268 -15.57 20.09 -15.58
N MET D 269 -14.38 20.25 -15.02
CA MET D 269 -13.66 21.51 -15.14
C MET D 269 -13.31 21.80 -16.60
N TYR D 270 -12.71 20.82 -17.28
CA TYR D 270 -12.35 21.01 -18.68
C TYR D 270 -13.58 21.06 -19.58
N ALA D 271 -14.63 20.32 -19.22
CA ALA D 271 -15.88 20.40 -19.98
C ALA D 271 -16.44 21.81 -19.94
N THR D 272 -16.33 22.49 -18.79
CA THR D 272 -16.81 23.87 -18.69
C THR D 272 -15.91 24.83 -19.47
N ILE D 273 -14.59 24.63 -19.37
CA ILE D 273 -13.65 25.49 -20.08
C ILE D 273 -13.89 25.43 -21.58
N TRP D 274 -14.11 24.23 -22.13
CA TRP D 274 -14.30 24.11 -23.56
C TRP D 274 -15.70 24.55 -24.00
N LEU D 275 -16.70 24.37 -23.14
CA LEU D 275 -18.01 24.98 -23.41
C LEU D 275 -17.89 26.49 -23.53
N ARG D 276 -17.23 27.12 -22.55
CA ARG D 276 -17.02 28.57 -22.62
C ARG D 276 -16.25 28.94 -23.87
N GLU D 277 -15.22 28.16 -24.23
CA GLU D 277 -14.44 28.48 -25.42
C GLU D 277 -15.28 28.41 -26.69
N HIS D 278 -16.17 27.43 -26.80
CA HIS D 278 -17.03 27.35 -27.97
C HIS D 278 -17.88 28.60 -28.13
N ASN D 279 -18.51 29.06 -27.04
CA ASN D 279 -19.37 30.22 -27.13
C ASN D 279 -18.55 31.51 -27.32
N ARG D 280 -17.32 31.53 -26.81
CA ARG D 280 -16.45 32.68 -27.06
C ARG D 280 -16.13 32.80 -28.54
N VAL D 281 -15.81 31.67 -29.19
CA VAL D 281 -15.53 31.69 -30.61
C VAL D 281 -16.79 32.04 -31.40
N CYS D 282 -17.96 31.66 -30.88
CA CYS D 282 -19.21 32.06 -31.53
C CYS D 282 -19.36 33.57 -31.55
N ASP D 283 -19.00 34.24 -30.45
CA ASP D 283 -19.05 35.69 -30.41
C ASP D 283 -18.07 36.30 -31.39
N ILE D 284 -16.86 35.74 -31.48
CA ILE D 284 -15.86 36.26 -32.42
C ILE D 284 -16.35 36.10 -33.85
N LEU D 285 -16.88 34.93 -34.18
CA LEU D 285 -17.34 34.68 -35.54
C LEU D 285 -18.57 35.52 -35.88
N LYS D 286 -19.46 35.73 -34.90
CA LYS D 286 -20.64 36.55 -35.17
C LYS D 286 -20.27 37.99 -35.48
N GLN D 287 -19.27 38.53 -34.79
CA GLN D 287 -18.81 39.88 -35.09
C GLN D 287 -18.20 39.96 -36.49
N GLU D 288 -17.45 38.92 -36.88
CA GLU D 288 -16.88 38.91 -38.23
C GLU D 288 -17.94 38.68 -39.29
N HIS D 289 -18.97 37.89 -38.98
CA HIS D 289 -19.98 37.49 -39.96
C HIS D 289 -21.37 37.76 -39.39
N PRO D 290 -21.79 39.02 -39.33
CA PRO D 290 -23.18 39.30 -38.92
C PRO D 290 -24.21 38.66 -39.83
N GLU D 291 -23.83 38.32 -41.06
CA GLU D 291 -24.76 37.73 -42.03
C GLU D 291 -24.95 36.23 -41.85
N TRP D 292 -24.25 35.61 -40.90
CA TRP D 292 -24.28 34.17 -40.74
C TRP D 292 -25.43 33.74 -39.84
N GLY D 293 -25.94 32.53 -40.11
CA GLY D 293 -26.96 31.94 -39.27
C GLY D 293 -26.38 31.13 -38.12
N ASP D 294 -27.29 30.65 -37.27
CA ASP D 294 -26.88 29.85 -36.11
C ASP D 294 -26.11 28.60 -36.53
N GLU D 295 -26.58 27.90 -37.57
CA GLU D 295 -25.99 26.63 -37.94
C GLU D 295 -24.53 26.80 -38.38
N GLN D 296 -24.26 27.79 -39.23
CA GLN D 296 -22.91 27.98 -39.73
C GLN D 296 -21.96 28.47 -38.63
N LEU D 297 -22.47 29.28 -37.69
CA LEU D 297 -21.64 29.68 -36.55
C LEU D 297 -21.25 28.48 -35.69
N PHE D 298 -22.20 27.58 -35.44
CA PHE D 298 -21.91 26.41 -34.63
C PHE D 298 -20.88 25.51 -35.31
N GLN D 299 -21.08 25.21 -36.59
CA GLN D 299 -20.21 24.26 -37.28
C GLN D 299 -18.81 24.84 -37.42
N THR D 300 -18.69 26.12 -37.74
CA THR D 300 -17.38 26.73 -37.90
C THR D 300 -16.65 26.81 -36.57
N SER D 301 -17.37 27.11 -35.49
CA SER D 301 -16.76 27.09 -34.16
C SER D 301 -16.23 25.71 -33.82
N ARG D 302 -17.00 24.66 -34.12
CA ARG D 302 -16.56 23.30 -33.82
C ARG D 302 -15.27 22.96 -34.58
N LEU D 303 -15.19 23.36 -35.85
CA LEU D 303 -13.98 23.12 -36.63
C LEU D 303 -12.79 23.87 -36.03
N ILE D 304 -13.04 25.07 -35.50
CA ILE D 304 -11.97 25.85 -34.88
C ILE D 304 -11.50 25.19 -33.59
N LEU D 305 -12.44 24.75 -32.76
CA LEU D 305 -12.07 24.08 -31.51
C LEU D 305 -11.35 22.76 -31.78
N ILE D 306 -11.70 22.05 -32.86
CA ILE D 306 -10.93 20.87 -33.25
C ILE D 306 -9.49 21.27 -33.55
N GLY D 307 -9.30 22.37 -34.27
CA GLY D 307 -7.96 22.84 -34.55
C GLY D 307 -7.21 23.26 -33.30
N GLU D 308 -7.86 24.02 -32.42
CA GLU D 308 -7.25 24.40 -31.16
C GLU D 308 -6.79 23.19 -30.37
N THR D 309 -7.64 22.15 -30.32
CA THR D 309 -7.31 20.96 -29.55
C THR D 309 -6.02 20.32 -30.08
N ILE D 310 -5.94 20.13 -31.40
CA ILE D 310 -4.76 19.52 -31.99
C ILE D 310 -3.52 20.39 -31.76
N LYS D 311 -3.69 21.71 -31.86
CA LYS D 311 -2.58 22.63 -31.59
C LYS D 311 -2.07 22.47 -30.15
N ILE D 312 -2.98 22.51 -29.18
CA ILE D 312 -2.58 22.41 -27.78
C ILE D 312 -1.98 21.04 -27.49
N VAL D 313 -2.54 19.98 -28.07
CA VAL D 313 -2.04 18.64 -27.77
C VAL D 313 -0.61 18.47 -28.26
N ILE D 314 -0.27 19.02 -29.42
CA ILE D 314 1.07 18.84 -29.97
C ILE D 314 2.06 19.80 -29.32
N GLU D 315 1.71 21.08 -29.21
CA GLU D 315 2.70 22.09 -28.87
C GLU D 315 2.81 22.38 -27.37
N ASP D 316 1.83 21.97 -26.58
CA ASP D 316 1.91 22.06 -25.12
C ASP D 316 1.99 20.68 -24.46
N TYR D 317 1.02 19.82 -24.78
CA TYR D 317 0.82 18.56 -24.08
C TYR D 317 1.90 17.55 -24.44
N VAL D 318 2.04 17.24 -25.73
CA VAL D 318 3.12 16.35 -26.16
C VAL D 318 4.49 17.01 -25.92
N GLN D 319 4.57 18.33 -26.10
CA GLN D 319 5.81 19.04 -25.80
C GLN D 319 6.25 18.81 -24.36
N HIS D 320 5.28 18.80 -23.43
CA HIS D 320 5.63 18.65 -22.02
C HIS D 320 6.15 17.25 -21.70
N LEU D 321 5.42 16.27 -22.17
CA LEU D 321 5.67 14.88 -21.96
C LEU D 321 6.95 14.39 -22.54
N SER D 322 7.30 14.97 -23.63
CA SER D 322 8.47 14.54 -24.39
C SER D 322 9.76 14.92 -23.67
N GLY D 323 9.78 16.06 -23.00
CA GLY D 323 11.00 16.58 -22.41
C GLY D 323 12.05 17.03 -23.41
N TYR D 324 11.70 17.12 -24.69
CA TYR D 324 12.67 17.53 -25.70
C TYR D 324 12.97 19.02 -25.58
N HIS D 325 14.19 19.39 -25.95
CA HIS D 325 14.52 20.80 -26.12
C HIS D 325 14.01 21.32 -27.45
N PHE D 326 13.88 20.43 -28.44
CA PHE D 326 13.25 20.79 -29.70
C PHE D 326 11.79 21.17 -29.50
N LYS D 327 11.37 22.24 -30.18
CA LYS D 327 10.00 22.74 -30.07
C LYS D 327 9.13 22.07 -31.12
N LEU D 328 8.28 21.14 -30.69
CA LEU D 328 7.32 20.52 -31.59
C LEU D 328 6.40 21.57 -32.21
N LYS D 329 5.82 21.22 -33.36
CA LYS D 329 5.07 22.20 -34.15
C LYS D 329 3.86 21.54 -34.79
N PHE D 330 2.69 22.17 -34.63
CA PHE D 330 1.48 21.78 -35.35
C PHE D 330 1.41 22.59 -36.64
N ASP D 331 1.73 21.94 -37.75
CA ASP D 331 1.72 22.59 -39.06
C ASP D 331 1.33 21.57 -40.10
N PRO D 332 0.03 21.50 -40.44
CA PRO D 332 -0.41 20.54 -41.46
C PRO D 332 0.32 20.64 -42.78
N GLU D 333 0.79 21.83 -43.16
CA GLU D 333 1.47 22.01 -44.44
C GLU D 333 2.73 21.17 -44.58
N LEU D 334 3.31 20.71 -43.47
CA LEU D 334 4.51 19.89 -43.54
C LEU D 334 4.28 18.56 -44.25
N LEU D 335 3.04 18.07 -44.30
CA LEU D 335 2.73 16.80 -44.90
C LEU D 335 2.20 16.92 -46.33
N PHE D 336 2.06 18.14 -46.85
CA PHE D 336 1.41 18.33 -48.14
C PHE D 336 2.21 17.74 -49.30
N ASN D 337 3.54 17.73 -49.20
CA ASN D 337 4.38 17.06 -50.21
C ASN D 337 4.79 15.66 -49.77
N GLN D 338 4.12 15.10 -48.75
CA GLN D 338 4.42 13.79 -48.22
C GLN D 338 3.27 12.83 -48.49
N GLN D 339 3.58 11.54 -48.57
CA GLN D 339 2.55 10.52 -48.57
C GLN D 339 1.99 10.36 -47.16
N PHE D 340 0.66 10.47 -47.03
CA PHE D 340 0.06 10.42 -45.71
C PHE D 340 -1.44 10.21 -45.86
N GLN D 341 -2.00 9.33 -45.03
CA GLN D 341 -3.41 9.00 -45.08
C GLN D 341 -4.17 9.86 -44.08
N TYR D 342 -5.06 10.72 -44.58
CA TYR D 342 -5.91 11.54 -43.72
C TYR D 342 -7.12 10.72 -43.26
N GLN D 343 -6.83 9.74 -42.41
CA GLN D 343 -7.83 8.90 -41.79
C GLN D 343 -7.20 8.25 -40.56
N ASN D 344 -8.05 7.72 -39.69
CA ASN D 344 -7.54 7.10 -38.48
C ASN D 344 -8.56 6.07 -37.99
N ARG D 345 -8.05 5.03 -37.34
CA ARG D 345 -8.87 4.04 -36.67
C ARG D 345 -8.23 3.76 -35.32
N ILE D 346 -8.98 3.96 -34.24
CA ILE D 346 -8.40 3.89 -32.90
C ILE D 346 -8.04 2.46 -32.58
N ALA D 347 -6.80 2.24 -32.16
CA ALA D 347 -6.29 0.91 -31.86
C ALA D 347 -6.54 0.53 -30.40
N SER D 348 -6.84 -0.74 -30.18
CA SER D 348 -7.03 -1.24 -28.82
C SER D 348 -5.77 -1.06 -27.99
N GLU D 349 -4.59 -1.34 -28.58
CA GLU D 349 -3.35 -1.20 -27.82
C GLU D 349 -3.10 0.25 -27.44
N PHE D 350 -3.52 1.20 -28.28
CA PHE D 350 -3.41 2.61 -27.93
C PHE D 350 -4.26 2.90 -26.69
N ASN D 351 -5.46 2.33 -26.62
CA ASN D 351 -6.28 2.42 -25.42
C ASN D 351 -5.54 1.85 -24.22
N THR D 352 -4.87 0.71 -24.40
CA THR D 352 -4.25 0.02 -23.28
C THR D 352 -3.11 0.83 -22.67
N LEU D 353 -2.30 1.41 -23.55
CA LEU D 353 -1.16 2.21 -23.20
C LEU D 353 -1.47 3.51 -22.56
N TYR D 354 -2.63 4.04 -22.84
CA TYR D 354 -3.06 5.33 -22.32
C TYR D 354 -3.69 5.21 -20.93
N HIS D 355 -3.67 4.03 -20.32
CA HIS D 355 -4.14 3.84 -18.95
C HIS D 355 -3.09 4.40 -18.00
N TRP D 356 -3.11 5.73 -17.85
CA TRP D 356 -2.12 6.47 -17.06
C TRP D 356 -2.58 6.75 -15.64
N HIS D 357 -3.25 5.80 -15.00
CA HIS D 357 -3.77 6.00 -13.65
C HIS D 357 -2.70 6.25 -12.58
N PRO D 358 -1.44 5.80 -12.75
CA PRO D 358 -0.38 6.26 -11.84
C PRO D 358 -0.26 7.78 -11.73
N LEU D 359 -0.83 8.50 -12.69
CA LEU D 359 -0.84 9.96 -12.61
C LEU D 359 -1.57 10.46 -11.38
N LEU D 360 -2.59 9.73 -10.93
CA LEU D 360 -3.50 10.25 -9.92
C LEU D 360 -2.82 10.30 -8.56
N PRO D 361 -3.03 11.36 -7.80
CA PRO D 361 -2.48 11.45 -6.45
C PRO D 361 -3.35 10.64 -5.50
N ASP D 362 -2.96 10.62 -4.25
CA ASP D 362 -3.75 9.95 -3.26
C ASP D 362 -4.87 10.85 -2.77
N THR D 363 -4.66 12.14 -2.73
CA THR D 363 -5.70 13.11 -2.45
C THR D 363 -5.64 14.23 -3.47
N PHE D 364 -6.78 14.87 -3.70
CA PHE D 364 -6.88 16.01 -4.60
C PHE D 364 -6.93 17.29 -3.78
N ASN D 365 -5.95 18.17 -3.99
CA ASN D 365 -5.71 19.33 -3.14
C ASN D 365 -6.24 20.58 -3.85
N ILE D 366 -7.40 21.02 -3.43
CA ILE D 366 -8.03 22.20 -3.93
C ILE D 366 -8.12 23.24 -2.84
N GLU D 367 -7.48 24.36 -3.05
CA GLU D 367 -7.41 25.46 -2.10
C GLU D 367 -6.78 25.00 -0.83
N ASP D 368 -7.56 24.86 0.20
CA ASP D 368 -7.00 24.37 1.42
C ASP D 368 -7.41 22.94 1.79
N GLN D 369 -8.27 22.35 0.99
CA GLN D 369 -8.75 21.03 1.27
C GLN D 369 -8.08 19.97 0.53
N GLU D 370 -8.05 18.83 1.14
CA GLU D 370 -7.52 17.61 0.54
C GLU D 370 -8.65 16.60 0.52
N TYR D 371 -9.11 16.25 -0.68
CA TYR D 371 -10.25 15.36 -0.85
C TYR D 371 -9.78 13.95 -1.15
N SER D 372 -10.37 12.98 -0.46
CA SER D 372 -10.15 11.58 -0.79
C SER D 372 -10.85 11.25 -2.11
N PHE D 373 -10.49 10.10 -2.68
CA PHE D 373 -11.18 9.59 -3.85
C PHE D 373 -12.69 9.53 -3.61
N LYS D 374 -13.09 9.00 -2.45
CA LYS D 374 -14.52 8.89 -2.15
C LYS D 374 -15.18 10.26 -2.11
N GLN D 375 -14.50 11.26 -1.55
CA GLN D 375 -15.07 12.60 -1.52
C GLN D 375 -15.07 13.24 -2.90
N PHE D 376 -14.08 12.91 -3.74
CA PHE D 376 -13.90 13.59 -5.02
C PHE D 376 -14.88 13.09 -6.07
N LEU D 377 -15.04 11.77 -6.19
CA LEU D 377 -15.78 11.20 -7.31
C LEU D 377 -17.25 11.65 -7.29
N TYR D 378 -17.74 12.04 -8.46
CA TYR D 378 -19.16 12.32 -8.70
C TYR D 378 -19.68 13.48 -7.85
N ASN D 379 -18.79 14.40 -7.48
CA ASN D 379 -19.13 15.50 -6.58
C ASN D 379 -18.78 16.83 -7.24
N ASN D 380 -19.71 17.34 -8.04
CA ASN D 380 -19.51 18.62 -8.74
C ASN D 380 -19.81 19.83 -7.87
N SER D 381 -20.40 19.63 -6.69
CA SER D 381 -20.50 20.74 -5.73
C SER D 381 -19.13 21.25 -5.34
N ILE D 382 -18.11 20.40 -5.42
CA ILE D 382 -16.74 20.85 -5.20
C ILE D 382 -16.36 21.92 -6.23
N LEU D 383 -16.74 21.70 -7.49
CA LEU D 383 -16.43 22.65 -8.54
C LEU D 383 -17.15 23.98 -8.32
N LEU D 384 -18.43 23.91 -7.95
CA LEU D 384 -19.18 25.14 -7.66
C LEU D 384 -18.67 25.81 -6.39
N GLU D 385 -18.28 25.00 -5.39
CA GLU D 385 -17.76 25.55 -4.15
C GLU D 385 -16.55 26.44 -4.40
N HIS D 386 -15.55 25.92 -5.11
CA HIS D 386 -14.29 26.63 -5.28
C HIS D 386 -14.23 27.46 -6.55
N GLY D 387 -14.94 27.06 -7.60
CA GLY D 387 -14.89 27.77 -8.86
C GLY D 387 -13.72 27.36 -9.74
N LEU D 388 -13.79 27.76 -11.00
CA LEU D 388 -12.80 27.34 -11.98
C LEU D 388 -11.44 27.95 -11.71
N THR D 389 -11.42 29.23 -11.31
CA THR D 389 -10.16 29.91 -11.05
C THR D 389 -9.36 29.20 -9.97
N GLN D 390 -10.00 28.88 -8.85
CA GLN D 390 -9.32 28.16 -7.77
C GLN D 390 -8.93 26.75 -8.23
N PHE D 391 -9.77 26.11 -9.05
CA PHE D 391 -9.43 24.80 -9.59
C PHE D 391 -8.16 24.84 -10.42
N VAL D 392 -8.08 25.80 -11.35
CA VAL D 392 -6.89 25.91 -12.20
C VAL D 392 -5.65 26.16 -11.37
N GLU D 393 -5.74 27.11 -10.42
CA GLU D 393 -4.59 27.43 -9.58
C GLU D 393 -4.17 26.23 -8.73
N SER D 394 -5.13 25.52 -8.16
CA SER D 394 -4.81 24.37 -7.32
C SER D 394 -4.21 23.24 -8.13
N PHE D 395 -4.81 22.92 -9.29
CA PHE D 395 -4.32 21.80 -10.08
C PHE D 395 -3.01 22.11 -10.80
N THR D 396 -2.70 23.39 -11.03
CA THR D 396 -1.39 23.73 -11.56
C THR D 396 -0.29 23.46 -10.55
N ARG D 397 -0.61 23.56 -9.25
CA ARG D 397 0.37 23.37 -8.20
C ARG D 397 0.55 21.91 -7.78
N GLN D 398 -0.46 21.06 -7.95
CA GLN D 398 -0.40 19.71 -7.41
C GLN D 398 0.30 18.77 -8.40
N ILE D 399 1.33 18.11 -7.92
CA ILE D 399 2.17 17.23 -8.73
C ILE D 399 1.46 15.90 -8.97
N ALA D 400 1.71 15.30 -10.12
CA ALA D 400 1.14 14.01 -10.49
C ALA D 400 2.17 12.90 -10.36
N GLY D 401 1.69 11.65 -10.39
CA GLY D 401 2.55 10.51 -10.19
C GLY D 401 3.32 10.09 -11.42
N ARG D 402 4.44 9.42 -11.18
CA ARG D 402 5.18 8.78 -12.27
C ARG D 402 4.45 7.55 -12.77
N VAL D 403 4.43 7.38 -14.09
CA VAL D 403 3.68 6.29 -14.71
C VAL D 403 4.53 5.04 -14.82
N ALA D 404 5.71 5.13 -15.43
CA ALA D 404 6.62 3.99 -15.46
C ALA D 404 7.30 3.85 -14.09
N GLY D 405 8.22 2.90 -13.98
CA GLY D 405 9.01 2.73 -12.77
C GLY D 405 8.41 1.78 -11.74
N GLY D 406 7.15 1.40 -11.87
CA GLY D 406 6.58 0.37 -11.02
C GLY D 406 5.90 0.91 -9.78
N ARG D 407 4.93 0.15 -9.29
CA ARG D 407 4.33 0.33 -7.97
C ARG D 407 3.84 1.76 -7.73
N ASN D 408 3.03 2.27 -8.66
CA ASN D 408 2.50 3.60 -8.48
C ASN D 408 1.04 3.75 -8.90
N VAL D 409 0.31 2.64 -8.99
CA VAL D 409 -1.13 2.69 -9.24
C VAL D 409 -1.83 2.93 -7.91
N PRO D 410 -2.62 3.99 -7.77
CA PRO D 410 -3.31 4.22 -6.49
C PRO D 410 -4.31 3.10 -6.24
N ILE D 411 -4.34 2.66 -5.00
CA ILE D 411 -5.18 1.61 -4.56
C ILE D 411 -6.63 1.85 -4.82
N ALA D 412 -7.06 3.09 -4.85
CA ALA D 412 -8.45 3.45 -5.05
C ALA D 412 -8.99 2.96 -6.39
N VAL D 413 -8.13 2.83 -7.40
CA VAL D 413 -8.56 2.35 -8.71
C VAL D 413 -7.91 1.01 -9.04
N GLN D 414 -7.69 0.17 -8.02
CA GLN D 414 -7.04 -1.11 -8.27
C GLN D 414 -7.91 -2.03 -9.12
N ALA D 415 -9.23 -1.89 -9.03
CA ALA D 415 -10.12 -2.70 -9.87
C ALA D 415 -9.94 -2.37 -11.35
N VAL D 416 -9.60 -1.13 -11.67
CA VAL D 416 -9.40 -0.75 -13.07
C VAL D 416 -8.12 -1.36 -13.61
N ALA D 417 -7.05 -1.35 -12.81
CA ALA D 417 -5.79 -1.93 -13.26
C ALA D 417 -5.90 -3.44 -13.41
N LYS D 418 -6.67 -4.10 -12.55
CA LYS D 418 -6.86 -5.53 -12.70
C LYS D 418 -7.67 -5.84 -13.96
N ALA D 419 -8.68 -5.03 -14.26
CA ALA D 419 -9.47 -5.23 -15.47
C ALA D 419 -8.64 -5.00 -16.73
N SER D 420 -7.68 -4.07 -16.68
CA SER D 420 -6.78 -3.88 -17.81
C SER D 420 -5.98 -5.14 -18.10
N ILE D 421 -5.50 -5.80 -17.04
CA ILE D 421 -4.84 -7.08 -17.20
C ILE D 421 -5.82 -8.12 -17.73
N ASP D 422 -6.97 -8.26 -17.05
CA ASP D 422 -7.92 -9.30 -17.40
C ASP D 422 -8.44 -9.14 -18.83
N GLN D 423 -8.76 -7.90 -19.22
CA GLN D 423 -9.33 -7.68 -20.55
C GLN D 423 -8.28 -7.76 -21.64
N SER D 424 -7.02 -7.43 -21.33
CA SER D 424 -5.95 -7.64 -22.29
C SER D 424 -5.82 -9.12 -22.64
N ARG D 425 -6.00 -9.99 -21.63
CA ARG D 425 -5.98 -11.43 -21.88
C ARG D 425 -7.24 -11.88 -22.61
N GLU D 426 -8.39 -11.35 -22.18
CA GLU D 426 -9.66 -11.67 -22.84
C GLU D 426 -9.61 -11.34 -24.33
N MET D 427 -8.94 -10.24 -24.68
CA MET D 427 -8.76 -9.83 -26.07
C MET D 427 -7.59 -10.53 -26.76
N LYS D 428 -6.92 -11.45 -26.08
CA LYS D 428 -5.86 -12.28 -26.67
C LYS D 428 -4.70 -11.43 -27.21
N TYR D 429 -4.24 -10.49 -26.40
CA TYR D 429 -3.06 -9.70 -26.73
C TYR D 429 -1.83 -10.60 -26.88
N GLN D 430 -1.00 -10.28 -27.88
CA GLN D 430 0.32 -10.91 -27.94
C GLN D 430 1.23 -10.36 -26.84
N SER D 431 2.42 -10.94 -26.73
CA SER D 431 3.31 -10.67 -25.62
C SER D 431 3.98 -9.31 -25.77
N LEU D 432 4.56 -8.85 -24.65
CA LEU D 432 5.30 -7.59 -24.62
C LEU D 432 6.37 -7.54 -25.72
N ASN D 433 7.17 -8.60 -25.83
CA ASN D 433 8.29 -8.58 -26.77
C ASN D 433 7.81 -8.64 -28.21
N GLU D 434 6.65 -9.26 -28.46
CA GLU D 434 6.06 -9.20 -29.80
C GLU D 434 5.74 -7.78 -30.19
N TYR D 435 5.11 -7.02 -29.28
CA TYR D 435 4.78 -5.63 -29.56
C TYR D 435 6.04 -4.76 -29.66
N ARG D 436 7.10 -5.11 -28.91
CA ARG D 436 8.35 -4.37 -29.09
C ARG D 436 8.93 -4.62 -30.47
N LYS D 437 8.93 -5.86 -30.94
CA LYS D 437 9.40 -6.15 -32.30
C LYS D 437 8.49 -5.51 -33.35
N ARG D 438 7.18 -5.44 -33.07
CA ARG D 438 6.26 -4.82 -34.02
C ARG D 438 6.58 -3.35 -34.25
N PHE D 439 7.16 -2.69 -33.26
CA PHE D 439 7.48 -1.27 -33.36
C PHE D 439 8.99 -1.03 -33.41
N SER D 440 9.73 -1.98 -33.99
CA SER D 440 11.14 -1.83 -34.29
C SER D 440 12.01 -1.71 -33.04
N LEU D 441 11.58 -2.33 -31.94
CA LEU D 441 12.33 -2.30 -30.69
C LEU D 441 12.95 -3.66 -30.41
N LYS D 442 14.14 -3.63 -29.83
CA LYS D 442 14.88 -4.84 -29.50
C LYS D 442 14.19 -5.56 -28.34
N PRO D 443 13.92 -6.86 -28.46
CA PRO D 443 13.23 -7.56 -27.36
C PRO D 443 14.06 -7.56 -26.09
N TYR D 444 13.35 -7.50 -24.96
CA TYR D 444 14.01 -7.62 -23.67
C TYR D 444 14.45 -9.07 -23.46
N THR D 445 15.64 -9.24 -22.87
CA THR D 445 16.21 -10.56 -22.67
C THR D 445 16.11 -11.05 -21.24
N SER D 446 15.63 -10.21 -20.33
CA SER D 446 15.46 -10.57 -18.94
C SER D 446 14.51 -9.57 -18.30
N PHE D 447 13.93 -9.96 -17.17
CA PHE D 447 13.09 -9.04 -16.43
C PHE D 447 13.91 -7.89 -15.85
N GLU D 448 15.18 -8.14 -15.51
CA GLU D 448 16.01 -7.08 -14.94
C GLU D 448 16.30 -5.99 -15.97
N GLU D 449 16.48 -6.38 -17.24
CA GLU D 449 16.61 -5.36 -18.27
C GLU D 449 15.31 -4.59 -18.45
N LEU D 450 14.17 -5.25 -18.27
CA LEU D 450 12.88 -4.57 -18.40
C LEU D 450 12.72 -3.50 -17.33
N THR D 451 12.98 -3.84 -16.07
CA THR D 451 12.75 -2.91 -14.97
C THR D 451 13.95 -2.05 -14.63
N GLY D 452 15.16 -2.52 -14.93
CA GLY D 452 16.34 -1.80 -14.52
C GLY D 452 16.69 -1.94 -13.05
N GLU D 453 15.99 -2.77 -12.31
CA GLU D 453 16.27 -3.01 -10.90
C GLU D 453 16.15 -4.51 -10.65
N LYS D 454 16.11 -4.90 -9.38
CA LYS D 454 16.22 -6.31 -9.00
C LYS D 454 15.00 -6.86 -8.27
N GLU D 455 14.37 -6.08 -7.40
CA GLU D 455 13.29 -6.62 -6.56
C GLU D 455 12.06 -6.94 -7.40
N MET D 456 11.54 -5.94 -8.13
CA MET D 456 10.37 -6.18 -8.97
C MET D 456 10.66 -7.22 -10.04
N ALA D 457 11.86 -7.17 -10.63
CA ALA D 457 12.23 -8.14 -11.66
C ALA D 457 12.15 -9.57 -11.13
N ALA D 458 12.65 -9.80 -9.91
CA ALA D 458 12.61 -11.14 -9.34
C ALA D 458 11.18 -11.59 -9.09
N GLU D 459 10.33 -10.70 -8.61
CA GLU D 459 8.91 -11.02 -8.46
C GLU D 459 8.29 -11.39 -9.81
N LEU D 460 8.60 -10.63 -10.86
CA LEU D 460 8.06 -10.93 -12.18
C LEU D 460 8.62 -12.23 -12.72
N LYS D 461 9.89 -12.54 -12.42
CA LYS D 461 10.48 -13.78 -12.92
C LYS D 461 9.83 -15.00 -12.26
N ALA D 462 9.48 -14.89 -10.98
CA ALA D 462 8.76 -15.97 -10.34
C ALA D 462 7.36 -16.15 -10.91
N LEU D 463 6.74 -15.06 -11.37
CA LEU D 463 5.38 -15.12 -11.89
C LEU D 463 5.33 -15.62 -13.32
N TYR D 464 6.16 -15.07 -14.16
CA TYR D 464 6.07 -15.39 -15.54
C TYR D 464 7.04 -16.43 -16.10
N SER D 465 8.20 -16.64 -15.46
CA SER D 465 9.30 -17.53 -15.87
C SER D 465 10.11 -17.10 -17.07
N ASP D 466 9.45 -16.92 -18.19
CA ASP D 466 10.07 -16.50 -19.41
C ASP D 466 9.74 -15.05 -19.70
N ILE D 467 10.73 -14.27 -20.06
CA ILE D 467 10.56 -12.87 -20.42
C ILE D 467 9.68 -12.74 -21.65
N ASP D 468 9.75 -13.71 -22.56
CA ASP D 468 8.95 -13.68 -23.78
C ASP D 468 7.46 -13.86 -23.52
N VAL D 469 7.07 -14.13 -22.28
CA VAL D 469 5.66 -14.29 -21.92
C VAL D 469 5.15 -13.09 -21.12
N MET D 470 6.04 -12.19 -20.68
CA MET D 470 5.63 -10.94 -20.07
C MET D 470 4.58 -10.22 -20.91
N GLU D 471 3.56 -9.68 -20.23
CA GLU D 471 2.45 -9.03 -20.89
C GLU D 471 2.73 -7.55 -21.11
N LEU D 472 2.03 -6.98 -22.09
CA LEU D 472 2.27 -5.60 -22.49
C LEU D 472 1.87 -4.62 -21.39
N TYR D 473 0.64 -4.74 -20.88
CA TYR D 473 0.14 -3.73 -19.95
C TYR D 473 0.94 -3.63 -18.66
N PRO D 474 1.19 -4.70 -17.90
CA PRO D 474 2.02 -4.53 -16.70
C PRO D 474 3.43 -4.08 -17.00
N ALA D 475 3.99 -4.48 -18.16
CA ALA D 475 5.35 -4.10 -18.50
C ALA D 475 5.49 -2.60 -18.69
N LEU D 476 4.44 -1.93 -19.17
CA LEU D 476 4.52 -0.49 -19.36
C LEU D 476 4.63 0.24 -18.02
N LEU D 477 3.99 -0.29 -16.98
CA LEU D 477 3.96 0.37 -15.69
C LEU D 477 5.12 -0.01 -14.79
N VAL D 478 5.88 -1.05 -15.12
CA VAL D 478 7.08 -1.41 -14.36
C VAL D 478 8.35 -1.10 -15.12
N GLU D 479 8.27 -0.68 -16.38
CA GLU D 479 9.46 -0.49 -17.21
C GLU D 479 10.39 0.54 -16.60
N LYS D 480 11.69 0.33 -16.79
CA LYS D 480 12.69 1.32 -16.42
C LYS D 480 12.39 2.63 -17.14
N PRO D 481 12.16 3.72 -16.43
CA PRO D 481 11.93 4.99 -17.10
C PRO D 481 13.20 5.47 -17.79
N ARG D 482 13.01 6.36 -18.77
CA ARG D 482 14.12 7.17 -19.25
C ARG D 482 14.65 8.01 -18.10
N PRO D 483 15.89 8.50 -18.20
CA PRO D 483 16.47 9.27 -17.08
C PRO D 483 15.61 10.44 -16.67
N ASP D 484 15.05 10.36 -15.45
CA ASP D 484 14.15 11.37 -14.90
C ASP D 484 12.95 11.63 -15.79
N ALA D 485 12.46 10.60 -16.48
CA ALA D 485 11.30 10.74 -17.34
C ALA D 485 10.10 9.99 -16.75
N ILE D 486 8.93 10.31 -17.28
CA ILE D 486 7.69 9.74 -16.77
C ILE D 486 7.44 8.35 -17.35
N PHE D 487 7.97 8.07 -18.53
CA PHE D 487 7.70 6.83 -19.26
C PHE D 487 9.01 6.10 -19.55
N GLY D 488 8.87 4.80 -19.86
CA GLY D 488 9.94 4.04 -20.46
C GLY D 488 9.86 4.06 -21.98
N GLU D 489 10.80 3.32 -22.59
CA GLU D 489 10.91 3.31 -24.05
C GLU D 489 9.66 2.75 -24.72
N THR D 490 9.11 1.66 -24.17
CA THR D 490 7.99 0.99 -24.82
C THR D 490 6.78 1.91 -24.94
N MET D 491 6.47 2.65 -23.88
CA MET D 491 5.35 3.58 -23.90
C MET D 491 5.50 4.61 -25.02
N VAL D 492 6.69 5.22 -25.12
CA VAL D 492 6.90 6.28 -26.10
C VAL D 492 6.88 5.72 -27.52
N GLU D 493 7.58 4.62 -27.75
CA GLU D 493 7.79 4.16 -29.13
C GLU D 493 6.56 3.46 -29.69
N LEU D 494 5.73 2.87 -28.83
CA LEU D 494 4.46 2.32 -29.33
C LEU D 494 3.38 3.39 -29.39
N GLY D 495 3.36 4.31 -28.42
CA GLY D 495 2.25 5.25 -28.31
C GLY D 495 2.36 6.46 -29.20
N ALA D 496 3.58 6.97 -29.42
CA ALA D 496 3.75 8.15 -30.25
C ALA D 496 3.23 7.96 -31.67
N PRO D 497 3.42 6.83 -32.36
CA PRO D 497 2.82 6.69 -33.69
C PRO D 497 1.30 6.76 -33.70
N PHE D 498 0.62 6.04 -32.79
CA PHE D 498 -0.83 6.15 -32.69
C PHE D 498 -1.26 7.58 -32.43
N SER D 499 -0.51 8.29 -31.59
CA SER D 499 -0.93 9.62 -31.14
C SER D 499 -0.90 10.62 -32.29
N LEU D 500 0.20 10.66 -33.04
CA LEU D 500 0.32 11.64 -34.12
C LEU D 500 -0.57 11.29 -35.30
N LYS D 501 -0.80 9.99 -35.53
CA LYS D 501 -1.76 9.57 -36.54
C LYS D 501 -3.16 10.09 -36.20
N GLY D 502 -3.57 9.91 -34.95
CA GLY D 502 -4.85 10.46 -34.51
C GLY D 502 -4.95 11.97 -34.70
N LEU D 503 -3.85 12.69 -34.42
CA LEU D 503 -3.89 14.15 -34.52
C LEU D 503 -3.79 14.63 -35.96
N MET D 504 -2.81 14.12 -36.71
CA MET D 504 -2.60 14.60 -38.08
C MET D 504 -3.54 13.94 -39.08
N GLY D 505 -4.06 12.75 -38.79
CA GLY D 505 -5.01 12.09 -39.67
C GLY D 505 -6.33 12.78 -39.81
N ASN D 506 -6.59 13.80 -38.99
CA ASN D 506 -7.87 14.49 -38.99
C ASN D 506 -8.11 15.17 -40.34
N PRO D 507 -9.35 15.19 -40.84
CA PRO D 507 -9.63 15.87 -42.11
C PRO D 507 -9.27 17.35 -42.13
N ILE D 508 -9.37 18.07 -41.00
CA ILE D 508 -9.08 19.49 -41.02
C ILE D 508 -7.61 19.76 -41.34
N CYS D 509 -6.75 18.75 -41.23
CA CYS D 509 -5.35 18.89 -41.60
C CYS D 509 -5.10 18.64 -43.07
N SER D 510 -6.09 18.14 -43.81
CA SER D 510 -5.91 17.89 -45.23
C SER D 510 -5.88 19.19 -46.01
N PRO D 511 -5.23 19.20 -47.18
CA PRO D 511 -5.04 20.47 -47.91
C PRO D 511 -6.34 21.17 -48.31
N GLN D 512 -7.42 20.44 -48.60
CA GLN D 512 -8.65 21.12 -48.95
C GLN D 512 -9.36 21.72 -47.75
N TYR D 513 -9.00 21.29 -46.54
CA TYR D 513 -9.54 21.88 -45.31
C TYR D 513 -8.64 22.94 -44.70
N TRP D 514 -7.32 22.84 -44.85
CA TRP D 514 -6.39 23.70 -44.13
C TRP D 514 -6.21 25.01 -44.90
N LYS D 515 -7.22 25.86 -44.79
CA LYS D 515 -7.20 27.18 -45.40
C LYS D 515 -8.14 28.08 -44.62
N PRO D 516 -7.95 29.40 -44.67
CA PRO D 516 -8.70 30.29 -43.77
C PRO D 516 -10.21 30.23 -43.91
N SER D 517 -10.73 29.95 -45.11
CA SER D 517 -12.18 30.00 -45.30
C SER D 517 -12.89 28.84 -44.63
N THR D 518 -12.20 27.72 -44.39
CA THR D 518 -12.79 26.62 -43.62
C THR D 518 -13.17 27.08 -42.21
N PHE D 519 -12.42 28.03 -41.67
CA PHE D 519 -12.56 28.46 -40.27
C PHE D 519 -13.14 29.86 -40.16
N GLY D 520 -13.86 30.31 -41.19
CA GLY D 520 -14.47 31.62 -41.17
C GLY D 520 -13.56 32.77 -41.53
N GLY D 521 -12.41 32.50 -42.13
CA GLY D 521 -11.48 33.54 -42.50
C GLY D 521 -10.25 33.56 -41.59
N GLU D 522 -9.41 34.57 -41.84
CA GLU D 522 -8.13 34.67 -41.13
C GLU D 522 -8.30 34.84 -39.62
N VAL D 523 -9.44 35.39 -39.18
CA VAL D 523 -9.65 35.56 -37.75
C VAL D 523 -9.84 34.21 -37.06
N GLY D 524 -10.69 33.36 -37.63
CA GLY D 524 -10.86 32.02 -37.08
C GLY D 524 -9.62 31.16 -37.27
N PHE D 525 -8.95 31.31 -38.41
CA PHE D 525 -7.71 30.56 -38.67
C PHE D 525 -6.66 30.87 -37.60
N LYS D 526 -6.61 32.12 -37.15
CA LYS D 526 -5.58 32.54 -36.19
C LYS D 526 -5.87 32.02 -34.79
N ILE D 527 -7.14 31.85 -34.43
CA ILE D 527 -7.48 31.24 -33.14
C ILE D 527 -6.83 29.86 -33.03
N ILE D 528 -6.90 29.06 -34.09
CA ILE D 528 -6.24 27.76 -34.09
C ILE D 528 -4.74 27.91 -33.92
N ASN D 529 -4.13 28.78 -34.73
CA ASN D 529 -2.67 28.84 -34.82
C ASN D 529 -2.02 29.58 -33.67
N THR D 530 -2.78 30.28 -32.83
CA THR D 530 -2.24 30.91 -31.64
C THR D 530 -2.69 30.20 -30.36
N ALA D 531 -3.33 29.04 -30.48
CA ALA D 531 -3.88 28.38 -29.32
C ALA D 531 -2.77 27.81 -28.43
N SER D 532 -3.04 27.81 -27.13
CA SER D 532 -2.14 27.23 -26.13
C SER D 532 -2.98 26.91 -24.92
N ILE D 533 -2.44 26.04 -24.05
CA ILE D 533 -3.15 25.74 -22.82
C ILE D 533 -3.29 26.99 -21.95
N GLN D 534 -2.30 27.89 -22.00
CA GLN D 534 -2.39 29.11 -21.21
C GLN D 534 -3.50 30.02 -21.74
N SER D 535 -3.58 30.20 -23.06
CA SER D 535 -4.60 31.08 -23.63
C SER D 535 -6.00 30.46 -23.50
N LEU D 536 -6.10 29.13 -23.54
CA LEU D 536 -7.37 28.47 -23.29
C LEU D 536 -7.93 28.88 -21.93
N ILE D 537 -7.09 28.83 -20.90
CA ILE D 537 -7.54 29.20 -19.55
C ILE D 537 -7.71 30.71 -19.44
N CYS D 538 -6.81 31.48 -20.05
CA CYS D 538 -6.85 32.94 -19.88
C CYS D 538 -8.13 33.54 -20.45
N ASN D 539 -8.55 33.08 -21.63
CA ASN D 539 -9.74 33.66 -22.26
C ASN D 539 -11.03 33.24 -21.59
N ASN D 540 -11.02 32.15 -20.81
CA ASN D 540 -12.26 31.56 -20.34
C ASN D 540 -12.38 31.41 -18.84
N VAL D 541 -11.32 31.65 -18.08
CA VAL D 541 -11.34 31.50 -16.62
C VAL D 541 -11.12 32.88 -16.00
N LYS D 542 -12.00 33.26 -15.08
CA LYS D 542 -11.97 34.58 -14.47
C LYS D 542 -10.61 34.86 -13.84
N GLY D 543 -10.08 36.05 -14.10
CA GLY D 543 -8.79 36.45 -13.57
C GLY D 543 -7.60 36.03 -14.39
N CYS D 544 -7.79 35.25 -15.45
CA CYS D 544 -6.70 34.73 -16.27
C CYS D 544 -5.58 34.16 -15.39
N PRO D 545 -5.86 33.12 -14.62
CA PRO D 545 -4.82 32.56 -13.75
C PRO D 545 -3.73 31.90 -14.57
N PHE D 546 -2.50 31.98 -14.07
CA PHE D 546 -1.41 31.28 -14.72
C PHE D 546 -1.65 29.78 -14.69
N THR D 547 -1.35 29.11 -15.79
CA THR D 547 -1.45 27.67 -15.82
C THR D 547 -0.36 27.10 -16.71
N SER D 548 -0.20 25.78 -16.62
CA SER D 548 0.91 25.06 -17.22
C SER D 548 0.64 23.58 -17.02
N PHE D 549 1.33 22.75 -17.80
CA PHE D 549 1.24 21.31 -17.63
C PHE D 549 2.29 20.77 -16.65
N ASN D 550 3.10 21.64 -16.05
CA ASN D 550 4.08 21.23 -15.05
C ASN D 550 4.02 22.15 -13.85
N VAL D 551 4.36 21.62 -12.68
CA VAL D 551 4.46 22.42 -11.47
C VAL D 551 5.61 23.41 -11.60
N GLN D 552 5.43 24.53 -10.95
CA GLN D 552 6.37 25.61 -10.92
C GLN D 552 7.10 25.58 -9.61
C1 NAG E . 22.47 -11.01 32.07
C2 NAG E . 23.89 -10.73 32.56
C3 NAG E . 24.78 -10.30 31.38
C4 NAG E . 24.70 -11.32 30.25
C5 NAG E . 23.25 -11.50 29.84
C6 NAG E . 23.06 -12.54 28.77
C7 NAG E . 24.22 -9.99 34.87
C8 NAG E . 24.19 -8.83 35.81
N2 NAG E . 23.90 -9.73 33.59
O3 NAG E . 26.13 -10.16 31.83
O4 NAG E . 25.44 -10.84 29.12
O5 NAG E . 22.49 -11.94 30.98
O6 NAG E . 23.58 -13.81 29.17
O7 NAG E . 24.52 -11.12 35.24
C1 NAG E . 26.50 -11.73 28.72
C2 NAG E . 26.82 -11.41 27.23
C3 NAG E . 28.12 -12.10 26.77
C4 NAG E . 29.24 -11.96 27.77
C5 NAG E . 28.75 -12.42 29.13
C6 NAG E . 29.79 -12.33 30.21
C7 NAG E . 24.75 -10.96 25.98
C8 NAG E . 23.70 -11.56 25.10
N2 NAG E . 25.71 -11.80 26.39
O3 NAG E . 28.51 -11.51 25.52
O4 NAG E . 30.35 -12.76 27.37
O5 NAG E . 27.67 -11.56 29.52
O6 NAG E . 29.21 -12.04 31.47
O7 NAG E . 24.74 -9.78 26.30
C1 NAG F . 24.61 3.76 44.73
C2 NAG F . 25.05 4.07 43.29
C3 NAG F . 26.56 4.29 43.22
C4 NAG F . 27.00 5.34 44.23
C5 NAG F . 26.50 4.94 45.62
C6 NAG F . 26.81 5.98 46.68
C7 NAG F . 23.80 3.15 41.38
C8 NAG F . 23.52 1.93 40.56
N2 NAG F . 24.66 2.99 42.39
O3 NAG F . 26.93 4.69 41.91
O4 NAG F . 28.41 5.44 44.27
O5 NAG F . 25.08 4.80 45.60
O6 NAG F . 26.30 7.26 46.32
O7 NAG F . 23.28 4.23 41.13
C1 NAG F . 28.91 6.75 43.92
C2 NAG F . 30.33 6.89 44.53
C3 NAG F . 31.06 8.13 44.01
C4 NAG F . 30.95 8.26 42.49
C5 NAG F . 29.48 8.21 42.12
C6 NAG F . 29.24 8.34 40.63
C7 NAG F . 30.42 5.88 46.78
C8 NAG F . 30.30 6.15 48.25
N2 NAG F . 30.25 6.94 45.98
O3 NAG F . 32.43 8.03 44.37
O4 NAG F . 31.51 9.49 42.06
O5 NAG F . 28.97 6.93 42.52
O6 NAG F . 28.10 7.60 40.23
O7 NAG F . 30.68 4.77 46.34
C1 NAG G . -27.28 12.43 -41.01
C2 NAG G . -27.72 11.89 -39.63
C3 NAG G . -29.23 11.65 -39.61
C4 NAG G . -29.99 12.88 -40.06
C5 NAG G . -29.48 13.32 -41.43
C6 NAG G . -30.12 14.58 -41.94
C7 NAG G . -26.11 10.59 -38.30
C8 NAG G . -25.47 9.25 -38.10
N2 NAG G . -27.00 10.67 -39.30
O3 NAG G . -29.64 11.27 -38.30
O4 NAG G . -31.38 12.60 -40.16
O5 NAG G . -28.07 13.57 -41.35
O6 NAG G . -29.97 15.63 -40.99
O7 NAG G . -25.83 11.56 -37.61
C1 NAG G . -32.20 13.43 -39.31
C2 NAG G . -33.64 13.42 -39.87
C3 NAG G . -34.63 14.07 -38.91
C4 NAG G . -34.45 13.58 -37.48
C5 NAG G . -33.00 13.74 -37.08
C6 NAG G . -32.70 13.27 -35.68
C7 NAG G . -33.54 13.50 -42.33
C8 NAG G . -33.62 14.38 -43.55
N2 NAG G . -33.68 14.11 -41.15
O3 NAG G . -35.96 13.78 -39.33
O4 NAG G . -35.28 14.31 -36.59
O5 NAG G . -32.20 12.95 -37.97
O6 NAG G . -31.38 12.77 -35.58
O7 NAG G . -33.38 12.29 -42.43
C1 NAG H . -20.01 -5.06 -36.02
C2 NAG H . -21.48 -5.03 -36.46
C3 NAG H . -22.39 -5.43 -35.29
C4 NAG H . -21.95 -6.74 -34.66
C5 NAG H . -20.48 -6.65 -34.29
C6 NAG H . -19.92 -7.93 -33.72
C7 NAG H . -22.20 -3.48 -38.22
C8 NAG H . -22.54 -2.06 -38.56
N2 NAG H . -21.83 -3.71 -36.96
O3 NAG H . -23.74 -5.52 -35.74
O4 NAG H . -22.71 -7.01 -33.49
O5 NAG H . -19.71 -6.34 -35.45
O6 NAG H . -20.15 -9.02 -34.61
O7 NAG H . -22.25 -4.38 -39.06
C1 NAG H . -23.46 -8.26 -33.55
C2 NAG H . -23.77 -8.70 -32.09
C3 NAG H . -24.76 -9.87 -32.06
C4 NAG H . -25.96 -9.62 -32.97
C5 NAG H . -25.45 -9.31 -34.36
C6 NAG H . -26.55 -9.06 -35.36
C7 NAG H . -21.86 -8.23 -30.62
C8 NAG H . -20.62 -8.79 -29.98
N2 NAG H . -22.55 -9.07 -31.40
O3 NAG H . -25.21 -10.04 -30.72
O4 NAG H . -26.79 -10.77 -33.00
O5 NAG H . -24.67 -8.10 -34.28
O6 NAG H . -26.18 -8.05 -36.29
O7 NAG H . -22.22 -7.07 -30.42
C1 NAG I . -3.48 -34.35 25.93
C2 NAG I . -2.40 -34.73 24.89
C3 NAG I . -2.96 -35.77 23.92
C4 NAG I . -3.61 -36.93 24.66
C5 NAG I . -4.61 -36.41 25.70
C6 NAG I . -5.21 -37.50 26.56
C7 NAG I . -1.53 -33.41 22.92
C8 NAG I . -1.04 -32.06 22.51
N2 NAG I . -1.90 -33.54 24.21
O3 NAG I . -1.91 -36.29 23.09
O4 NAG I . -4.31 -37.77 23.75
O5 NAG I . -3.94 -35.51 26.59
O6 NAG I . -5.93 -36.94 27.64
O7 NAG I . -1.57 -34.34 22.11
C1 NAG J . 12.54 22.03 10.91
C2 NAG J . 12.52 21.79 9.40
C3 NAG J . 12.37 23.10 8.64
C4 NAG J . 11.19 23.90 9.17
C5 NAG J . 11.34 24.09 10.67
C6 NAG J . 10.17 24.82 11.30
C7 NAG J . 13.73 19.94 8.30
C8 NAG J . 15.08 19.39 7.96
N2 NAG J . 13.74 21.10 8.98
O3 NAG J . 12.19 22.82 7.26
O4 NAG J . 11.12 25.17 8.53
O5 NAG J . 11.40 22.80 11.29
O6 NAG J . 10.49 25.24 12.63
O7 NAG J . 12.69 19.37 8.01
CHA HEM K . 9.72 1.70 18.90
CHB HEM K . 9.41 5.55 15.93
CHC HEM K . 5.37 6.91 18.26
CHD HEM K . 5.52 2.87 20.94
C1A HEM K . 10.00 2.64 17.93
C2A HEM K . 11.18 2.65 17.09
C3A HEM K . 11.11 3.71 16.28
C4A HEM K . 9.87 4.41 16.55
CMA HEM K . 12.16 4.10 15.22
CAA HEM K . 12.31 1.62 17.18
CBA HEM K . 13.13 2.04 18.40
CGA HEM K . 14.13 0.98 18.78
O1A HEM K . 13.90 -0.21 18.47
O2A HEM K . 15.15 1.34 19.42
C1B HEM K . 8.34 6.32 16.36
C2B HEM K . 8.03 7.68 15.98
C3B HEM K . 6.91 8.05 16.64
C4B HEM K . 6.48 6.93 17.44
CMB HEM K . 8.89 8.51 14.99
CAB HEM K . 6.13 9.39 16.61
CBB HEM K . 6.33 10.39 15.74
C1C HEM K . 5.03 5.93 19.17
C2C HEM K . 3.86 5.88 20.02
C3C HEM K . 3.91 4.74 20.75
C4C HEM K . 5.13 4.07 20.39
CMC HEM K . 2.75 6.95 20.03
CAC HEM K . 2.96 4.16 21.82
CBC HEM K . 1.85 4.75 22.26
C1D HEM K . 6.74 2.28 20.73
C2D HEM K . 7.37 1.31 21.59
C3D HEM K . 8.54 0.98 21.02
C4D HEM K . 8.68 1.74 19.79
CMD HEM K . 6.80 0.75 22.91
CAD HEM K . 9.56 -0.03 21.59
CBD HEM K . 10.63 0.76 22.33
CGD HEM K . 11.65 -0.17 22.90
O1D HEM K . 12.72 0.32 23.35
O2D HEM K . 11.41 -1.41 22.91
NA HEM K . 9.22 3.73 17.57
NB HEM K . 7.37 5.89 17.26
NC HEM K . 5.79 4.80 19.43
ND HEM K . 7.55 2.53 19.64
FE HEM K . 7.55 4.32 18.55
CAA L7M L . -8.00 -1.18 31.21
CAB L7M L . -9.07 -1.51 32.27
CAC L7M L . -9.13 -3.02 32.55
CAE L7M L . -6.70 -1.06 31.45
CAG L7M L . -7.02 -0.72 29.36
CAH L7M L . -8.22 -0.97 29.92
CAI L7M L . -4.73 -0.57 30.19
CAJ L7M L . -6.95 -0.47 28.05
CAK L7M L . -8.07 -0.48 27.23
CAL L7M L . -9.30 -0.74 27.81
CAM L7M L . -9.34 -0.98 29.18
CAP L7M L . -3.99 -1.10 29.12
CAQ L7M L . -4.39 -2.21 28.39
CAR L7M L . -3.60 -2.68 27.34
CAS L7M L . -2.40 -2.07 27.03
CAT L7M L . -1.99 -0.96 27.76
CAU L7M L . -2.79 -0.48 28.80
CAW L7M L . -10.14 -5.17 31.83
CAX L7M L . -10.91 -5.51 33.11
CAY L7M L . -12.41 -5.42 32.84
CAZ L7M L . -13.14 -6.40 33.77
CBC L7M L . -14.77 -7.83 36.11
CBF L7M L . -15.55 -6.76 36.55
CBG L7M L . -16.94 -6.86 36.58
CBH L7M L . -17.52 -8.06 36.16
CBI L7M L . -16.75 -9.15 35.72
CBJ L7M L . -15.37 -9.02 35.70
CBK L7M L . -14.92 -5.58 36.95
CBL L7M L . -15.65 -4.48 37.40
CBM L7M L . -17.04 -4.58 37.43
CBN L7M L . -17.68 -5.75 37.02
CBP L7M L . -6.08 -1.23 32.85
CBR L7M L . -11.54 -1.40 27.63
CBS L7M L . -19.84 -5.81 35.85
CBT L7M L . -19.65 -5.67 38.41
NAD L7M L . -9.94 -3.72 31.73
NAF L7M L . -6.07 -0.78 30.31
NBA L7M L . -12.54 -6.35 35.12
NBO L7M L . -19.02 -5.79 37.08
OAN L7M L . -8.49 -3.51 33.47
OAO L7M L . -4.11 0.16 30.98
OBD L7M L . -12.49 -7.42 37.48
OBE L7M L . -12.42 -8.95 35.47
OBQ L7M L . -10.42 -0.75 27.03
SBB L7M L . -13.00 -7.67 36.06
CLAV L7M L . -1.43 -2.67 25.74
C1 BOG M . -21.11 -8.80 23.02
O1 BOG M . -21.99 -9.33 23.98
C2 BOG M . -20.57 -9.85 22.09
O2 BOG M . -19.91 -10.81 22.79
C3 BOG M . -19.64 -9.22 21.06
O3 BOG M . -19.29 -10.13 20.10
C4 BOG M . -20.30 -8.03 20.43
O4 BOG M . -19.40 -7.32 19.61
C5 BOG M . -20.83 -7.14 21.51
O5 BOG M . -21.76 -7.80 22.31
C6 BOG M . -21.52 -5.95 20.93
O6 BOG M . -21.57 -4.96 21.87
C1' BOG M . -22.82 -8.47 24.71
C2' BOG M . -23.42 -9.21 25.92
C3' BOG M . -24.36 -8.29 26.69
C4' BOG M . -24.78 -8.95 28.02
C5' BOG M . -25.86 -8.10 28.75
C6' BOG M . -25.77 -8.34 30.26
C7' BOG M . -27.01 -7.77 30.96
C8' BOG M . -26.86 -7.89 32.47
C1 BOG N . -3.17 -5.83 -1.14
O1 BOG N . -1.86 -5.81 -0.58
C2 BOG N . -4.09 -6.71 -0.30
O2 BOG N . -3.64 -8.05 -0.30
C3 BOG N . -5.49 -6.63 -0.87
O3 BOG N . -6.39 -7.48 -0.15
C4 BOG N . -5.95 -5.19 -0.79
O4 BOG N . -7.26 -5.05 -1.29
C5 BOG N . -4.99 -4.32 -1.58
O5 BOG N . -3.67 -4.51 -1.11
C6 BOG N . -5.40 -2.88 -1.45
O6 BOG N . -5.61 -2.62 -0.09
C1' BOG N . -0.72 -5.51 -1.36
C2' BOG N . -0.57 -4.08 -1.90
C3' BOG N . 0.38 -3.11 -1.16
C4' BOG N . -0.32 -2.12 -0.25
C5' BOG N . 0.56 -1.03 0.34
C6' BOG N . -0.29 -0.04 1.12
C7' BOG N . 0.49 1.09 1.73
C8' BOG N . 1.87 0.66 2.11
C1 NAG O . 6.18 14.46 73.06
C2 NAG O . 7.33 15.48 72.97
C3 NAG O . 7.34 16.35 74.23
C4 NAG O . 5.95 16.92 74.52
C5 NAG O . 4.90 15.81 74.49
C6 NAG O . 3.48 16.32 74.63
C7 NAG O . 9.83 15.15 73.23
C8 NAG O . 10.95 14.25 72.82
N2 NAG O . 8.61 14.80 72.77
O3 NAG O . 8.26 17.43 74.08
O4 NAG O . 5.93 17.53 75.80
O5 NAG O . 4.95 15.14 73.22
O6 NAG O . 2.54 15.30 74.33
O7 NAG O . 10.02 16.15 73.92
C1 NAG P . 49.59 -25.07 58.35
C2 NAG P . 50.60 -24.54 59.37
C3 NAG P . 51.66 -25.59 59.71
C4 NAG P . 51.00 -26.91 60.12
C5 NAG P . 50.04 -27.35 59.02
C6 NAG P . 49.29 -28.61 59.35
C7 NAG P . 51.17 -22.15 59.50
C8 NAG P . 51.89 -21.02 58.83
N2 NAG P . 51.24 -23.33 58.87
O3 NAG P . 52.47 -25.12 60.77
O4 NAG P . 51.98 -27.91 60.32
O5 NAG P . 49.06 -26.32 58.81
O6 NAG P . 48.63 -29.14 58.20
O7 NAG P . 50.56 -22.00 60.55
CHA HEM Q . 33.48 -10.09 59.76
CHB HEM Q . 37.18 -12.94 61.16
CHC HEM Q . 34.01 -16.41 62.35
CHD HEM Q . 30.36 -13.34 61.51
C1A HEM Q . 34.75 -10.57 60.00
C2A HEM Q . 35.99 -9.91 59.68
C3A HEM Q . 37.01 -10.68 60.04
C4A HEM Q . 36.46 -11.88 60.64
CMA HEM Q . 38.51 -10.36 59.87
CAA HEM Q . 36.07 -8.53 58.98
CBA HEM Q . 35.86 -8.81 57.49
CGA HEM Q . 35.54 -7.55 56.75
O1A HEM Q . 35.08 -6.57 57.39
O2A HEM Q . 35.73 -7.54 55.50
C1B HEM Q . 36.65 -14.18 61.50
C2B HEM Q . 37.38 -15.41 61.65
C3B HEM Q . 36.50 -16.38 61.96
C4B HEM Q . 35.18 -15.77 62.04
CMB HEM Q . 38.91 -15.55 61.44
CAB HEM Q . 36.72 -17.89 62.25
CBB HEM Q . 37.90 -18.42 62.56
C1C HEM Q . 32.74 -15.87 62.28
C2C HEM Q . 31.50 -16.50 62.70
C3C HEM Q . 30.51 -15.64 62.46
C4C HEM Q . 31.08 -14.44 61.89
CMC HEM Q . 31.44 -17.93 63.30
CAC HEM Q . 28.97 -15.77 62.70
CBC HEM Q . 28.36 -16.90 63.07
C1D HEM Q . 30.87 -12.24 60.85
C2D HEM Q . 30.11 -11.27 60.08
C3D HEM Q . 30.97 -10.37 59.59
C4D HEM Q . 32.30 -10.75 60.04
CMD HEM Q . 28.58 -11.28 59.86
CAD HEM Q . 30.61 -9.16 58.71
CBD HEM Q . 31.00 -9.52 57.29
CGD HEM Q . 30.74 -8.39 56.32
O1D HEM Q . 31.28 -8.46 55.19
O2D HEM Q . 29.99 -7.44 56.67
NA HEM Q . 35.08 -11.78 60.60
NB HEM Q . 35.32 -14.42 61.74
NC HEM Q . 32.44 -14.61 61.80
ND HEM Q . 32.20 -11.90 60.80
FE HEM Q . 33.77 -13.22 61.19
CAA L7M R . 14.09 -17.73 66.03
CAB L7M R . 12.63 -18.13 66.26
CAC L7M R . 11.74 -16.90 66.47
CAE L7M R . 14.62 -17.38 64.87
CAG L7M R . 16.17 -17.30 66.35
CAH L7M R . 15.04 -17.69 66.97
CAI L7M R . 16.77 -16.70 64.05
CAJ L7M R . 17.28 -17.18 67.07
CAK L7M R . 17.32 -17.44 68.44
CAL L7M R . 16.15 -17.84 69.06
CAM L7M R . 15.01 -17.96 68.27
CAP L7M R . 17.70 -15.67 64.25
CAQ L7M R . 17.54 -14.69 65.21
CAR L7M R . 18.50 -13.70 65.39
CAS L7M R . 19.61 -13.66 64.57
CAT L7M R . 19.78 -14.63 63.58
CAU L7M R . 18.82 -15.63 63.43
CAW L7M R . 10.84 -15.31 68.13
CAX L7M R . 9.34 -15.58 67.96
CAY L7M R . 8.76 -16.11 69.27
CAZ L7M R . 7.30 -15.65 69.38
CBC L7M R . 4.06 -15.83 69.46
CBF L7M R . 3.85 -17.21 69.57
CBG L7M R . 3.10 -17.72 70.64
CBH L7M R . 2.57 -16.83 71.57
CBI L7M R . 2.77 -15.46 71.46
CBJ L7M R . 3.52 -14.96 70.40
CBK L7M R . 4.40 -18.06 68.63
CBL L7M R . 4.22 -19.44 68.70
CBM L7M R . 3.46 -19.96 69.75
CBN L7M R . 2.92 -19.12 70.72
CBP L7M R . 13.81 -17.31 63.57
CBR L7M R . 14.84 -18.16 70.95
CBS L7M R . 2.71 -19.69 73.10
CBT L7M R . 0.96 -20.37 71.36
NAD L7M R . 11.63 -16.48 67.74
NAF L7M R . 15.91 -17.09 65.03
NBA L7M R . 6.58 -15.86 68.11
NBO L7M R . 2.20 -19.66 71.71
OAN L7M R . 11.17 -16.37 65.51
OAO L7M R . 16.80 -17.26 62.95
OBD L7M R . 4.37 -15.55 66.79
OBE L7M R . 5.15 -13.66 68.29
OBQ L7M R . 16.15 -18.10 70.40
SBB L7M R . 5.02 -15.19 68.12
CLAV L7M R . 20.79 -12.43 64.77
C1 BOG S . 10.26 -14.89 82.72
O1 BOG S . 8.89 -15.00 82.99
C2 BOG S . 10.80 -13.54 83.11
O2 BOG S . 10.13 -12.56 82.42
C3 BOG S . 12.29 -13.46 82.82
O3 BOG S . 12.83 -12.28 83.27
C4 BOG S . 12.96 -14.63 83.48
O4 BOG S . 14.33 -14.66 83.16
C5 BOG S . 12.27 -15.88 83.02
O5 BOG S . 10.93 -15.89 83.38
C6 BOG S . 12.92 -17.07 83.64
O6 BOG S . 12.31 -18.21 83.15
C1' BOG S . 8.30 -16.27 83.02
C2' BOG S . 6.79 -16.16 82.74
C3' BOG S . 6.15 -17.52 82.75
C4' BOG S . 4.69 -17.43 82.26
C5' BOG S . 4.00 -18.82 82.33
C6' BOG S . 2.58 -18.72 81.76
C7' BOG S . 1.88 -20.08 81.88
C8' BOG S . 0.67 -20.11 80.96
C1 NAG T . -14.83 39.54 -60.10
C2 NAG T . -16.25 40.01 -59.69
C3 NAG T . -16.60 41.30 -60.43
C4 NAG T . -15.48 42.33 -60.31
C5 NAG T . -14.14 41.71 -60.68
C6 NAG T . -12.97 42.64 -60.49
C7 NAG T . -18.52 39.09 -60.30
C8 NAG T . -19.29 37.80 -60.44
N2 NAG T . -17.23 38.95 -59.92
O3 NAG T . -17.80 41.86 -59.91
O4 NAG T . -15.74 43.43 -61.17
O5 NAG T . -13.91 40.57 -59.85
O6 NAG T . -11.75 41.94 -60.64
O7 NAG T . -19.05 40.17 -60.50
C1 NAG U . -43.17 -13.30 -67.87
C2 NAG U . -44.37 -12.72 -68.62
C3 NAG U . -45.08 -13.80 -69.44
C4 NAG U . -44.09 -14.55 -70.32
C5 NAG U . -42.97 -15.10 -69.47
C6 NAG U . -41.90 -15.81 -70.26
C7 NAG U . -45.69 -10.82 -67.78
C8 NAG U . -46.64 -10.34 -66.74
N2 NAG U . -45.30 -12.09 -67.69
O3 NAG U . -46.08 -13.19 -70.24
O4 NAG U . -44.74 -15.61 -71.00
O5 NAG U . -42.32 -14.01 -68.78
O6 NAG U . -41.06 -16.59 -69.42
O7 NAG U . -45.28 -10.08 -68.68
CHA HEM V . -32.49 4.71 -61.21
CHB HEM V . -35.25 1.79 -63.98
CHC HEM V . -31.25 0.39 -66.35
CHD HEM V . -28.62 3.63 -63.88
C1A HEM V . -33.57 4.01 -61.73
C2A HEM V . -34.92 4.09 -61.24
C3A HEM V . -35.69 3.29 -61.98
C4A HEM V . -34.86 2.68 -62.99
CMA HEM V . -37.20 3.06 -61.79
CAA HEM V . -35.36 4.93 -60.03
CBA HEM V . -34.89 4.17 -58.80
CGA HEM V . -34.98 5.01 -57.56
O1A HEM V . -34.91 6.26 -57.67
O2A HEM V . -35.11 4.41 -56.46
C1B HEM V . -34.39 1.08 -64.80
C2B HEM V . -34.72 -0.10 -65.58
C3B HEM V . -33.60 -0.48 -66.23
C4B HEM V . -32.54 0.44 -65.88
CMB HEM V . -36.12 -0.76 -65.61
CAB HEM V . -33.37 -1.67 -67.20
CBB HEM V . -34.31 -2.47 -67.70
C1C HEM V . -30.19 1.17 -65.92
C2C HEM V . -28.85 1.18 -66.46
C3C HEM V . -28.13 2.09 -65.77
C4C HEM V . -29.00 2.66 -64.79
CMC HEM V . -28.37 0.28 -67.63
CAC HEM V . -26.66 2.53 -65.87
CBC HEM V . -25.75 1.98 -66.70
C1D HEM V . -29.40 4.11 -62.87
C2D HEM V . -28.94 4.82 -61.70
C3D HEM V . -30.00 5.12 -60.96
C4D HEM V . -31.18 4.61 -61.64
CMD HEM V . -27.47 5.17 -61.37
CAD HEM V . -29.99 5.87 -59.62
CBD HEM V . -30.07 4.82 -58.52
CGD HEM V . -30.06 5.45 -57.15
O1D HEM V . -30.41 4.75 -56.18
O2D HEM V . -29.71 6.66 -57.04
NA HEM V . -33.57 3.15 -62.81
NB HEM V . -33.06 1.38 -65.01
NC HEM V . -30.25 2.09 -64.89
ND HEM V . -30.78 4.00 -62.81
FE HEM V . -31.90 2.58 -63.84
CAA L7M W . -12.12 6.81 -68.64
CAB L7M W . -10.62 7.02 -68.87
CAC L7M W . -10.18 8.42 -68.43
CAE L7M W . -12.68 6.45 -67.50
CAG L7M W . -14.24 6.69 -68.94
CAH L7M W . -13.08 6.97 -69.55
CAI L7M W . -14.90 6.01 -66.70
CAJ L7M W . -15.39 6.77 -69.63
CAK L7M W . -15.42 7.14 -70.96
CAL L7M W . -14.23 7.42 -71.59
CAM L7M W . -13.06 7.32 -70.84
CAP L7M W . -16.10 6.70 -66.50
CAQ L7M W . -16.29 8.02 -66.89
CAR L7M W . -17.51 8.65 -66.69
CAS L7M W . -18.54 7.97 -66.06
CAT L7M W . -18.36 6.66 -65.65
CAU L7M W . -17.15 6.03 -65.86
CAW L7M W . -9.95 10.79 -69.17
CAX L7M W . -8.44 10.93 -69.03
CAY L7M W . -7.79 11.08 -70.40
CAZ L7M W . -6.51 11.91 -70.26
CBC L7M W . -3.45 12.92 -70.07
CBF L7M W . -2.79 11.88 -70.72
CBG L7M W . -1.96 12.13 -71.82
CBH L7M W . -1.80 13.46 -72.22
CBI L7M W . -2.46 14.52 -71.57
CBJ L7M W . -3.29 14.24 -70.49
CBK L7M W . -2.98 10.57 -70.27
CBL L7M W . -2.35 9.48 -70.88
CBM L7M W . -1.52 9.72 -71.96
CBN L7M W . -1.33 11.03 -72.44
CBP L7M W . -11.90 6.16 -66.20
CBR L7M W . -13.00 8.34 -73.38
CBS L7M W . -1.01 11.67 -74.79
CBT L7M W . 0.88 10.72 -73.34
NAD L7M W . -10.31 9.37 -69.38
NAF L7M W . -14.00 6.37 -67.65
NBA L7M W . -5.71 11.45 -69.13
NBO L7M W . -0.50 11.19 -73.49
OAN L7M W . -9.71 8.61 -67.32
OAO L7M W . -14.72 5.01 -66.00
OBD L7M W . -3.69 11.92 -67.57
OBE L7M W . -5.18 13.86 -68.22
OBQ L7M W . -14.23 7.78 -72.92
SBB L7M W . -4.52 12.56 -68.70
CLAV L7M W . -20.04 8.77 -65.78
C1 BOG X . -10.47 17.68 -81.92
O1 BOG X . -9.13 18.08 -82.00
C2 BOG X . -11.40 18.86 -81.75
O2 BOG X . -11.04 19.55 -80.62
C3 BOG X . -12.84 18.37 -81.66
O3 BOG X . -13.70 19.45 -81.66
C4 BOG X . -13.15 17.46 -82.79
O4 BOG X . -14.40 16.84 -82.61
C5 BOG X . -12.08 16.42 -82.90
O5 BOG X . -10.80 16.98 -83.06
C6 BOG X . -12.34 15.54 -84.09
O6 BOG X . -11.52 14.44 -84.02
C1' BOG X . -8.17 17.18 -82.48
C2' BOG X . -6.76 17.69 -82.15
C3' BOG X . -5.73 16.70 -82.69
C4' BOG X . -4.31 17.16 -82.31
C5' BOG X . -3.26 16.17 -82.90
C6' BOG X . -1.98 16.20 -82.05
C7' BOG X . -0.90 15.35 -82.72
C8' BOG X . 0.38 15.43 -81.89
C1 BOG Y . -40.62 18.27 -80.73
O1 BOG Y . -40.88 17.93 -79.40
C2 BOG Y . -39.39 19.16 -80.80
O2 BOG Y . -39.66 20.34 -80.16
C3 BOG Y . -38.97 19.40 -82.23
O3 BOG Y . -37.74 20.03 -82.25
C4 BOG Y . -38.88 18.12 -82.96
O4 BOG Y . -38.67 18.35 -84.34
C5 BOG Y . -40.15 17.37 -82.78
O5 BOG Y . -40.43 17.10 -81.44
C6 BOG Y . -39.96 16.07 -83.45
O6 BOG Y . -38.97 15.39 -82.80
C1' BOG Y . -41.99 18.46 -78.74
C2' BOG Y . -42.68 17.34 -77.95
C3' BOG Y . -42.86 16.15 -78.87
C4' BOG Y . -43.88 15.18 -78.25
C5' BOG Y . -43.14 14.04 -77.51
C6' BOG Y . -42.15 13.37 -78.47
C7' BOG Y . -41.80 11.98 -77.94
C8' BOG Y . -40.76 11.33 -78.85
C1 NAG Z . 12.15 -19.86 -38.59
C2 NAG Z . 11.30 -20.95 -37.90
C3 NAG Z . 12.22 -22.08 -37.41
C4 NAG Z . 13.17 -22.53 -38.53
C5 NAG Z . 13.86 -21.35 -39.19
C6 NAG Z . 14.69 -21.73 -40.39
C7 NAG Z . 10.14 -20.96 -35.65
C8 NAG Z . 9.32 -20.11 -34.74
N2 NAG Z . 10.51 -20.38 -36.81
O3 NAG Z . 11.45 -23.19 -36.97
O4 NAG Z . 14.15 -23.41 -37.98
O5 NAG Z . 12.87 -20.43 -39.65
O6 NAG Z . 15.15 -20.58 -41.08
O7 NAG Z . 10.47 -22.11 -35.34
C1 NAG AA . -19.04 16.65 -1.79
C2 NAG AA . -18.87 15.78 -0.54
C3 NAG AA . -19.06 16.61 0.75
C4 NAG AA . -18.20 17.87 0.72
C5 NAG AA . -18.51 18.65 -0.55
C6 NAG AA . -17.67 19.90 -0.70
C7 NAG AA . -19.41 13.39 -0.47
C8 NAG AA . -20.51 12.37 -0.51
N2 NAG AA . -19.80 14.66 -0.55
O3 NAG AA . -18.70 15.81 1.86
O4 NAG AA . -18.47 18.67 1.85
O5 NAG AA . -18.22 17.83 -1.69
O6 NAG AA . -18.20 20.75 -1.70
O7 NAG AA . -18.23 13.06 -0.37
CHA HEM BA . -10.79 3.73 -17.62
CHB HEM BA . -11.39 5.75 -13.22
CHC HEM BA . -8.15 9.16 -14.39
CHD HEM BA . -7.29 6.91 -18.59
C1A HEM BA . -11.26 4.01 -16.34
C2A HEM BA . -12.33 3.30 -15.67
C3A HEM BA . -12.51 3.85 -14.47
C4A HEM BA . -11.55 4.93 -14.32
CMA HEM BA . -13.55 3.40 -13.42
CAA HEM BA . -13.12 2.14 -16.28
CBA HEM BA . -14.13 2.77 -17.22
CGA HEM BA . -14.78 1.71 -18.08
O1A HEM BA . -14.19 0.62 -18.25
O2A HEM BA . -15.91 1.98 -18.60
C1B HEM BA . -10.66 6.92 -13.19
C2B HEM BA . -10.78 7.99 -12.23
C3B HEM BA . -9.88 8.94 -12.56
C4B HEM BA . -9.16 8.48 -13.74
CMB HEM BA . -11.78 7.99 -11.07
CAB HEM BA . -9.55 10.30 -11.90
CBB HEM BA . -9.97 10.66 -10.68
C1C HEM BA . -7.61 8.84 -15.61
C2C HEM BA . -6.52 9.52 -16.27
C3C HEM BA . -6.29 8.89 -17.43
C4C HEM BA . -7.22 7.79 -17.53
CMC HEM BA . -5.81 10.76 -15.68
CAC HEM BA . -5.26 9.18 -18.55
CBC HEM BA . -4.39 10.19 -18.53
C1D HEM BA . -8.24 5.93 -18.75
C2D HEM BA . -8.59 5.26 -19.99
C3D HEM BA . -9.56 4.39 -19.72
C4D HEM BA . -9.85 4.46 -18.30
CMD HEM BA . -7.95 5.52 -21.37
CAD HEM BA . -10.23 3.45 -20.74
CBD HEM BA . -11.54 4.13 -21.13
CGD HEM BA . -12.32 3.31 -22.13
O1D HEM BA . -13.54 3.59 -22.29
O2D HEM BA . -11.74 2.39 -22.77
NA HEM BA . -10.80 4.99 -15.49
NB HEM BA . -9.66 7.24 -14.10
NC HEM BA . -8.01 7.78 -16.41
ND HEM BA . -9.03 5.42 -17.75
FE HEM BA . -9.48 6.44 -15.97
CAA L7M CA . 6.16 11.93 -28.51
CAB L7M CA . 7.21 12.44 -29.50
CAC L7M CA . 7.75 11.31 -30.38
CAE L7M CA . 4.87 11.80 -28.76
CAG L7M CA . 5.20 11.21 -26.74
CAH L7M CA . 6.38 11.57 -27.24
CAI L7M CA . 2.91 11.08 -27.58
CAJ L7M CA . 5.15 10.79 -25.46
CAK L7M CA . 6.28 10.72 -24.65
CAL L7M CA . 7.50 11.10 -25.19
CAM L7M CA . 7.51 11.53 -26.52
CAP L7M CA . 2.41 9.94 -26.93
CAQ L7M CA . 3.14 8.77 -26.76
CAR L7M CA . 2.58 7.69 -26.10
CAS L7M CA . 1.28 7.74 -25.62
CAT L7M CA . 0.55 8.91 -25.80
CAU L7M CA . 1.11 9.99 -26.44
CAW L7M CA . 9.45 9.52 -30.56
CAX L7M CA . 10.19 10.05 -31.78
CAY L7M CA . 11.65 10.34 -31.43
CAZ L7M CA . 12.51 10.07 -32.66
CBC L7M CA . 14.34 10.47 -35.26
CBF L7M CA . 14.73 11.80 -35.08
CBG L7M CA . 16.09 12.14 -35.04
CBH L7M CA . 17.04 11.13 -35.21
CBI L7M CA . 16.66 9.80 -35.40
CBJ L7M CA . 15.31 9.47 -35.42
CBK L7M CA . 13.76 12.78 -34.93
CBL L7M CA . 14.08 14.12 -34.73
CBM L7M CA . 15.43 14.47 -34.70
CBN L7M CA . 16.42 13.50 -34.85
CBP L7M CA . 4.22 12.12 -30.12
CBR L7M CA . 9.83 11.20 -25.20
CBS L7M CA . 18.57 13.56 -33.66
CBT L7M CA . 18.20 14.76 -35.91
NAD L7M CA . 8.79 10.63 -29.87
NAF L7M CA . 4.24 11.32 -27.68
NBA L7M CA . 11.84 10.54 -33.88
NBO L7M CA . 17.71 13.89 -34.82
OAN L7M CA . 7.26 11.07 -31.48
OAO L7M CA . 2.08 11.89 -27.99
OBD L7M CA . 11.93 10.78 -36.45
OBE L7M CA . 12.45 8.53 -35.44
OBQ L7M CA . 8.62 11.06 -24.42
SBB L7M CA . 12.61 10.06 -35.29
CLAV L7M CA . 0.60 6.38 -24.82
C1 BOG DA . 21.57 5.75 -23.52
O1 BOG DA . 22.55 5.96 -24.50
C2 BOG DA . 21.42 4.30 -23.15
O2 BOG DA . 21.03 3.59 -24.24
C3 BOG DA . 20.39 4.15 -22.03
O3 BOG DA . 20.37 2.85 -21.56
C4 BOG DA . 20.70 5.10 -20.92
O4 BOG DA . 19.67 5.10 -19.95
C5 BOG DA . 20.86 6.46 -21.50
O5 BOG DA . 21.92 6.50 -22.42
C6 BOG DA . 21.16 7.47 -20.44
O6 BOG DA . 21.15 8.73 -21.00
C1' BOG DA . 23.09 7.24 -24.67
C2' BOG DA . 23.80 7.34 -26.02
C3' BOG DA . 24.22 8.77 -26.27
C4' BOG DA . 24.73 8.91 -27.72
C5' BOG DA . 25.34 10.32 -27.96
C6' BOG DA . 25.43 10.58 -29.47
C7' BOG DA . 26.19 11.87 -29.73
C8' BOG DA . 26.12 12.21 -31.22
#